data_6T3I
#
_entry.id   6T3I
#
_entity_poly.entity_id   1
_entity_poly.type   'polypeptide(L)'
_entity_poly.pdbx_seq_one_letter_code
;AASPSVEEKLQKLHSEIKFALKVDSPDVKRCLNALEELGTLQVTSQILQKNTDVVATLKKIRRYKANKDVMEKAAEVYTR
LKSRGS
;
_entity_poly.pdbx_strand_id   A
#
# COMPACT_ATOMS: atom_id res chain seq x y z
N ALA A 1 2.97 -21.58 12.63
CA ALA A 1 4.25 -21.01 13.12
C ALA A 1 4.11 -19.52 13.30
N ALA A 2 5.11 -18.87 13.90
CA ALA A 2 5.08 -17.43 14.05
C ALA A 2 5.29 -16.79 12.67
N SER A 3 4.83 -15.57 12.50
CA SER A 3 5.00 -14.83 11.26
C SER A 3 4.94 -13.37 11.65
N PRO A 4 5.55 -12.47 10.86
CA PRO A 4 5.46 -11.06 11.28
C PRO A 4 4.04 -10.48 11.17
N SER A 5 3.76 -9.54 12.06
CA SER A 5 2.46 -8.88 12.12
C SER A 5 2.22 -7.98 10.91
N VAL A 6 0.99 -7.53 10.73
CA VAL A 6 0.64 -6.66 9.62
C VAL A 6 1.48 -5.40 9.61
N GLU A 7 1.60 -4.75 10.75
CA GLU A 7 2.38 -3.53 10.87
C GLU A 7 3.87 -3.76 10.58
N GLU A 8 4.38 -4.92 10.94
CA GLU A 8 5.79 -5.25 10.65
C GLU A 8 5.96 -5.38 9.14
N LYS A 9 5.01 -6.05 8.52
CA LYS A 9 5.06 -6.27 7.06
C LYS A 9 4.86 -4.98 6.34
N LEU A 10 4.02 -4.13 6.91
CA LEU A 10 3.68 -2.85 6.34
C LEU A 10 4.95 -2.03 6.15
N GLN A 11 5.89 -2.12 7.06
CA GLN A 11 7.13 -1.36 6.95
C GLN A 11 7.79 -1.63 5.60
N LYS A 12 7.78 -2.87 5.16
CA LYS A 12 8.35 -3.21 3.85
C LYS A 12 7.44 -2.69 2.75
N LEU A 13 6.17 -3.07 2.77
CA LEU A 13 5.24 -2.67 1.72
C LEU A 13 5.17 -1.19 1.48
N HIS A 14 5.07 -0.39 2.53
CA HIS A 14 5.01 1.05 2.38
C HIS A 14 6.28 1.54 1.71
N SER A 15 7.42 0.98 2.10
CA SER A 15 8.70 1.37 1.51
C SER A 15 8.74 1.00 0.03
N GLU A 16 8.23 -0.16 -0.34
CA GLU A 16 8.21 -0.56 -1.75
C GLU A 16 7.34 0.38 -2.55
N ILE A 17 6.16 0.74 -2.02
CA ILE A 17 5.30 1.69 -2.71
C ILE A 17 6.12 2.93 -3.00
N LYS A 18 6.85 3.41 -2.01
CA LYS A 18 7.63 4.65 -2.17
C LYS A 18 8.79 4.50 -3.15
N PHE A 19 9.48 3.37 -3.13
CA PHE A 19 10.58 3.11 -4.07
C PHE A 19 10.05 2.96 -5.49
N ALA A 20 8.82 2.51 -5.63
CA ALA A 20 8.18 2.34 -6.92
C ALA A 20 7.86 3.69 -7.57
N LEU A 21 7.84 4.74 -6.77
CA LEU A 21 7.49 6.08 -7.23
C LEU A 21 8.71 6.97 -7.32
N LYS A 22 9.89 6.38 -7.23
CA LYS A 22 11.14 7.12 -7.37
C LYS A 22 11.06 7.85 -8.70
N VAL A 23 11.30 9.15 -8.67
CA VAL A 23 11.25 9.97 -9.89
C VAL A 23 12.31 9.49 -10.86
N ASP A 24 13.47 9.21 -10.31
CA ASP A 24 14.64 8.76 -11.07
C ASP A 24 14.47 7.36 -11.66
N SER A 25 13.70 6.52 -10.98
CA SER A 25 13.54 5.13 -11.40
C SER A 25 12.23 4.52 -10.91
N PRO A 26 11.10 4.87 -11.55
CA PRO A 26 9.84 4.27 -11.10
C PRO A 26 9.70 2.81 -11.53
N ASP A 27 9.06 2.01 -10.69
CA ASP A 27 8.85 0.59 -10.95
C ASP A 27 7.43 0.19 -10.58
N VAL A 28 6.56 0.09 -11.57
CA VAL A 28 5.17 -0.23 -11.31
C VAL A 28 4.99 -1.56 -10.64
N LYS A 29 5.67 -2.59 -11.12
CA LYS A 29 5.55 -3.93 -10.56
C LYS A 29 5.91 -3.93 -9.09
N ARG A 30 6.82 -3.04 -8.71
CA ARG A 30 7.27 -2.99 -7.31
C ARG A 30 6.12 -2.48 -6.46
N CYS A 31 5.43 -1.48 -6.97
CA CYS A 31 4.26 -0.95 -6.29
C CYS A 31 3.17 -2.02 -6.26
N LEU A 32 2.88 -2.65 -7.39
CA LEU A 32 1.80 -3.65 -7.48
C LEU A 32 1.99 -4.78 -6.48
N ASN A 33 3.22 -5.28 -6.38
CA ASN A 33 3.54 -6.36 -5.45
C ASN A 33 3.29 -5.93 -4.00
N ALA A 34 3.66 -4.71 -3.69
CA ALA A 34 3.48 -4.20 -2.34
C ALA A 34 2.00 -4.02 -2.05
N LEU A 35 1.31 -3.41 -3.00
CA LEU A 35 -0.10 -3.21 -2.91
C LEU A 35 -0.83 -4.53 -2.73
N GLU A 36 -0.51 -5.56 -3.49
CA GLU A 36 -1.25 -6.81 -3.38
C GLU A 36 -1.09 -7.49 -2.02
N GLU A 37 0.07 -7.41 -1.39
CA GLU A 37 0.20 -7.99 -0.05
C GLU A 37 -0.63 -7.15 0.90
N LEU A 38 -0.49 -5.83 0.80
CA LEU A 38 -1.21 -4.90 1.64
C LEU A 38 -2.74 -5.12 1.51
N GLY A 39 -3.16 -5.48 0.32
CA GLY A 39 -4.57 -5.74 0.05
C GLY A 39 -5.14 -6.93 0.80
N THR A 40 -4.31 -7.83 1.28
CA THR A 40 -4.77 -9.00 2.00
C THR A 40 -4.39 -8.90 3.48
N LEU A 41 -3.52 -7.96 3.81
CA LEU A 41 -3.11 -7.76 5.20
C LEU A 41 -4.28 -7.23 6.04
N GLN A 42 -4.36 -7.63 7.31
CA GLN A 42 -5.43 -7.15 8.18
C GLN A 42 -5.09 -5.75 8.69
N VAL A 43 -5.44 -4.77 7.88
CA VAL A 43 -5.16 -3.39 8.20
C VAL A 43 -6.42 -2.79 8.84
N THR A 44 -6.97 -3.54 9.78
CA THR A 44 -8.21 -3.15 10.45
C THR A 44 -7.91 -1.91 11.28
N SER A 45 -8.93 -1.28 11.85
CA SER A 45 -8.78 -0.01 12.55
C SER A 45 -7.63 0.01 13.57
N GLN A 46 -7.34 -1.14 14.17
CA GLN A 46 -6.21 -1.25 15.09
C GLN A 46 -4.89 -0.82 14.43
N ILE A 47 -4.63 -1.29 13.21
CA ILE A 47 -3.40 -0.99 12.49
C ILE A 47 -3.59 0.30 11.73
N LEU A 48 -4.75 0.47 11.11
CA LEU A 48 -5.00 1.62 10.29
C LEU A 48 -4.82 2.94 11.01
N GLN A 49 -5.25 2.98 12.27
CA GLN A 49 -5.17 4.21 13.04
C GLN A 49 -3.71 4.56 13.36
N LYS A 50 -2.86 3.56 13.51
CA LYS A 50 -1.43 3.81 13.78
C LYS A 50 -0.63 3.91 12.48
N ASN A 51 -1.28 3.68 11.35
CA ASN A 51 -0.62 3.74 10.03
C ASN A 51 -1.38 4.66 9.06
N THR A 52 -1.85 5.80 9.55
CA THR A 52 -2.59 6.74 8.71
C THR A 52 -1.74 7.32 7.58
N ASP A 53 -0.44 7.41 7.77
CA ASP A 53 0.48 7.92 6.72
C ASP A 53 0.51 6.99 5.51
N VAL A 54 0.23 5.72 5.74
CA VAL A 54 0.21 4.75 4.66
C VAL A 54 -1.01 5.04 3.80
N VAL A 55 -2.12 5.30 4.48
CA VAL A 55 -3.37 5.62 3.82
C VAL A 55 -3.17 6.92 3.04
N ALA A 56 -2.38 7.81 3.60
CA ALA A 56 -2.05 9.06 2.93
C ALA A 56 -1.30 8.81 1.61
N THR A 57 -0.41 7.82 1.56
CA THR A 57 0.33 7.55 0.34
C THR A 57 -0.55 6.82 -0.64
N LEU A 58 -1.37 5.90 -0.16
CA LEU A 58 -2.29 5.16 -1.02
C LEU A 58 -3.21 6.10 -1.78
N LYS A 59 -3.61 7.20 -1.15
CA LYS A 59 -4.42 8.21 -1.84
C LYS A 59 -3.63 8.87 -3.00
N LYS A 60 -2.31 8.93 -2.88
CA LYS A 60 -1.47 9.54 -3.93
C LYS A 60 -1.34 8.64 -5.15
N ILE A 61 -1.17 7.34 -4.94
CA ILE A 61 -1.01 6.41 -6.06
C ILE A 61 -2.31 6.05 -6.76
N ARG A 62 -3.42 6.18 -6.06
CA ARG A 62 -4.74 5.93 -6.67
C ARG A 62 -5.06 6.90 -7.80
N ARG A 63 -4.28 7.97 -7.92
CA ARG A 63 -4.43 8.95 -9.01
C ARG A 63 -3.15 9.02 -9.86
N TYR A 64 -2.29 8.01 -9.73
CA TYR A 64 -0.99 8.00 -10.40
C TYR A 64 -1.12 7.96 -11.91
N LYS A 65 -0.56 8.95 -12.59
CA LYS A 65 -0.67 9.05 -14.05
C LYS A 65 0.46 8.40 -14.82
N ALA A 66 1.64 8.28 -14.21
CA ALA A 66 2.80 7.71 -14.92
C ALA A 66 2.61 6.22 -15.22
N ASN A 67 1.79 5.54 -14.42
CA ASN A 67 1.46 4.15 -14.71
C ASN A 67 0.04 3.84 -14.26
N LYS A 68 -0.78 3.41 -15.22
CA LYS A 68 -2.19 3.14 -14.96
C LYS A 68 -2.38 1.99 -13.97
N ASP A 69 -1.56 0.96 -14.10
CA ASP A 69 -1.70 -0.24 -13.25
C ASP A 69 -1.54 0.10 -11.77
N VAL A 70 -0.57 0.95 -11.48
CA VAL A 70 -0.32 1.41 -10.10
C VAL A 70 -1.58 2.01 -9.52
N MET A 71 -2.29 2.82 -10.30
CA MET A 71 -3.51 3.47 -9.85
C MET A 71 -4.61 2.43 -9.61
N GLU A 72 -4.70 1.44 -10.48
CA GLU A 72 -5.71 0.40 -10.34
C GLU A 72 -5.47 -0.46 -9.11
N LYS A 73 -4.24 -0.93 -8.91
CA LYS A 73 -4.00 -1.78 -7.75
C LYS A 73 -4.08 -0.98 -6.48
N ALA A 74 -3.59 0.25 -6.50
CA ALA A 74 -3.67 1.12 -5.33
C ALA A 74 -5.11 1.30 -4.94
N ALA A 75 -5.95 1.43 -5.96
CA ALA A 75 -7.39 1.61 -5.76
C ALA A 75 -8.06 0.39 -5.19
N GLU A 76 -7.80 -0.77 -5.76
CA GLU A 76 -8.42 -2.01 -5.28
C GLU A 76 -8.03 -2.23 -3.81
N VAL A 77 -6.77 -1.95 -3.49
CA VAL A 77 -6.24 -2.12 -2.16
C VAL A 77 -6.80 -1.08 -1.21
N TYR A 78 -6.70 0.18 -1.57
CA TYR A 78 -7.15 1.28 -0.72
C TYR A 78 -8.62 1.11 -0.34
N THR A 79 -9.43 0.70 -1.28
CA THR A 79 -10.85 0.46 -1.04
C THR A 79 -11.06 -0.69 -0.06
N ARG A 80 -10.24 -1.73 -0.18
CA ARG A 80 -10.30 -2.86 0.73
C ARG A 80 -9.93 -2.44 2.15
N LEU A 81 -9.13 -1.40 2.30
CA LEU A 81 -8.69 -1.02 3.65
C LEU A 81 -9.85 -0.37 4.34
N LYS A 82 -10.60 0.41 3.57
CA LYS A 82 -11.78 1.08 4.08
C LYS A 82 -12.84 0.09 4.52
N SER A 83 -12.77 -1.10 3.94
CA SER A 83 -13.68 -2.18 4.27
C SER A 83 -13.26 -2.94 5.55
N ARG A 84 -12.07 -2.63 6.06
CA ARG A 84 -11.56 -3.25 7.29
C ARG A 84 -11.44 -2.25 8.43
N GLY A 85 -11.47 -0.97 8.09
CA GLY A 85 -11.29 0.09 9.06
C GLY A 85 -12.61 0.61 9.61
N SER A 86 -12.56 1.82 10.14
CA SER A 86 -13.72 2.50 10.70
C SER A 86 -13.47 3.96 10.40
N ALA A 1 9.73 -10.42 12.99
CA ALA A 1 10.59 -11.63 12.94
C ALA A 1 10.03 -12.62 11.93
N ALA A 2 10.16 -13.93 12.18
CA ALA A 2 9.53 -14.93 11.33
C ALA A 2 8.03 -14.77 11.58
N SER A 3 7.21 -15.11 10.59
CA SER A 3 5.75 -14.91 10.66
C SER A 3 5.38 -13.50 11.18
N PRO A 4 5.82 -12.45 10.45
CA PRO A 4 5.58 -11.09 10.98
C PRO A 4 4.14 -10.60 10.93
N SER A 5 3.82 -9.70 11.86
CA SER A 5 2.50 -9.08 11.97
C SER A 5 2.23 -8.11 10.83
N VAL A 6 0.98 -7.68 10.66
CA VAL A 6 0.62 -6.75 9.58
C VAL A 6 1.46 -5.49 9.58
N GLU A 7 1.59 -4.86 10.73
CA GLU A 7 2.35 -3.62 10.87
C GLU A 7 3.84 -3.85 10.61
N GLU A 8 4.35 -5.02 10.95
CA GLU A 8 5.75 -5.33 10.69
C GLU A 8 5.93 -5.43 9.18
N LYS A 9 4.95 -6.04 8.53
CA LYS A 9 5.03 -6.27 7.09
C LYS A 9 4.84 -4.98 6.34
N LEU A 10 4.03 -4.11 6.93
CA LEU A 10 3.71 -2.82 6.37
C LEU A 10 4.99 -2.05 6.11
N GLN A 11 5.94 -2.14 7.03
CA GLN A 11 7.20 -1.42 6.89
C GLN A 11 7.85 -1.71 5.55
N LYS A 12 7.80 -2.97 5.10
CA LYS A 12 8.32 -3.31 3.78
C LYS A 12 7.42 -2.76 2.69
N LEU A 13 6.13 -3.10 2.72
CA LEU A 13 5.21 -2.69 1.67
C LEU A 13 5.17 -1.20 1.43
N HIS A 14 5.05 -0.42 2.49
CA HIS A 14 4.98 1.02 2.35
C HIS A 14 6.27 1.51 1.70
N SER A 15 7.40 0.94 2.08
CA SER A 15 8.67 1.35 1.49
C SER A 15 8.71 1.00 0.01
N GLU A 16 8.22 -0.17 -0.36
CA GLU A 16 8.19 -0.56 -1.77
C GLU A 16 7.33 0.37 -2.58
N ILE A 17 6.15 0.73 -2.05
CA ILE A 17 5.30 1.66 -2.73
C ILE A 17 6.10 2.92 -3.03
N LYS A 18 6.81 3.42 -2.04
CA LYS A 18 7.56 4.67 -2.17
C LYS A 18 8.74 4.55 -3.14
N PHE A 19 9.42 3.41 -3.15
CA PHE A 19 10.53 3.18 -4.07
C PHE A 19 10.00 3.08 -5.50
N ALA A 20 8.79 2.58 -5.65
CA ALA A 20 8.17 2.44 -6.95
C ALA A 20 7.84 3.80 -7.58
N LEU A 21 7.79 4.83 -6.77
CA LEU A 21 7.49 6.19 -7.25
C LEU A 21 8.72 7.07 -7.35
N LYS A 22 9.90 6.45 -7.25
CA LYS A 22 11.15 7.20 -7.38
C LYS A 22 11.11 7.91 -8.71
N VAL A 23 11.37 9.20 -8.71
CA VAL A 23 11.36 9.99 -9.94
C VAL A 23 12.43 9.46 -10.89
N ASP A 24 13.58 9.18 -10.31
CA ASP A 24 14.74 8.69 -11.05
C ASP A 24 14.62 7.22 -11.49
N SER A 25 13.72 6.48 -10.84
CA SER A 25 13.57 5.04 -11.13
C SER A 25 12.21 4.48 -10.75
N PRO A 26 11.14 4.86 -11.48
CA PRO A 26 9.87 4.28 -11.05
C PRO A 26 9.73 2.82 -11.46
N ASP A 27 9.08 2.03 -10.62
CA ASP A 27 8.88 0.60 -10.89
C ASP A 27 7.46 0.19 -10.51
N VAL A 28 6.60 0.16 -11.50
CA VAL A 28 5.21 -0.18 -11.28
C VAL A 28 5.02 -1.53 -10.62
N LYS A 29 5.72 -2.54 -11.10
CA LYS A 29 5.56 -3.89 -10.56
C LYS A 29 5.92 -3.90 -9.10
N ARG A 30 6.84 -3.03 -8.72
CA ARG A 30 7.28 -3.01 -7.32
C ARG A 30 6.14 -2.48 -6.46
N CYS A 31 5.45 -1.47 -6.96
CA CYS A 31 4.28 -0.94 -6.28
C CYS A 31 3.21 -2.03 -6.24
N LEU A 32 2.91 -2.65 -7.38
CA LEU A 32 1.83 -3.65 -7.47
C LEU A 32 2.03 -4.79 -6.49
N ASN A 33 3.26 -5.27 -6.37
CA ASN A 33 3.57 -6.36 -5.44
C ASN A 33 3.35 -5.93 -3.98
N ALA A 34 3.70 -4.70 -3.67
CA ALA A 34 3.49 -4.18 -2.33
C ALA A 34 2.00 -4.06 -2.07
N LEU A 35 1.29 -3.46 -3.02
CA LEU A 35 -0.13 -3.29 -2.94
C LEU A 35 -0.85 -4.62 -2.77
N GLU A 36 -0.49 -5.65 -3.50
CA GLU A 36 -1.22 -6.92 -3.38
C GLU A 36 -1.08 -7.57 -2.00
N GLU A 37 0.07 -7.43 -1.34
CA GLU A 37 0.20 -7.96 0.02
C GLU A 37 -0.67 -7.10 0.92
N LEU A 38 -0.55 -5.78 0.76
CA LEU A 38 -1.32 -4.83 1.56
C LEU A 38 -2.83 -5.09 1.44
N GLY A 39 -3.25 -5.53 0.26
CA GLY A 39 -4.66 -5.82 0.01
C GLY A 39 -5.21 -6.99 0.79
N THR A 40 -4.36 -7.85 1.31
CA THR A 40 -4.81 -9.03 2.06
C THR A 40 -4.46 -8.87 3.55
N LEU A 41 -3.58 -7.92 3.86
CA LEU A 41 -3.19 -7.69 5.25
C LEU A 41 -4.37 -7.19 6.07
N GLN A 42 -4.44 -7.61 7.33
CA GLN A 42 -5.50 -7.15 8.23
C GLN A 42 -5.18 -5.75 8.73
N VAL A 43 -5.53 -4.78 7.93
CA VAL A 43 -5.26 -3.38 8.25
C VAL A 43 -6.51 -2.76 8.88
N THR A 44 -7.06 -3.50 9.83
CA THR A 44 -8.26 -3.08 10.54
C THR A 44 -7.89 -1.87 11.37
N SER A 45 -8.86 -1.21 12.00
CA SER A 45 -8.63 0.05 12.70
C SER A 45 -7.42 0.02 13.65
N GLN A 46 -7.17 -1.13 14.26
CA GLN A 46 -6.03 -1.29 15.15
C GLN A 46 -4.71 -0.91 14.46
N ILE A 47 -4.55 -1.35 13.21
CA ILE A 47 -3.35 -1.04 12.43
C ILE A 47 -3.55 0.26 11.69
N LEU A 48 -4.73 0.46 11.15
CA LEU A 48 -4.99 1.62 10.31
C LEU A 48 -4.77 2.92 11.05
N GLN A 49 -5.18 2.96 12.31
CA GLN A 49 -5.05 4.17 13.12
C GLN A 49 -3.61 4.53 13.39
N LYS A 50 -2.75 3.52 13.51
CA LYS A 50 -1.33 3.76 13.74
C LYS A 50 -0.57 3.90 12.41
N ASN A 51 -1.28 3.71 11.30
CA ASN A 51 -0.67 3.81 9.96
C ASN A 51 -1.44 4.73 9.01
N THR A 52 -1.88 5.87 9.51
CA THR A 52 -2.62 6.83 8.69
C THR A 52 -1.77 7.38 7.53
N ASP A 53 -0.46 7.45 7.71
CA ASP A 53 0.45 7.93 6.65
C ASP A 53 0.50 6.96 5.46
N VAL A 54 0.18 5.71 5.71
CA VAL A 54 0.16 4.72 4.64
C VAL A 54 -1.05 5.03 3.79
N VAL A 55 -2.16 5.27 4.44
CA VAL A 55 -3.40 5.61 3.75
C VAL A 55 -3.18 6.92 2.99
N ALA A 56 -2.38 7.81 3.57
CA ALA A 56 -2.03 9.06 2.90
C ALA A 56 -1.28 8.79 1.58
N THR A 57 -0.38 7.82 1.54
CA THR A 57 0.35 7.55 0.30
C THR A 57 -0.55 6.83 -0.69
N LEU A 58 -1.37 5.92 -0.20
CA LEU A 58 -2.29 5.19 -1.06
C LEU A 58 -3.22 6.14 -1.83
N LYS A 59 -3.62 7.24 -1.20
CA LYS A 59 -4.42 8.25 -1.88
C LYS A 59 -3.65 8.93 -3.02
N LYS A 60 -2.32 9.02 -2.89
CA LYS A 60 -1.48 9.63 -3.93
C LYS A 60 -1.37 8.73 -5.15
N ILE A 61 -1.16 7.44 -4.92
CA ILE A 61 -0.95 6.51 -6.02
C ILE A 61 -2.22 6.07 -6.73
N ARG A 62 -3.37 6.18 -6.09
CA ARG A 62 -4.66 5.88 -6.71
C ARG A 62 -4.94 6.80 -7.91
N ARG A 63 -4.24 7.92 -7.97
CA ARG A 63 -4.37 8.87 -9.08
C ARG A 63 -3.04 9.03 -9.85
N TYR A 64 -2.15 8.06 -9.70
CA TYR A 64 -0.82 8.10 -10.31
C TYR A 64 -0.90 8.07 -11.84
N LYS A 65 -0.50 9.16 -12.48
CA LYS A 65 -0.59 9.27 -13.94
C LYS A 65 0.45 8.48 -14.72
N ALA A 66 1.63 8.28 -14.17
CA ALA A 66 2.71 7.64 -14.91
C ALA A 66 2.39 6.18 -15.26
N ASN A 67 1.82 5.47 -14.31
CA ASN A 67 1.51 4.06 -14.52
C ASN A 67 0.07 3.78 -14.10
N LYS A 68 -0.78 3.49 -15.07
CA LYS A 68 -2.20 3.17 -14.81
C LYS A 68 -2.33 2.02 -13.84
N ASP A 69 -1.54 0.98 -14.04
CA ASP A 69 -1.62 -0.23 -13.21
C ASP A 69 -1.46 0.08 -11.72
N VAL A 70 -0.51 0.95 -11.39
CA VAL A 70 -0.31 1.37 -10.00
C VAL A 70 -1.60 1.96 -9.45
N MET A 71 -2.26 2.80 -10.23
CA MET A 71 -3.51 3.44 -9.82
C MET A 71 -4.58 2.38 -9.61
N GLU A 72 -4.68 1.43 -10.53
CA GLU A 72 -5.70 0.40 -10.40
C GLU A 72 -5.48 -0.49 -9.19
N LYS A 73 -4.25 -0.96 -8.98
CA LYS A 73 -4.05 -1.85 -7.84
C LYS A 73 -4.15 -1.08 -6.54
N ALA A 74 -3.63 0.14 -6.51
CA ALA A 74 -3.71 0.98 -5.31
C ALA A 74 -5.14 1.19 -4.94
N ALA A 75 -5.96 1.40 -5.94
CA ALA A 75 -7.38 1.61 -5.77
C ALA A 75 -8.10 0.41 -5.18
N GLU A 76 -7.84 -0.76 -5.74
CA GLU A 76 -8.48 -1.98 -5.27
C GLU A 76 -8.12 -2.18 -3.79
N VAL A 77 -6.86 -1.92 -3.48
CA VAL A 77 -6.32 -2.10 -2.14
C VAL A 77 -6.87 -1.06 -1.18
N TYR A 78 -6.75 0.21 -1.55
CA TYR A 78 -7.18 1.32 -0.70
C TYR A 78 -8.64 1.16 -0.28
N THR A 79 -9.48 0.77 -1.23
CA THR A 79 -10.90 0.58 -0.97
C THR A 79 -11.11 -0.59 -0.01
N ARG A 80 -10.30 -1.62 -0.16
CA ARG A 80 -10.37 -2.78 0.72
C ARG A 80 -10.01 -2.39 2.15
N LEU A 81 -9.17 -1.38 2.32
CA LEU A 81 -8.72 -1.02 3.66
C LEU A 81 -9.85 -0.37 4.38
N LYS A 82 -10.61 0.41 3.66
CA LYS A 82 -11.77 1.09 4.20
C LYS A 82 -12.81 0.13 4.72
N SER A 83 -12.87 -1.04 4.11
CA SER A 83 -13.79 -2.09 4.57
C SER A 83 -13.30 -2.74 5.87
N ARG A 84 -12.02 -2.57 6.19
CA ARG A 84 -11.43 -3.15 7.41
C ARG A 84 -11.30 -2.14 8.55
N GLY A 85 -11.03 -0.89 8.24
CA GLY A 85 -10.83 0.12 9.29
C GLY A 85 -11.06 1.56 8.88
N SER A 86 -11.98 1.78 7.94
CA SER A 86 -12.34 3.13 7.42
C SER A 86 -11.15 3.91 6.84
N ALA A 1 9.83 -19.22 15.52
CA ALA A 1 9.62 -17.80 15.90
C ALA A 1 8.20 -17.38 15.57
N ALA A 2 7.77 -16.22 16.05
CA ALA A 2 6.42 -15.73 15.74
C ALA A 2 6.43 -15.19 14.31
N SER A 3 5.27 -15.14 13.68
CA SER A 3 5.15 -14.58 12.34
C SER A 3 5.14 -13.06 12.47
N PRO A 4 5.64 -12.34 11.45
CA PRO A 4 5.58 -10.88 11.62
C PRO A 4 4.16 -10.34 11.56
N SER A 5 3.90 -9.29 12.34
CA SER A 5 2.58 -8.67 12.42
C SER A 5 2.29 -7.91 11.13
N VAL A 6 1.03 -7.54 10.92
CA VAL A 6 0.65 -6.79 9.73
C VAL A 6 1.47 -5.53 9.61
N GLU A 7 1.60 -4.81 10.71
CA GLU A 7 2.36 -3.56 10.74
C GLU A 7 3.83 -3.78 10.38
N GLU A 8 4.40 -4.91 10.76
CA GLU A 8 5.80 -5.20 10.45
C GLU A 8 5.94 -5.39 8.96
N LYS A 9 4.95 -6.06 8.39
CA LYS A 9 4.97 -6.35 6.96
C LYS A 9 4.67 -5.09 6.19
N LEU A 10 3.79 -4.28 6.77
CA LEU A 10 3.39 -3.00 6.22
C LEU A 10 4.62 -2.13 6.06
N GLN A 11 5.58 -2.19 6.97
CA GLN A 11 6.78 -1.38 6.81
C GLN A 11 7.47 -1.70 5.49
N LYS A 12 7.53 -2.99 5.13
CA LYS A 12 8.14 -3.38 3.85
C LYS A 12 7.29 -2.91 2.69
N LEU A 13 6.01 -3.25 2.69
CA LEU A 13 5.12 -2.86 1.61
C LEU A 13 5.06 -1.36 1.43
N HIS A 14 4.93 -0.62 2.52
CA HIS A 14 4.86 0.83 2.44
C HIS A 14 6.11 1.36 1.78
N SER A 15 7.28 0.84 2.17
CA SER A 15 8.55 1.29 1.60
C SER A 15 8.62 1.01 0.11
N GLU A 16 8.12 -0.13 -0.32
CA GLU A 16 8.13 -0.46 -1.75
C GLU A 16 7.27 0.49 -2.52
N ILE A 17 6.14 0.90 -1.95
CA ILE A 17 5.28 1.83 -2.63
C ILE A 17 6.11 3.08 -2.89
N LYS A 18 6.89 3.50 -1.90
CA LYS A 18 7.73 4.71 -2.06
C LYS A 18 8.79 4.52 -3.13
N PHE A 19 9.47 3.39 -3.11
CA PHE A 19 10.55 3.09 -4.05
C PHE A 19 10.02 2.96 -5.47
N ALA A 20 8.77 2.54 -5.60
CA ALA A 20 8.12 2.40 -6.89
C ALA A 20 7.84 3.75 -7.54
N LEU A 21 7.87 4.80 -6.74
CA LEU A 21 7.55 6.14 -7.21
C LEU A 21 8.78 7.03 -7.26
N LYS A 22 9.95 6.40 -7.12
CA LYS A 22 11.22 7.12 -7.21
C LYS A 22 11.19 7.89 -8.51
N VAL A 23 11.47 9.18 -8.44
CA VAL A 23 11.48 10.03 -9.63
C VAL A 23 12.52 9.53 -10.62
N ASP A 24 13.66 9.16 -10.08
CA ASP A 24 14.80 8.68 -10.85
C ASP A 24 14.60 7.28 -11.44
N SER A 25 13.73 6.50 -10.80
CA SER A 25 13.51 5.10 -11.22
C SER A 25 12.15 4.55 -10.81
N PRO A 26 11.06 4.99 -11.47
CA PRO A 26 9.78 4.41 -11.05
C PRO A 26 9.63 2.95 -11.49
N ASP A 27 8.99 2.15 -10.66
CA ASP A 27 8.78 0.72 -10.93
C ASP A 27 7.36 0.32 -10.57
N VAL A 28 6.51 0.19 -11.56
CA VAL A 28 5.12 -0.16 -11.30
C VAL A 28 4.96 -1.48 -10.63
N LYS A 29 5.64 -2.50 -11.12
CA LYS A 29 5.54 -3.84 -10.56
C LYS A 29 5.90 -3.84 -9.10
N ARG A 30 6.80 -2.94 -8.72
CA ARG A 30 7.26 -2.90 -7.33
C ARG A 30 6.11 -2.40 -6.47
N CYS A 31 5.40 -1.41 -6.97
CA CYS A 31 4.23 -0.90 -6.28
C CYS A 31 3.17 -1.99 -6.22
N LEU A 32 2.86 -2.62 -7.36
CA LEU A 32 1.79 -3.64 -7.44
C LEU A 32 2.02 -4.77 -6.46
N ASN A 33 3.25 -5.25 -6.39
CA ASN A 33 3.62 -6.35 -5.48
C ASN A 33 3.38 -5.98 -4.02
N ALA A 34 3.69 -4.75 -3.67
CA ALA A 34 3.46 -4.29 -2.30
C ALA A 34 1.97 -4.11 -2.06
N LEU A 35 1.31 -3.47 -3.00
CA LEU A 35 -0.11 -3.26 -2.93
C LEU A 35 -0.85 -4.57 -2.74
N GLU A 36 -0.55 -5.59 -3.53
CA GLU A 36 -1.30 -6.84 -3.43
C GLU A 36 -1.20 -7.51 -2.06
N GLU A 37 -0.06 -7.43 -1.39
CA GLU A 37 0.04 -8.01 -0.04
C GLU A 37 -0.75 -7.12 0.92
N LEU A 38 -0.54 -5.82 0.83
CA LEU A 38 -1.22 -4.85 1.71
C LEU A 38 -2.75 -5.01 1.58
N GLY A 39 -3.21 -5.34 0.38
CA GLY A 39 -4.62 -5.52 0.11
C GLY A 39 -5.25 -6.72 0.79
N THR A 40 -4.45 -7.64 1.29
CA THR A 40 -4.97 -8.82 1.99
C THR A 40 -4.63 -8.77 3.49
N LEU A 41 -3.68 -7.93 3.85
CA LEU A 41 -3.26 -7.82 5.25
C LEU A 41 -4.41 -7.31 6.14
N GLN A 42 -4.42 -7.70 7.41
CA GLN A 42 -5.46 -7.21 8.33
C GLN A 42 -5.11 -5.81 8.79
N VAL A 43 -5.47 -4.84 7.99
CA VAL A 43 -5.18 -3.45 8.27
C VAL A 43 -6.44 -2.80 8.84
N THR A 44 -7.02 -3.49 9.80
CA THR A 44 -8.24 -3.04 10.46
C THR A 44 -7.85 -1.79 11.26
N SER A 45 -8.81 -1.09 11.83
CA SER A 45 -8.56 0.20 12.49
C SER A 45 -7.39 0.15 13.49
N GLN A 46 -7.17 -1.00 14.11
CA GLN A 46 -6.05 -1.15 15.05
C GLN A 46 -4.72 -0.79 14.39
N ILE A 47 -4.51 -1.27 13.16
CA ILE A 47 -3.29 -1.00 12.41
C ILE A 47 -3.46 0.29 11.62
N LEU A 48 -4.63 0.46 11.03
CA LEU A 48 -4.87 1.58 10.15
C LEU A 48 -4.67 2.92 10.82
N GLN A 49 -5.12 3.02 12.06
CA GLN A 49 -5.07 4.29 12.77
C GLN A 49 -3.64 4.65 13.18
N LYS A 50 -2.81 3.64 13.39
CA LYS A 50 -1.40 3.89 13.71
C LYS A 50 -0.55 3.99 12.43
N ASN A 51 -1.15 3.66 11.30
CA ASN A 51 -0.44 3.67 10.01
C ASN A 51 -1.16 4.53 8.97
N THR A 52 -1.68 5.67 9.42
CA THR A 52 -2.43 6.58 8.54
C THR A 52 -1.59 7.15 7.39
N ASP A 53 -0.27 7.20 7.57
CA ASP A 53 0.62 7.69 6.52
C ASP A 53 0.61 6.81 5.29
N VAL A 54 0.39 5.53 5.49
CA VAL A 54 0.34 4.59 4.39
C VAL A 54 -0.93 4.87 3.63
N VAL A 55 -2.01 5.11 4.36
CA VAL A 55 -3.30 5.44 3.75
C VAL A 55 -3.15 6.75 2.99
N ALA A 56 -2.38 7.68 3.55
CA ALA A 56 -2.11 8.94 2.89
C ALA A 56 -1.34 8.73 1.59
N THR A 57 -0.46 7.74 1.55
CA THR A 57 0.30 7.46 0.34
C THR A 57 -0.56 6.75 -0.69
N LEU A 58 -1.41 5.84 -0.25
CA LEU A 58 -2.31 5.13 -1.15
C LEU A 58 -3.22 6.10 -1.89
N LYS A 59 -3.61 7.17 -1.23
CA LYS A 59 -4.40 8.22 -1.88
C LYS A 59 -3.61 8.89 -3.01
N LYS A 60 -2.29 8.94 -2.89
CA LYS A 60 -1.43 9.55 -3.92
C LYS A 60 -1.32 8.67 -5.17
N ILE A 61 -1.14 7.38 -4.99
CA ILE A 61 -0.99 6.46 -6.13
C ILE A 61 -2.29 6.11 -6.84
N ARG A 62 -3.42 6.22 -6.14
CA ARG A 62 -4.73 5.96 -6.74
C ARG A 62 -5.07 6.92 -7.88
N ARG A 63 -4.29 7.98 -7.99
CA ARG A 63 -4.45 8.98 -9.07
C ARG A 63 -3.18 9.08 -9.94
N TYR A 64 -2.31 8.08 -9.82
CA TYR A 64 -1.02 8.06 -10.51
C TYR A 64 -1.21 7.89 -12.02
N LYS A 65 -0.80 8.88 -12.80
CA LYS A 65 -0.98 8.83 -14.25
C LYS A 65 0.19 8.25 -15.04
N ALA A 66 1.37 8.16 -14.42
CA ALA A 66 2.54 7.64 -15.13
C ALA A 66 2.38 6.14 -15.40
N ASN A 67 1.54 5.47 -14.63
CA ASN A 67 1.23 4.07 -14.89
C ASN A 67 -0.18 3.74 -14.42
N LYS A 68 -0.98 3.19 -15.32
CA LYS A 68 -2.37 2.84 -15.02
C LYS A 68 -2.46 1.80 -13.93
N ASP A 69 -1.69 0.73 -14.07
CA ASP A 69 -1.78 -0.41 -13.15
C ASP A 69 -1.53 0.01 -11.70
N VAL A 70 -0.58 0.92 -11.50
CA VAL A 70 -0.29 1.46 -10.16
C VAL A 70 -1.57 2.05 -9.56
N MET A 71 -2.30 2.83 -10.34
CA MET A 71 -3.53 3.45 -9.88
C MET A 71 -4.59 2.41 -9.63
N GLU A 72 -4.73 1.44 -10.52
CA GLU A 72 -5.74 0.40 -10.33
C GLU A 72 -5.47 -0.47 -9.11
N LYS A 73 -4.24 -0.94 -8.93
CA LYS A 73 -3.97 -1.78 -7.77
C LYS A 73 -4.02 -0.96 -6.49
N ALA A 74 -3.52 0.26 -6.52
CA ALA A 74 -3.57 1.13 -5.34
C ALA A 74 -5.00 1.30 -4.92
N ALA A 75 -5.84 1.46 -5.91
CA ALA A 75 -7.28 1.62 -5.71
C ALA A 75 -7.95 0.41 -5.10
N GLU A 76 -7.71 -0.76 -5.67
CA GLU A 76 -8.31 -1.98 -5.18
C GLU A 76 -7.90 -2.14 -3.72
N VAL A 77 -6.64 -1.89 -3.43
CA VAL A 77 -6.10 -2.06 -2.11
C VAL A 77 -6.64 -1.03 -1.15
N TYR A 78 -6.56 0.23 -1.52
CA TYR A 78 -7.01 1.31 -0.66
C TYR A 78 -8.47 1.09 -0.23
N THR A 79 -9.32 0.73 -1.19
CA THR A 79 -10.73 0.46 -0.95
C THR A 79 -10.92 -0.75 -0.05
N ARG A 80 -10.08 -1.76 -0.21
CA ARG A 80 -10.13 -2.92 0.66
C ARG A 80 -9.80 -2.53 2.10
N LEU A 81 -9.02 -1.47 2.30
CA LEU A 81 -8.64 -1.10 3.67
C LEU A 81 -9.85 -0.48 4.29
N LYS A 82 -10.59 0.26 3.48
CA LYS A 82 -11.82 0.92 3.92
C LYS A 82 -12.84 -0.08 4.40
N SER A 83 -12.80 -1.27 3.83
CA SER A 83 -13.69 -2.35 4.21
C SER A 83 -13.21 -3.07 5.48
N ARG A 84 -11.95 -2.85 5.85
CA ARG A 84 -11.36 -3.46 7.05
C ARG A 84 -11.34 -2.51 8.25
N GLY A 85 -11.27 -1.21 7.98
CA GLY A 85 -11.21 -0.21 9.04
C GLY A 85 -11.01 1.19 8.50
N SER A 86 -10.88 2.15 9.39
CA SER A 86 -10.66 3.55 9.02
C SER A 86 -9.71 4.14 10.02
N ALA A 1 8.46 -20.94 12.83
CA ALA A 1 8.50 -19.62 13.50
C ALA A 1 7.18 -18.90 13.32
N ALA A 2 6.97 -17.80 14.04
CA ALA A 2 5.74 -17.03 13.88
C ALA A 2 5.86 -16.22 12.59
N SER A 3 4.74 -15.91 11.97
CA SER A 3 4.73 -15.07 10.78
C SER A 3 4.77 -13.62 11.25
N PRO A 4 5.42 -12.72 10.49
CA PRO A 4 5.41 -11.34 10.97
C PRO A 4 4.04 -10.68 10.93
N SER A 5 3.84 -9.73 11.82
CA SER A 5 2.58 -9.01 11.96
C SER A 5 2.33 -8.07 10.79
N VAL A 6 1.10 -7.61 10.64
CA VAL A 6 0.73 -6.72 9.55
C VAL A 6 1.59 -5.47 9.52
N GLU A 7 1.77 -4.84 10.67
CA GLU A 7 2.56 -3.62 10.76
C GLU A 7 4.04 -3.87 10.46
N GLU A 8 4.55 -5.03 10.84
CA GLU A 8 5.94 -5.38 10.55
C GLU A 8 6.09 -5.53 9.04
N LYS A 9 5.08 -6.14 8.42
CA LYS A 9 5.09 -6.35 6.96
C LYS A 9 4.90 -5.04 6.24
N LEU A 10 4.10 -4.18 6.85
CA LEU A 10 3.77 -2.89 6.28
C LEU A 10 5.04 -2.10 6.05
N GLN A 11 5.99 -2.19 6.97
CA GLN A 11 7.25 -1.46 6.84
C GLN A 11 7.91 -1.75 5.49
N LYS A 12 7.85 -2.99 5.02
CA LYS A 12 8.38 -3.33 3.69
C LYS A 12 7.47 -2.77 2.61
N LEU A 13 6.18 -3.11 2.67
CA LEU A 13 5.24 -2.69 1.65
C LEU A 13 5.17 -1.20 1.43
N HIS A 14 5.08 -0.43 2.49
CA HIS A 14 5.00 1.02 2.35
C HIS A 14 6.29 1.51 1.70
N SER A 15 7.43 0.95 2.09
CA SER A 15 8.69 1.37 1.49
C SER A 15 8.73 1.05 0.01
N GLU A 16 8.23 -0.12 -0.38
CA GLU A 16 8.20 -0.49 -1.79
C GLU A 16 7.31 0.43 -2.58
N ILE A 17 6.15 0.77 -2.03
CA ILE A 17 5.27 1.69 -2.70
C ILE A 17 6.06 2.97 -2.99
N LYS A 18 6.79 3.45 -2.01
CA LYS A 18 7.55 4.69 -2.15
C LYS A 18 8.71 4.59 -3.14
N PHE A 19 9.41 3.46 -3.13
CA PHE A 19 10.52 3.23 -4.07
C PHE A 19 10.00 3.08 -5.48
N ALA A 20 8.79 2.57 -5.62
CA ALA A 20 8.17 2.39 -6.92
C ALA A 20 7.84 3.73 -7.58
N LEU A 21 7.80 4.79 -6.78
CA LEU A 21 7.47 6.13 -7.27
C LEU A 21 8.68 7.03 -7.36
N LYS A 22 9.86 6.43 -7.23
CA LYS A 22 11.11 7.17 -7.36
C LYS A 22 11.09 7.88 -8.70
N VAL A 23 11.39 9.17 -8.68
CA VAL A 23 11.43 9.96 -9.92
C VAL A 23 12.53 9.42 -10.82
N ASP A 24 13.64 9.10 -10.17
CA ASP A 24 14.85 8.60 -10.82
C ASP A 24 14.69 7.20 -11.42
N SER A 25 13.81 6.41 -10.82
CA SER A 25 13.60 5.02 -11.25
C SER A 25 12.25 4.47 -10.80
N PRO A 26 11.16 4.86 -11.48
CA PRO A 26 9.89 4.28 -11.04
C PRO A 26 9.77 2.80 -11.39
N ASP A 27 9.11 2.04 -10.54
CA ASP A 27 8.99 0.59 -10.70
C ASP A 27 7.57 0.14 -10.40
N VAL A 28 6.74 0.08 -11.41
CA VAL A 28 5.34 -0.28 -11.24
C VAL A 28 5.13 -1.63 -10.58
N LYS A 29 5.84 -2.64 -11.04
CA LYS A 29 5.67 -4.00 -10.50
C LYS A 29 5.96 -4.01 -9.02
N ARG A 30 6.87 -3.14 -8.60
CA ARG A 30 7.25 -3.09 -7.19
C ARG A 30 6.10 -2.55 -6.38
N CYS A 31 5.45 -1.53 -6.91
CA CYS A 31 4.28 -0.98 -6.24
C CYS A 31 3.19 -2.04 -6.22
N LEU A 32 2.90 -2.66 -7.36
CA LEU A 32 1.81 -3.64 -7.46
C LEU A 32 1.98 -4.79 -6.49
N ASN A 33 3.20 -5.29 -6.35
CA ASN A 33 3.49 -6.38 -5.41
C ASN A 33 3.27 -5.95 -3.97
N ALA A 34 3.66 -4.73 -3.66
CA ALA A 34 3.47 -4.21 -2.31
C ALA A 34 1.98 -4.04 -2.04
N LEU A 35 1.30 -3.43 -2.99
CA LEU A 35 -0.11 -3.23 -2.91
C LEU A 35 -0.84 -4.56 -2.73
N GLU A 36 -0.50 -5.59 -3.48
CA GLU A 36 -1.24 -6.84 -3.37
C GLU A 36 -1.08 -7.53 -2.01
N GLU A 37 0.08 -7.45 -1.37
CA GLU A 37 0.21 -8.03 -0.04
C GLU A 37 -0.64 -7.19 0.90
N LEU A 38 -0.52 -5.87 0.78
CA LEU A 38 -1.29 -4.94 1.60
C LEU A 38 -2.80 -5.21 1.43
N GLY A 39 -3.18 -5.64 0.24
CA GLY A 39 -4.57 -5.95 -0.06
C GLY A 39 -5.13 -7.14 0.69
N THR A 40 -4.27 -7.97 1.27
CA THR A 40 -4.72 -9.14 2.03
C THR A 40 -4.36 -9.01 3.52
N LEU A 41 -3.51 -8.04 3.85
CA LEU A 41 -3.11 -7.83 5.24
C LEU A 41 -4.28 -7.32 6.08
N GLN A 42 -4.33 -7.74 7.34
CA GLN A 42 -5.37 -7.29 8.27
C GLN A 42 -5.05 -5.86 8.74
N VAL A 43 -5.44 -4.90 7.95
CA VAL A 43 -5.18 -3.50 8.22
C VAL A 43 -6.41 -2.88 8.88
N THR A 44 -6.94 -3.58 9.86
CA THR A 44 -8.14 -3.15 10.54
C THR A 44 -7.79 -1.90 11.34
N SER A 45 -8.78 -1.24 11.94
CA SER A 45 -8.56 0.05 12.62
C SER A 45 -7.37 0.03 13.57
N GLN A 46 -7.13 -1.10 14.22
CA GLN A 46 -5.98 -1.24 15.11
C GLN A 46 -4.67 -0.86 14.44
N ILE A 47 -4.45 -1.32 13.21
CA ILE A 47 -3.24 -1.01 12.45
C ILE A 47 -3.44 0.28 11.68
N LEU A 48 -4.61 0.43 11.08
CA LEU A 48 -4.88 1.58 10.24
C LEU A 48 -4.71 2.91 10.95
N GLN A 49 -5.14 2.96 12.20
CA GLN A 49 -5.09 4.22 12.96
C GLN A 49 -3.64 4.58 13.31
N LYS A 50 -2.79 3.57 13.47
CA LYS A 50 -1.36 3.82 13.73
C LYS A 50 -0.56 3.93 12.44
N ASN A 51 -1.22 3.74 11.30
CA ASN A 51 -0.57 3.82 9.99
C ASN A 51 -1.34 4.74 9.02
N THR A 52 -1.75 5.90 9.51
CA THR A 52 -2.51 6.85 8.69
C THR A 52 -1.69 7.39 7.52
N ASP A 53 -0.37 7.46 7.67
CA ASP A 53 0.50 7.93 6.58
C ASP A 53 0.51 6.97 5.40
N VAL A 54 0.24 5.70 5.67
CA VAL A 54 0.19 4.70 4.61
C VAL A 54 -1.04 5.00 3.78
N VAL A 55 -2.14 5.29 4.47
CA VAL A 55 -3.39 5.62 3.80
C VAL A 55 -3.18 6.92 3.03
N ALA A 56 -2.37 7.81 3.56
CA ALA A 56 -2.06 9.05 2.88
C ALA A 56 -1.32 8.78 1.56
N THR A 57 -0.43 7.80 1.52
CA THR A 57 0.28 7.51 0.29
C THR A 57 -0.63 6.81 -0.69
N LEU A 58 -1.46 5.90 -0.19
CA LEU A 58 -2.40 5.19 -1.05
C LEU A 58 -3.32 6.16 -1.79
N LYS A 59 -3.68 7.26 -1.14
CA LYS A 59 -4.49 8.30 -1.80
C LYS A 59 -3.72 8.96 -2.95
N LYS A 60 -2.39 9.00 -2.86
CA LYS A 60 -1.56 9.59 -3.92
C LYS A 60 -1.50 8.68 -5.14
N ILE A 61 -1.22 7.40 -4.93
CA ILE A 61 -1.04 6.48 -6.05
C ILE A 61 -2.32 6.07 -6.77
N ARG A 62 -3.46 6.20 -6.12
CA ARG A 62 -4.75 5.92 -6.74
C ARG A 62 -5.02 6.81 -7.96
N ARG A 63 -4.30 7.92 -8.07
CA ARG A 63 -4.40 8.83 -9.22
C ARG A 63 -3.06 8.93 -9.96
N TYR A 64 -2.18 7.97 -9.76
CA TYR A 64 -0.84 8.00 -10.35
C TYR A 64 -0.89 7.96 -11.89
N LYS A 65 -0.48 9.05 -12.52
CA LYS A 65 -0.55 9.18 -13.98
C LYS A 65 0.48 8.40 -14.77
N ALA A 66 1.67 8.20 -14.21
CA ALA A 66 2.76 7.56 -14.95
C ALA A 66 2.43 6.11 -15.29
N ASN A 67 1.86 5.38 -14.33
CA ASN A 67 1.53 3.99 -14.53
C ASN A 67 0.09 3.73 -14.12
N LYS A 68 -0.76 3.46 -15.10
CA LYS A 68 -2.18 3.18 -14.84
C LYS A 68 -2.33 2.02 -13.87
N ASP A 69 -1.54 0.98 -14.07
CA ASP A 69 -1.62 -0.23 -13.23
C ASP A 69 -1.48 0.09 -11.75
N VAL A 70 -0.54 0.97 -11.42
CA VAL A 70 -0.34 1.38 -10.02
C VAL A 70 -1.63 2.00 -9.49
N MET A 71 -2.27 2.84 -10.29
CA MET A 71 -3.52 3.48 -9.87
C MET A 71 -4.59 2.43 -9.65
N GLU A 72 -4.71 1.47 -10.55
CA GLU A 72 -5.71 0.43 -10.40
C GLU A 72 -5.46 -0.43 -9.18
N LYS A 73 -4.24 -0.91 -8.98
CA LYS A 73 -3.98 -1.77 -7.83
C LYS A 73 -4.10 -0.99 -6.54
N ALA A 74 -3.60 0.25 -6.52
CA ALA A 74 -3.69 1.09 -5.34
C ALA A 74 -5.14 1.28 -4.97
N ALA A 75 -5.96 1.49 -5.98
CA ALA A 75 -7.38 1.67 -5.80
C ALA A 75 -8.08 0.46 -5.20
N GLU A 76 -7.82 -0.70 -5.75
CA GLU A 76 -8.44 -1.92 -5.28
C GLU A 76 -8.06 -2.15 -3.80
N VAL A 77 -6.80 -1.91 -3.49
CA VAL A 77 -6.29 -2.10 -2.15
C VAL A 77 -6.82 -1.06 -1.19
N TYR A 78 -6.70 0.21 -1.56
CA TYR A 78 -7.13 1.31 -0.70
C TYR A 78 -8.58 1.13 -0.26
N THR A 79 -9.44 0.78 -1.20
CA THR A 79 -10.86 0.57 -0.94
C THR A 79 -11.08 -0.62 0.00
N ARG A 80 -10.28 -1.67 -0.13
CA ARG A 80 -10.38 -2.81 0.78
C ARG A 80 -10.07 -2.38 2.20
N LEU A 81 -9.25 -1.36 2.38
CA LEU A 81 -8.87 -0.95 3.72
C LEU A 81 -10.02 -0.20 4.33
N LYS A 82 -10.75 0.49 3.46
CA LYS A 82 -11.93 1.24 3.88
C LYS A 82 -12.98 0.31 4.45
N SER A 83 -13.02 -0.91 3.94
CA SER A 83 -13.94 -1.94 4.43
C SER A 83 -13.44 -2.65 5.70
N ARG A 84 -12.21 -2.41 6.09
CA ARG A 84 -11.61 -3.07 7.26
C ARG A 84 -11.37 -2.13 8.44
N GLY A 85 -11.40 -0.84 8.16
CA GLY A 85 -11.16 0.16 9.18
C GLY A 85 -12.38 1.04 9.33
N SER A 86 -12.31 1.97 10.29
CA SER A 86 -13.37 2.93 10.66
C SER A 86 -14.25 2.24 11.69
N ALA A 1 6.70 -17.26 16.10
CA ALA A 1 7.95 -17.14 15.28
C ALA A 1 7.62 -17.31 13.82
N ALA A 2 8.40 -16.69 12.93
CA ALA A 2 8.14 -16.70 11.48
C ALA A 2 6.71 -16.22 11.19
N SER A 3 6.24 -15.31 12.04
CA SER A 3 4.87 -14.81 11.99
C SER A 3 4.85 -13.30 12.26
N PRO A 4 5.42 -12.48 11.35
CA PRO A 4 5.40 -11.04 11.66
C PRO A 4 4.01 -10.43 11.60
N SER A 5 3.80 -9.42 12.42
CA SER A 5 2.52 -8.72 12.51
C SER A 5 2.25 -7.91 11.24
N VAL A 6 1.00 -7.55 11.02
CA VAL A 6 0.64 -6.76 9.85
C VAL A 6 1.46 -5.50 9.74
N GLU A 7 1.59 -4.79 10.84
CA GLU A 7 2.31 -3.52 10.86
C GLU A 7 3.80 -3.71 10.56
N GLU A 8 4.38 -4.83 10.98
CA GLU A 8 5.78 -5.10 10.70
C GLU A 8 5.92 -5.30 9.20
N LYS A 9 4.94 -6.00 8.64
CA LYS A 9 4.98 -6.33 7.22
C LYS A 9 4.67 -5.09 6.41
N LEU A 10 3.83 -4.26 6.96
CA LEU A 10 3.44 -3.00 6.35
C LEU A 10 4.67 -2.14 6.15
N GLN A 11 5.65 -2.17 7.06
CA GLN A 11 6.85 -1.38 6.87
C GLN A 11 7.53 -1.74 5.54
N LYS A 12 7.55 -3.03 5.22
CA LYS A 12 8.13 -3.48 3.95
C LYS A 12 7.29 -2.96 2.80
N LEU A 13 6.00 -3.25 2.80
CA LEU A 13 5.12 -2.85 1.71
C LEU A 13 5.08 -1.35 1.51
N HIS A 14 4.95 -0.61 2.58
CA HIS A 14 4.89 0.84 2.50
C HIS A 14 6.15 1.34 1.84
N SER A 15 7.31 0.80 2.21
CA SER A 15 8.58 1.24 1.63
C SER A 15 8.65 0.95 0.13
N GLU A 16 8.14 -0.20 -0.28
CA GLU A 16 8.15 -0.54 -1.70
C GLU A 16 7.30 0.43 -2.48
N ILE A 17 6.18 0.86 -1.91
CA ILE A 17 5.32 1.81 -2.60
C ILE A 17 6.15 3.06 -2.87
N LYS A 18 6.93 3.48 -1.89
CA LYS A 18 7.78 4.69 -2.05
C LYS A 18 8.83 4.52 -3.13
N PHE A 19 9.50 3.37 -3.14
CA PHE A 19 10.56 3.08 -4.09
C PHE A 19 10.00 3.00 -5.51
N ALA A 20 8.77 2.53 -5.63
CA ALA A 20 8.11 2.41 -6.91
C ALA A 20 7.80 3.77 -7.54
N LEU A 21 7.84 4.81 -6.74
CA LEU A 21 7.51 6.17 -7.19
C LEU A 21 8.74 7.06 -7.25
N LYS A 22 9.91 6.45 -7.13
CA LYS A 22 11.17 7.18 -7.24
C LYS A 22 11.16 7.92 -8.55
N VAL A 23 11.50 9.19 -8.51
CA VAL A 23 11.60 10.00 -9.73
C VAL A 23 12.70 9.43 -10.61
N ASP A 24 13.78 9.07 -9.94
CA ASP A 24 14.98 8.53 -10.55
C ASP A 24 14.76 7.16 -11.19
N SER A 25 13.85 6.38 -10.63
CA SER A 25 13.63 5.01 -11.10
C SER A 25 12.26 4.46 -10.66
N PRO A 26 11.18 4.88 -11.33
CA PRO A 26 9.88 4.31 -10.93
C PRO A 26 9.71 2.85 -11.37
N ASP A 27 9.04 2.06 -10.55
CA ASP A 27 8.80 0.64 -10.85
C ASP A 27 7.38 0.25 -10.49
N VAL A 28 6.53 0.15 -11.51
CA VAL A 28 5.14 -0.21 -11.30
C VAL A 28 4.96 -1.55 -10.65
N LYS A 29 5.70 -2.55 -11.11
CA LYS A 29 5.59 -3.91 -10.57
C LYS A 29 5.92 -3.89 -9.11
N ARG A 30 6.81 -3.01 -8.72
CA ARG A 30 7.24 -2.96 -7.32
C ARG A 30 6.10 -2.45 -6.47
N CYS A 31 5.40 -1.45 -6.97
CA CYS A 31 4.23 -0.92 -6.28
C CYS A 31 3.16 -2.00 -6.25
N LEU A 32 2.87 -2.63 -7.39
CA LEU A 32 1.79 -3.62 -7.48
C LEU A 32 1.98 -4.78 -6.50
N ASN A 33 3.20 -5.27 -6.41
CA ASN A 33 3.53 -6.36 -5.50
C ASN A 33 3.32 -5.96 -4.03
N ALA A 34 3.68 -4.73 -3.71
CA ALA A 34 3.49 -4.24 -2.35
C ALA A 34 2.01 -4.05 -2.07
N LEU A 35 1.32 -3.43 -3.01
CA LEU A 35 -0.08 -3.20 -2.90
C LEU A 35 -0.83 -4.51 -2.70
N GLU A 36 -0.54 -5.54 -3.48
CA GLU A 36 -1.29 -6.78 -3.38
C GLU A 36 -1.15 -7.46 -2.00
N GLU A 37 0.03 -7.40 -1.39
CA GLU A 37 0.17 -7.99 -0.06
C GLU A 37 -0.61 -7.15 0.93
N LEU A 38 -0.44 -5.83 0.84
CA LEU A 38 -1.12 -4.89 1.74
C LEU A 38 -2.65 -5.09 1.67
N GLY A 39 -3.13 -5.41 0.48
CA GLY A 39 -4.57 -5.61 0.27
C GLY A 39 -5.14 -6.85 0.96
N THR A 40 -4.29 -7.77 1.36
CA THR A 40 -4.74 -9.00 2.02
C THR A 40 -4.37 -8.96 3.50
N LEU A 41 -3.49 -8.03 3.87
CA LEU A 41 -3.08 -7.90 5.27
C LEU A 41 -4.25 -7.36 6.10
N GLN A 42 -4.32 -7.73 7.38
CA GLN A 42 -5.38 -7.21 8.24
C GLN A 42 -5.02 -5.81 8.70
N VAL A 43 -5.32 -4.83 7.88
CA VAL A 43 -5.02 -3.44 8.19
C VAL A 43 -6.29 -2.81 8.74
N THR A 44 -6.89 -3.53 9.68
CA THR A 44 -8.12 -3.11 10.32
C THR A 44 -7.81 -1.86 11.12
N SER A 45 -8.82 -1.22 11.71
CA SER A 45 -8.64 0.07 12.37
C SER A 45 -7.47 0.07 13.36
N GLN A 46 -7.23 -1.04 14.03
CA GLN A 46 -6.10 -1.15 14.95
C GLN A 46 -4.76 -0.78 14.31
N ILE A 47 -4.51 -1.28 13.10
CA ILE A 47 -3.27 -1.00 12.37
C ILE A 47 -3.44 0.30 11.58
N LEU A 48 -4.60 0.48 11.00
CA LEU A 48 -4.85 1.63 10.16
C LEU A 48 -4.68 2.95 10.89
N GLN A 49 -5.09 2.98 12.14
CA GLN A 49 -5.00 4.21 12.95
C GLN A 49 -3.55 4.56 13.23
N LYS A 50 -2.71 3.57 13.41
CA LYS A 50 -1.28 3.82 13.67
C LYS A 50 -0.50 3.97 12.37
N ASN A 51 -1.15 3.72 11.24
CA ASN A 51 -0.49 3.78 9.93
C ASN A 51 -1.24 4.65 8.92
N THR A 52 -1.68 5.81 9.36
CA THR A 52 -2.41 6.74 8.51
C THR A 52 -1.56 7.27 7.36
N ASP A 53 -0.24 7.27 7.52
CA ASP A 53 0.68 7.73 6.46
C ASP A 53 0.62 6.85 5.23
N VAL A 54 0.39 5.58 5.47
CA VAL A 54 0.28 4.62 4.38
C VAL A 54 -0.98 4.93 3.62
N VAL A 55 -2.05 5.21 4.34
CA VAL A 55 -3.33 5.56 3.72
C VAL A 55 -3.14 6.86 2.95
N ALA A 56 -2.35 7.77 3.51
CA ALA A 56 -2.06 9.03 2.85
C ALA A 56 -1.31 8.79 1.54
N THR A 57 -0.42 7.81 1.49
CA THR A 57 0.32 7.52 0.27
C THR A 57 -0.58 6.83 -0.73
N LEU A 58 -1.41 5.92 -0.26
CA LEU A 58 -2.34 5.19 -1.13
C LEU A 58 -3.26 6.16 -1.87
N LYS A 59 -3.64 7.26 -1.21
CA LYS A 59 -4.45 8.29 -1.87
C LYS A 59 -3.68 8.95 -3.03
N LYS A 60 -2.36 9.00 -2.93
CA LYS A 60 -1.52 9.59 -3.98
C LYS A 60 -1.44 8.70 -5.21
N ILE A 61 -1.21 7.41 -4.99
CA ILE A 61 -1.05 6.47 -6.12
C ILE A 61 -2.35 6.06 -6.78
N ARG A 62 -3.46 6.21 -6.09
CA ARG A 62 -4.79 5.92 -6.67
C ARG A 62 -5.10 6.82 -7.85
N ARG A 63 -4.35 7.90 -8.00
CA ARG A 63 -4.49 8.83 -9.13
C ARG A 63 -3.18 8.91 -9.94
N TYR A 64 -2.31 7.92 -9.79
CA TYR A 64 -1.00 7.92 -10.44
C TYR A 64 -1.10 7.89 -11.97
N LYS A 65 -0.63 8.96 -12.60
CA LYS A 65 -0.71 9.09 -14.06
C LYS A 65 0.39 8.39 -14.84
N ALA A 66 1.57 8.23 -14.24
CA ALA A 66 2.71 7.66 -14.96
C ALA A 66 2.51 6.18 -15.29
N ASN A 67 1.72 5.48 -14.49
CA ASN A 67 1.44 4.07 -14.75
C ASN A 67 0.04 3.77 -14.26
N LYS A 68 -0.85 3.43 -15.19
CA LYS A 68 -2.26 3.21 -14.86
C LYS A 68 -2.44 2.03 -13.92
N ASP A 69 -1.66 0.98 -14.10
CA ASP A 69 -1.77 -0.23 -13.29
C ASP A 69 -1.57 0.06 -11.81
N VAL A 70 -0.63 0.94 -11.50
CA VAL A 70 -0.37 1.35 -10.12
C VAL A 70 -1.64 1.93 -9.53
N MET A 71 -2.33 2.79 -10.28
CA MET A 71 -3.55 3.43 -9.82
C MET A 71 -4.63 2.40 -9.59
N GLU A 72 -4.74 1.43 -10.49
CA GLU A 72 -5.75 0.38 -10.37
C GLU A 72 -5.51 -0.46 -9.14
N LYS A 73 -4.29 -0.94 -8.93
CA LYS A 73 -4.04 -1.77 -7.76
C LYS A 73 -4.09 -0.96 -6.48
N ALA A 74 -3.58 0.26 -6.51
CA ALA A 74 -3.60 1.13 -5.34
C ALA A 74 -5.03 1.33 -4.91
N ALA A 75 -5.87 1.50 -5.91
CA ALA A 75 -7.30 1.68 -5.71
C ALA A 75 -7.98 0.48 -5.10
N GLU A 76 -7.77 -0.68 -5.68
CA GLU A 76 -8.38 -1.90 -5.17
C GLU A 76 -7.95 -2.08 -3.72
N VAL A 77 -6.66 -1.86 -3.46
CA VAL A 77 -6.10 -2.04 -2.15
C VAL A 77 -6.64 -1.02 -1.18
N TYR A 78 -6.57 0.25 -1.55
CA TYR A 78 -7.04 1.32 -0.70
C TYR A 78 -8.49 1.06 -0.28
N THR A 79 -9.32 0.66 -1.23
CA THR A 79 -10.73 0.36 -0.99
C THR A 79 -10.89 -0.85 -0.07
N ARG A 80 -10.04 -1.86 -0.24
CA ARG A 80 -10.08 -3.02 0.66
C ARG A 80 -9.85 -2.57 2.09
N LEU A 81 -9.07 -1.51 2.30
CA LEU A 81 -8.74 -1.09 3.67
C LEU A 81 -9.93 -0.39 4.25
N LYS A 82 -10.67 0.28 3.38
CA LYS A 82 -11.89 0.96 3.79
C LYS A 82 -12.89 -0.05 4.32
N SER A 83 -12.95 -1.21 3.69
CA SER A 83 -13.85 -2.28 4.12
C SER A 83 -13.36 -3.01 5.38
N ARG A 84 -12.09 -2.84 5.73
CA ARG A 84 -11.53 -3.48 6.93
C ARG A 84 -11.50 -2.53 8.12
N GLY A 85 -11.83 -1.26 7.89
CA GLY A 85 -11.72 -0.25 8.92
C GLY A 85 -13.03 0.44 9.19
N SER A 86 -12.95 1.48 10.03
CA SER A 86 -14.09 2.29 10.52
C SER A 86 -14.75 1.50 11.63
N ALA A 1 4.11 -12.52 16.00
CA ALA A 1 3.95 -13.96 16.36
C ALA A 1 5.07 -14.77 15.74
N ALA A 2 4.86 -16.05 15.44
CA ALA A 2 5.87 -16.85 14.73
C ALA A 2 6.07 -16.21 13.37
N SER A 3 4.97 -15.72 12.81
CA SER A 3 4.99 -14.93 11.59
C SER A 3 4.86 -13.48 12.04
N PRO A 4 5.48 -12.54 11.32
CA PRO A 4 5.36 -11.13 11.75
C PRO A 4 3.93 -10.59 11.59
N SER A 5 3.59 -9.63 12.43
CA SER A 5 2.27 -9.00 12.45
C SER A 5 2.11 -8.05 11.26
N VAL A 6 0.88 -7.64 10.99
CA VAL A 6 0.60 -6.74 9.85
C VAL A 6 1.45 -5.49 9.88
N GLU A 7 1.55 -4.86 11.03
CA GLU A 7 2.32 -3.64 11.20
C GLU A 7 3.81 -3.84 10.93
N GLU A 8 4.32 -5.02 11.26
CA GLU A 8 5.73 -5.32 11.04
C GLU A 8 5.94 -5.46 9.54
N LYS A 9 4.97 -6.09 8.90
CA LYS A 9 5.04 -6.37 7.47
C LYS A 9 4.80 -5.12 6.65
N LEU A 10 3.98 -4.24 7.20
CA LEU A 10 3.64 -2.98 6.55
C LEU A 10 4.91 -2.24 6.21
N GLN A 11 5.89 -2.28 7.09
CA GLN A 11 7.15 -1.58 6.87
C GLN A 11 7.76 -1.94 5.51
N LYS A 12 7.67 -3.20 5.11
CA LYS A 12 8.16 -3.61 3.79
C LYS A 12 7.29 -3.00 2.70
N LEU A 13 5.99 -3.29 2.72
CA LEU A 13 5.11 -2.85 1.65
C LEU A 13 5.07 -1.36 1.47
N HIS A 14 4.94 -0.62 2.56
CA HIS A 14 4.89 0.82 2.47
C HIS A 14 6.15 1.33 1.83
N SER A 15 7.31 0.77 2.18
CA SER A 15 8.57 1.23 1.60
C SER A 15 8.64 0.95 0.10
N GLU A 16 8.14 -0.20 -0.32
CA GLU A 16 8.14 -0.54 -1.74
C GLU A 16 7.29 0.43 -2.52
N ILE A 17 6.16 0.85 -1.96
CA ILE A 17 5.30 1.79 -2.64
C ILE A 17 6.14 3.04 -2.93
N LYS A 18 6.91 3.47 -1.95
CA LYS A 18 7.74 4.67 -2.10
C LYS A 18 8.80 4.52 -3.19
N PHE A 19 9.48 3.38 -3.19
CA PHE A 19 10.55 3.11 -4.15
C PHE A 19 9.99 3.03 -5.56
N ALA A 20 8.77 2.54 -5.68
CA ALA A 20 8.11 2.41 -6.96
C ALA A 20 7.79 3.77 -7.60
N LEU A 21 7.80 4.82 -6.79
CA LEU A 21 7.46 6.17 -7.24
C LEU A 21 8.66 7.08 -7.31
N LYS A 22 9.85 6.48 -7.20
CA LYS A 22 11.08 7.24 -7.32
C LYS A 22 11.03 7.96 -8.65
N VAL A 23 11.28 9.26 -8.64
CA VAL A 23 11.29 10.05 -9.87
C VAL A 23 12.41 9.53 -10.77
N ASP A 24 13.53 9.26 -10.13
CA ASP A 24 14.73 8.77 -10.77
C ASP A 24 14.61 7.35 -11.32
N SER A 25 13.72 6.55 -10.73
CA SER A 25 13.57 5.14 -11.12
C SER A 25 12.20 4.55 -10.73
N PRO A 26 11.12 4.94 -11.44
CA PRO A 26 9.85 4.35 -11.02
C PRO A 26 9.71 2.89 -11.44
N ASP A 27 9.06 2.10 -10.60
CA ASP A 27 8.86 0.66 -10.86
C ASP A 27 7.43 0.26 -10.51
N VAL A 28 6.58 0.20 -11.51
CA VAL A 28 5.18 -0.18 -11.31
C VAL A 28 5.03 -1.53 -10.66
N LYS A 29 5.75 -2.53 -11.14
CA LYS A 29 5.62 -3.89 -10.61
C LYS A 29 5.93 -3.89 -9.14
N ARG A 30 6.82 -3.00 -8.74
CA ARG A 30 7.24 -2.98 -7.32
C ARG A 30 6.09 -2.45 -6.49
N CYS A 31 5.41 -1.44 -6.99
CA CYS A 31 4.24 -0.90 -6.31
C CYS A 31 3.17 -1.99 -6.29
N LEU A 32 2.89 -2.60 -7.43
CA LEU A 32 1.82 -3.61 -7.53
C LEU A 32 2.03 -4.75 -6.56
N ASN A 33 3.26 -5.23 -6.45
CA ASN A 33 3.55 -6.33 -5.52
C ASN A 33 3.34 -5.92 -4.07
N ALA A 34 3.71 -4.69 -3.74
CA ALA A 34 3.51 -4.18 -2.40
C ALA A 34 2.03 -4.09 -2.11
N LEU A 35 1.32 -3.48 -3.04
CA LEU A 35 -0.10 -3.30 -2.96
C LEU A 35 -0.81 -4.66 -2.81
N GLU A 36 -0.40 -5.68 -3.57
CA GLU A 36 -1.10 -6.97 -3.49
C GLU A 36 -1.03 -7.58 -2.08
N GLU A 37 0.09 -7.44 -1.38
CA GLU A 37 0.16 -8.00 -0.03
C GLU A 37 -0.64 -7.12 0.92
N LEU A 38 -0.52 -5.80 0.75
CA LEU A 38 -1.25 -4.84 1.58
C LEU A 38 -2.77 -5.10 1.49
N GLY A 39 -3.21 -5.52 0.31
CA GLY A 39 -4.62 -5.79 0.08
C GLY A 39 -5.18 -6.95 0.88
N THR A 40 -4.33 -7.83 1.38
CA THR A 40 -4.79 -9.00 2.15
C THR A 40 -4.40 -8.89 3.62
N LEU A 41 -3.49 -7.97 3.93
CA LEU A 41 -3.06 -7.77 5.31
C LEU A 41 -4.24 -7.24 6.14
N GLN A 42 -4.33 -7.65 7.41
CA GLN A 42 -5.40 -7.15 8.28
C GLN A 42 -5.08 -5.75 8.75
N VAL A 43 -5.42 -4.79 7.95
CA VAL A 43 -5.14 -3.40 8.25
C VAL A 43 -6.41 -2.78 8.86
N THR A 44 -6.97 -3.49 9.81
CA THR A 44 -8.19 -3.06 10.48
C THR A 44 -7.85 -1.80 11.27
N SER A 45 -8.84 -1.13 11.85
CA SER A 45 -8.62 0.15 12.51
C SER A 45 -7.45 0.14 13.49
N GLN A 46 -7.21 -0.98 14.14
CA GLN A 46 -6.09 -1.09 15.07
C GLN A 46 -4.76 -0.73 14.39
N ILE A 47 -4.55 -1.23 13.18
CA ILE A 47 -3.33 -0.94 12.43
C ILE A 47 -3.51 0.35 11.66
N LEU A 48 -4.67 0.54 11.07
CA LEU A 48 -4.90 1.69 10.23
C LEU A 48 -4.74 3.01 10.96
N GLN A 49 -5.16 3.05 12.21
CA GLN A 49 -5.07 4.27 13.01
C GLN A 49 -3.63 4.63 13.32
N LYS A 50 -2.77 3.63 13.44
CA LYS A 50 -1.34 3.89 13.71
C LYS A 50 -0.57 4.02 12.40
N ASN A 51 -1.24 3.80 11.28
CA ASN A 51 -0.62 3.88 9.95
C ASN A 51 -1.41 4.78 8.99
N THR A 52 -1.81 5.95 9.46
CA THR A 52 -2.57 6.88 8.62
C THR A 52 -1.74 7.41 7.45
N ASP A 53 -0.42 7.42 7.57
CA ASP A 53 0.47 7.88 6.49
C ASP A 53 0.46 6.93 5.31
N VAL A 54 0.21 5.68 5.61
CA VAL A 54 0.15 4.65 4.60
C VAL A 54 -1.08 4.94 3.77
N VAL A 55 -2.17 5.24 4.45
CA VAL A 55 -3.43 5.58 3.79
C VAL A 55 -3.23 6.86 2.99
N ALA A 56 -2.45 7.78 3.55
CA ALA A 56 -2.14 9.02 2.87
C ALA A 56 -1.36 8.76 1.58
N THR A 57 -0.50 7.75 1.54
CA THR A 57 0.27 7.47 0.34
C THR A 57 -0.60 6.76 -0.66
N LEU A 58 -1.45 5.86 -0.18
CA LEU A 58 -2.37 5.13 -1.07
C LEU A 58 -3.26 6.09 -1.85
N LYS A 59 -3.65 7.19 -1.21
CA LYS A 59 -4.43 8.22 -1.90
C LYS A 59 -3.62 8.88 -3.03
N LYS A 60 -2.30 8.93 -2.89
CA LYS A 60 -1.43 9.52 -3.93
C LYS A 60 -1.30 8.62 -5.14
N ILE A 61 -1.14 7.33 -4.92
CA ILE A 61 -0.96 6.39 -6.04
C ILE A 61 -2.25 6.02 -6.76
N ARG A 62 -3.37 6.16 -6.09
CA ARG A 62 -4.69 5.90 -6.71
C ARG A 62 -4.96 6.83 -7.88
N ARG A 63 -4.21 7.92 -7.96
CA ARG A 63 -4.32 8.90 -9.04
C ARG A 63 -3.01 9.00 -9.84
N TYR A 64 -2.16 7.99 -9.72
CA TYR A 64 -0.85 8.00 -10.37
C TYR A 64 -0.94 7.95 -11.90
N LYS A 65 -0.58 9.05 -12.55
CA LYS A 65 -0.69 9.15 -14.01
C LYS A 65 0.34 8.37 -14.81
N ALA A 66 1.54 8.19 -14.27
CA ALA A 66 2.61 7.54 -15.04
C ALA A 66 2.29 6.09 -15.38
N ASN A 67 1.73 5.37 -14.42
CA ASN A 67 1.41 3.96 -14.62
C ASN A 67 -0.02 3.69 -14.17
N LYS A 68 -0.92 3.45 -15.13
CA LYS A 68 -2.31 3.16 -14.83
C LYS A 68 -2.45 2.00 -13.86
N ASP A 69 -1.66 0.95 -14.08
CA ASP A 69 -1.73 -0.25 -13.24
C ASP A 69 -1.55 0.07 -11.75
N VAL A 70 -0.59 0.94 -11.45
CA VAL A 70 -0.37 1.36 -10.06
C VAL A 70 -1.64 1.97 -9.50
N MET A 71 -2.30 2.82 -10.27
CA MET A 71 -3.53 3.46 -9.83
C MET A 71 -4.59 2.41 -9.60
N GLU A 72 -4.73 1.45 -10.50
CA GLU A 72 -5.75 0.42 -10.32
C GLU A 72 -5.47 -0.46 -9.11
N LYS A 73 -4.24 -0.93 -8.95
CA LYS A 73 -3.97 -1.79 -7.80
C LYS A 73 -4.05 -1.01 -6.49
N ALA A 74 -3.56 0.22 -6.49
CA ALA A 74 -3.61 1.07 -5.30
C ALA A 74 -5.05 1.26 -4.90
N ALA A 75 -5.88 1.44 -5.90
CA ALA A 75 -7.32 1.64 -5.72
C ALA A 75 -8.00 0.42 -5.14
N GLU A 76 -7.74 -0.74 -5.70
CA GLU A 76 -8.36 -1.97 -5.22
C GLU A 76 -7.98 -2.16 -3.76
N VAL A 77 -6.71 -1.91 -3.45
CA VAL A 77 -6.19 -2.07 -2.10
C VAL A 77 -6.75 -1.04 -1.16
N TYR A 78 -6.66 0.22 -1.53
CA TYR A 78 -7.11 1.31 -0.68
C TYR A 78 -8.56 1.10 -0.25
N THR A 79 -9.41 0.74 -1.20
CA THR A 79 -10.83 0.51 -0.94
C THR A 79 -11.03 -0.70 -0.04
N ARG A 80 -10.18 -1.71 -0.19
CA ARG A 80 -10.25 -2.87 0.70
C ARG A 80 -9.98 -2.45 2.13
N LEU A 81 -9.19 -1.40 2.33
CA LEU A 81 -8.80 -1.02 3.69
C LEU A 81 -9.97 -0.32 4.31
N LYS A 82 -10.72 0.36 3.48
CA LYS A 82 -11.92 1.08 3.90
C LYS A 82 -12.97 0.14 4.47
N SER A 83 -12.95 -1.09 3.99
CA SER A 83 -13.83 -2.12 4.47
C SER A 83 -13.33 -2.76 5.78
N ARG A 84 -12.11 -2.42 6.20
CA ARG A 84 -11.51 -2.95 7.43
C ARG A 84 -11.33 -1.88 8.52
N GLY A 85 -11.26 -0.62 8.10
CA GLY A 85 -11.07 0.49 9.04
C GLY A 85 -11.34 1.81 8.36
N SER A 86 -11.54 2.86 9.14
CA SER A 86 -11.88 4.19 8.61
C SER A 86 -10.80 4.77 7.70
N ALA A 1 9.19 -17.57 6.45
CA ALA A 1 9.74 -17.89 7.81
C ALA A 1 9.30 -16.83 8.80
N ALA A 2 9.23 -17.21 10.07
CA ALA A 2 8.74 -16.35 11.17
C ALA A 2 7.27 -15.94 10.94
N SER A 3 6.72 -15.19 11.89
CA SER A 3 5.33 -14.74 11.81
C SER A 3 5.19 -13.26 12.13
N PRO A 4 5.70 -12.37 11.26
CA PRO A 4 5.58 -10.94 11.60
C PRO A 4 4.15 -10.41 11.50
N SER A 5 3.84 -9.45 12.35
CA SER A 5 2.52 -8.82 12.40
C SER A 5 2.25 -7.99 11.14
N VAL A 6 0.99 -7.64 10.92
CA VAL A 6 0.63 -6.82 9.75
C VAL A 6 1.44 -5.55 9.68
N GLU A 7 1.52 -4.84 10.79
CA GLU A 7 2.23 -3.57 10.84
C GLU A 7 3.72 -3.74 10.52
N GLU A 8 4.30 -4.87 10.91
CA GLU A 8 5.72 -5.13 10.64
C GLU A 8 5.89 -5.32 9.15
N LYS A 9 4.95 -6.04 8.56
CA LYS A 9 5.02 -6.34 7.13
C LYS A 9 4.73 -5.09 6.33
N LEU A 10 3.83 -4.29 6.88
CA LEU A 10 3.43 -3.02 6.29
C LEU A 10 4.64 -2.13 6.15
N GLN A 11 5.59 -2.17 7.06
CA GLN A 11 6.79 -1.35 6.91
C GLN A 11 7.47 -1.66 5.57
N LYS A 12 7.55 -2.94 5.22
CA LYS A 12 8.16 -3.31 3.94
C LYS A 12 7.28 -2.85 2.78
N LEU A 13 6.01 -3.22 2.77
CA LEU A 13 5.12 -2.86 1.68
C LEU A 13 5.04 -1.36 1.48
N HIS A 14 4.89 -0.62 2.56
CA HIS A 14 4.82 0.84 2.47
C HIS A 14 6.08 1.35 1.82
N SER A 15 7.24 0.84 2.22
CA SER A 15 8.52 1.30 1.66
C SER A 15 8.62 0.98 0.17
N GLU A 16 8.12 -0.17 -0.26
CA GLU A 16 8.15 -0.51 -1.68
C GLU A 16 7.30 0.45 -2.47
N ILE A 17 6.17 0.87 -1.91
CA ILE A 17 5.32 1.80 -2.61
C ILE A 17 6.16 3.06 -2.85
N LYS A 18 6.92 3.47 -1.85
CA LYS A 18 7.78 4.67 -1.98
C LYS A 18 8.88 4.49 -3.04
N PHE A 19 9.51 3.34 -3.07
CA PHE A 19 10.58 3.07 -4.04
C PHE A 19 10.01 3.02 -5.46
N ALA A 20 8.79 2.52 -5.59
CA ALA A 20 8.14 2.41 -6.88
C ALA A 20 7.82 3.77 -7.49
N LEU A 21 7.86 4.81 -6.67
CA LEU A 21 7.54 6.17 -7.09
C LEU A 21 8.75 7.07 -7.09
N LYS A 22 9.93 6.49 -6.96
CA LYS A 22 11.17 7.27 -7.00
C LYS A 22 11.19 7.97 -8.32
N VAL A 23 11.49 9.24 -8.26
CA VAL A 23 11.61 10.05 -9.45
C VAL A 23 12.83 9.64 -10.24
N ASP A 24 13.71 8.90 -9.59
CA ASP A 24 14.97 8.45 -10.20
C ASP A 24 14.79 7.07 -10.84
N SER A 25 13.80 6.33 -10.36
CA SER A 25 13.57 4.95 -10.81
C SER A 25 12.15 4.45 -10.50
N PRO A 26 11.13 4.92 -11.23
CA PRO A 26 9.83 4.36 -10.87
C PRO A 26 9.68 2.91 -11.34
N ASP A 27 9.02 2.08 -10.53
CA ASP A 27 8.80 0.66 -10.87
C ASP A 27 7.39 0.25 -10.52
N VAL A 28 6.53 0.18 -11.51
CA VAL A 28 5.14 -0.19 -11.30
C VAL A 28 4.99 -1.54 -10.64
N LYS A 29 5.73 -2.53 -11.10
CA LYS A 29 5.62 -3.90 -10.59
C LYS A 29 5.92 -3.89 -9.11
N ARG A 30 6.80 -3.00 -8.73
CA ARG A 30 7.24 -2.94 -7.33
C ARG A 30 6.12 -2.40 -6.47
N CYS A 31 5.41 -1.41 -6.99
CA CYS A 31 4.25 -0.89 -6.30
C CYS A 31 3.17 -1.97 -6.25
N LEU A 32 2.87 -2.59 -7.39
CA LEU A 32 1.81 -3.60 -7.47
C LEU A 32 2.03 -4.74 -6.50
N ASN A 33 3.27 -5.21 -6.40
CA ASN A 33 3.61 -6.31 -5.51
C ASN A 33 3.44 -5.93 -4.04
N ALA A 34 3.70 -4.67 -3.71
CA ALA A 34 3.50 -4.21 -2.35
C ALA A 34 2.01 -4.08 -2.09
N LEU A 35 1.32 -3.47 -3.03
CA LEU A 35 -0.11 -3.29 -2.95
C LEU A 35 -0.84 -4.62 -2.77
N GLU A 36 -0.50 -5.65 -3.54
CA GLU A 36 -1.23 -6.92 -3.45
C GLU A 36 -1.15 -7.55 -2.05
N GLU A 37 -0.02 -7.43 -1.37
CA GLU A 37 0.09 -7.97 -0.02
C GLU A 37 -0.71 -7.09 0.93
N LEU A 38 -0.52 -5.77 0.82
CA LEU A 38 -1.21 -4.82 1.69
C LEU A 38 -2.73 -5.00 1.60
N GLY A 39 -3.22 -5.33 0.41
CA GLY A 39 -4.65 -5.53 0.20
C GLY A 39 -5.24 -6.73 0.90
N THR A 40 -4.39 -7.68 1.31
CA THR A 40 -4.88 -8.89 1.98
C THR A 40 -4.51 -8.85 3.46
N LEU A 41 -3.61 -7.95 3.84
CA LEU A 41 -3.19 -7.83 5.23
C LEU A 41 -4.35 -7.32 6.09
N GLN A 42 -4.41 -7.73 7.35
CA GLN A 42 -5.46 -7.24 8.24
C GLN A 42 -5.09 -5.84 8.72
N VAL A 43 -5.40 -4.87 7.92
CA VAL A 43 -5.10 -3.49 8.22
C VAL A 43 -6.36 -2.84 8.80
N THR A 44 -6.93 -3.54 9.76
CA THR A 44 -8.15 -3.10 10.41
C THR A 44 -7.81 -1.83 11.21
N SER A 45 -8.80 -1.17 11.78
CA SER A 45 -8.58 0.12 12.46
C SER A 45 -7.42 0.12 13.43
N GLN A 46 -7.17 -1.00 14.08
CA GLN A 46 -6.04 -1.14 15.01
C GLN A 46 -4.71 -0.77 14.34
N ILE A 47 -4.50 -1.26 13.12
CA ILE A 47 -3.28 -1.02 12.37
C ILE A 47 -3.42 0.27 11.57
N LEU A 48 -4.58 0.45 10.97
CA LEU A 48 -4.81 1.60 10.10
C LEU A 48 -4.61 2.92 10.79
N GLN A 49 -5.06 3.02 12.03
CA GLN A 49 -4.98 4.28 12.76
C GLN A 49 -3.54 4.61 13.13
N LYS A 50 -2.71 3.59 13.34
CA LYS A 50 -1.29 3.82 13.65
C LYS A 50 -0.45 3.89 12.38
N ASN A 51 -1.06 3.59 11.23
CA ASN A 51 -0.34 3.60 9.95
C ASN A 51 -1.06 4.48 8.91
N THR A 52 -1.54 5.63 9.36
CA THR A 52 -2.25 6.56 8.49
C THR A 52 -1.40 7.12 7.35
N ASP A 53 -0.08 7.13 7.51
CA ASP A 53 0.82 7.60 6.45
C ASP A 53 0.74 6.73 5.20
N VAL A 54 0.46 5.45 5.39
CA VAL A 54 0.34 4.54 4.27
C VAL A 54 -0.94 4.89 3.54
N VAL A 55 -1.99 5.15 4.30
CA VAL A 55 -3.28 5.52 3.73
C VAL A 55 -3.11 6.83 2.97
N ALA A 56 -2.31 7.73 3.52
CA ALA A 56 -2.03 9.01 2.89
C ALA A 56 -1.29 8.80 1.57
N THR A 57 -0.45 7.77 1.48
CA THR A 57 0.29 7.50 0.27
C THR A 57 -0.58 6.81 -0.74
N LEU A 58 -1.43 5.89 -0.29
CA LEU A 58 -2.34 5.18 -1.17
C LEU A 58 -3.26 6.14 -1.92
N LYS A 59 -3.65 7.22 -1.26
CA LYS A 59 -4.44 8.26 -1.92
C LYS A 59 -3.67 8.94 -3.06
N LYS A 60 -2.34 8.98 -2.96
CA LYS A 60 -1.49 9.58 -4.01
C LYS A 60 -1.39 8.68 -5.23
N ILE A 61 -1.20 7.38 -5.01
CA ILE A 61 -1.02 6.45 -6.14
C ILE A 61 -2.32 6.04 -6.82
N ARG A 62 -3.45 6.20 -6.14
CA ARG A 62 -4.75 5.91 -6.73
C ARG A 62 -5.09 6.82 -7.90
N ARG A 63 -4.31 7.89 -8.06
CA ARG A 63 -4.45 8.83 -9.19
C ARG A 63 -3.15 8.91 -10.00
N TYR A 64 -2.29 7.91 -9.87
CA TYR A 64 -0.99 7.89 -10.53
C TYR A 64 -1.12 7.81 -12.07
N LYS A 65 -0.60 8.83 -12.75
CA LYS A 65 -0.72 8.90 -14.21
C LYS A 65 0.33 8.13 -15.00
N ALA A 66 1.53 7.97 -14.45
CA ALA A 66 2.63 7.33 -15.20
C ALA A 66 2.30 5.89 -15.54
N ASN A 67 1.71 5.18 -14.59
CA ASN A 67 1.35 3.79 -14.78
C ASN A 67 -0.07 3.59 -14.30
N LYS A 68 -0.98 3.30 -15.24
CA LYS A 68 -2.39 3.11 -14.88
C LYS A 68 -2.53 1.93 -13.92
N ASP A 69 -1.73 0.89 -14.10
CA ASP A 69 -1.80 -0.30 -13.25
C ASP A 69 -1.61 0.03 -11.77
N VAL A 70 -0.66 0.91 -11.47
CA VAL A 70 -0.42 1.32 -10.09
C VAL A 70 -1.69 1.93 -9.52
N MET A 71 -2.37 2.76 -10.31
CA MET A 71 -3.60 3.40 -9.87
C MET A 71 -4.69 2.37 -9.65
N GLU A 72 -4.77 1.39 -10.53
CA GLU A 72 -5.76 0.32 -10.42
C GLU A 72 -5.53 -0.49 -9.15
N LYS A 73 -4.31 -0.97 -8.94
CA LYS A 73 -4.06 -1.79 -7.76
C LYS A 73 -4.12 -0.97 -6.48
N ALA A 74 -3.61 0.25 -6.51
CA ALA A 74 -3.64 1.13 -5.33
C ALA A 74 -5.08 1.33 -4.91
N ALA A 75 -5.92 1.48 -5.92
CA ALA A 75 -7.36 1.65 -5.71
C ALA A 75 -8.04 0.45 -5.10
N GLU A 76 -7.78 -0.73 -5.65
CA GLU A 76 -8.39 -1.94 -5.14
C GLU A 76 -7.96 -2.11 -3.68
N VAL A 77 -6.69 -1.85 -3.41
CA VAL A 77 -6.13 -2.01 -2.09
C VAL A 77 -6.65 -0.96 -1.13
N TYR A 78 -6.60 0.30 -1.53
CA TYR A 78 -7.03 1.38 -0.67
C TYR A 78 -8.46 1.16 -0.22
N THR A 79 -9.33 0.79 -1.14
CA THR A 79 -10.74 0.52 -0.84
C THR A 79 -10.89 -0.71 0.03
N ARG A 80 -10.02 -1.69 -0.15
CA ARG A 80 -10.01 -2.87 0.71
C ARG A 80 -9.73 -2.46 2.15
N LEU A 81 -9.00 -1.37 2.37
CA LEU A 81 -8.63 -1.00 3.72
C LEU A 81 -9.83 -0.39 4.37
N LYS A 82 -10.60 0.32 3.58
CA LYS A 82 -11.84 0.95 4.01
C LYS A 82 -12.86 -0.08 4.43
N SER A 83 -12.75 -1.25 3.84
CA SER A 83 -13.61 -2.37 4.14
C SER A 83 -13.15 -3.12 5.40
N ARG A 84 -11.97 -2.77 5.91
CA ARG A 84 -11.40 -3.41 7.12
C ARG A 84 -11.31 -2.45 8.31
N GLY A 85 -11.25 -1.16 8.04
CA GLY A 85 -11.11 -0.17 9.09
C GLY A 85 -11.48 1.22 8.60
N SER A 86 -11.67 2.13 9.54
CA SER A 86 -12.09 3.51 9.26
C SER A 86 -11.09 4.26 8.39
N ALA A 1 11.83 -16.95 15.39
CA ALA A 1 10.86 -15.92 15.84
C ALA A 1 9.48 -16.25 15.31
N ALA A 2 8.46 -15.50 15.73
CA ALA A 2 7.11 -15.70 15.22
C ALA A 2 7.05 -15.06 13.83
N SER A 3 5.95 -15.27 13.12
CA SER A 3 5.76 -14.65 11.82
C SER A 3 5.52 -13.17 12.06
N PRO A 4 6.01 -12.28 11.16
CA PRO A 4 5.80 -10.86 11.43
C PRO A 4 4.34 -10.41 11.34
N SER A 5 3.99 -9.45 12.18
CA SER A 5 2.65 -8.87 12.23
C SER A 5 2.36 -8.01 11.01
N VAL A 6 1.10 -7.65 10.81
CA VAL A 6 0.72 -6.83 9.66
C VAL A 6 1.52 -5.57 9.55
N GLU A 7 1.64 -4.84 10.64
CA GLU A 7 2.37 -3.59 10.65
C GLU A 7 3.85 -3.79 10.34
N GLU A 8 4.44 -4.89 10.78
CA GLU A 8 5.84 -5.18 10.50
C GLU A 8 5.99 -5.37 9.02
N LYS A 9 5.01 -6.04 8.43
CA LYS A 9 5.05 -6.33 7.00
C LYS A 9 4.74 -5.08 6.21
N LEU A 10 3.86 -4.28 6.75
CA LEU A 10 3.46 -3.00 6.17
C LEU A 10 4.69 -2.12 6.04
N GLN A 11 5.62 -2.18 6.97
CA GLN A 11 6.84 -1.37 6.88
C GLN A 11 7.54 -1.66 5.55
N LYS A 12 7.58 -2.93 5.15
CA LYS A 12 8.19 -3.30 3.87
C LYS A 12 7.32 -2.82 2.73
N LEU A 13 6.04 -3.15 2.72
CA LEU A 13 5.15 -2.76 1.65
C LEU A 13 5.08 -1.26 1.44
N HIS A 14 4.94 -0.50 2.51
CA HIS A 14 4.86 0.94 2.40
C HIS A 14 6.14 1.45 1.74
N SER A 15 7.29 0.89 2.13
CA SER A 15 8.57 1.30 1.55
C SER A 15 8.63 0.95 0.06
N GLU A 16 8.15 -0.22 -0.32
CA GLU A 16 8.14 -0.60 -1.74
C GLU A 16 7.28 0.34 -2.54
N ILE A 17 6.12 0.71 -2.01
CA ILE A 17 5.26 1.65 -2.69
C ILE A 17 6.08 2.90 -2.97
N LYS A 18 6.80 3.38 -1.98
CA LYS A 18 7.57 4.61 -2.12
C LYS A 18 8.74 4.48 -3.09
N PHE A 19 9.39 3.34 -3.10
CA PHE A 19 10.50 3.10 -4.03
C PHE A 19 9.97 3.02 -5.45
N ALA A 20 8.76 2.53 -5.61
CA ALA A 20 8.12 2.41 -6.92
C ALA A 20 7.81 3.78 -7.53
N LEU A 21 7.80 4.80 -6.69
CA LEU A 21 7.48 6.17 -7.13
C LEU A 21 8.72 7.04 -7.19
N LYS A 22 9.89 6.43 -7.10
CA LYS A 22 11.15 7.15 -7.21
C LYS A 22 11.10 7.89 -8.54
N VAL A 23 11.38 9.18 -8.51
CA VAL A 23 11.45 9.98 -9.74
C VAL A 23 12.58 9.43 -10.60
N ASP A 24 13.65 9.10 -9.89
CA ASP A 24 14.88 8.57 -10.44
C ASP A 24 14.73 7.19 -11.09
N SER A 25 13.77 6.41 -10.59
CA SER A 25 13.53 5.05 -11.09
C SER A 25 12.15 4.51 -10.72
N PRO A 26 11.09 4.96 -11.40
CA PRO A 26 9.81 4.38 -10.99
C PRO A 26 9.64 2.94 -11.47
N ASP A 27 9.01 2.11 -10.63
CA ASP A 27 8.79 0.69 -10.93
C ASP A 27 7.38 0.29 -10.56
N VAL A 28 6.51 0.20 -11.55
CA VAL A 28 5.12 -0.14 -11.29
C VAL A 28 4.96 -1.48 -10.64
N LYS A 29 5.64 -2.50 -11.15
CA LYS A 29 5.55 -3.85 -10.62
C LYS A 29 5.91 -3.85 -9.15
N ARG A 30 6.80 -2.97 -8.76
CA ARG A 30 7.25 -2.95 -7.37
C ARG A 30 6.12 -2.44 -6.49
N CYS A 31 5.41 -1.44 -6.97
CA CYS A 31 4.25 -0.93 -6.27
C CYS A 31 3.17 -2.01 -6.23
N LEU A 32 2.87 -2.64 -7.36
CA LEU A 32 1.80 -3.65 -7.44
C LEU A 32 2.01 -4.78 -6.46
N ASN A 33 3.23 -5.27 -6.37
CA ASN A 33 3.59 -6.35 -5.44
C ASN A 33 3.36 -5.94 -3.99
N ALA A 34 3.67 -4.70 -3.67
CA ALA A 34 3.46 -4.21 -2.32
C ALA A 34 1.98 -4.07 -2.05
N LEU A 35 1.29 -3.44 -2.99
CA LEU A 35 -0.13 -3.24 -2.91
C LEU A 35 -0.86 -4.57 -2.71
N GLU A 36 -0.54 -5.58 -3.49
CA GLU A 36 -1.29 -6.84 -3.38
C GLU A 36 -1.15 -7.51 -2.01
N GLU A 37 0.01 -7.42 -1.36
CA GLU A 37 0.14 -7.99 -0.02
C GLU A 37 -0.67 -7.12 0.94
N LEU A 38 -0.50 -5.81 0.84
CA LEU A 38 -1.19 -4.86 1.72
C LEU A 38 -2.71 -5.06 1.62
N GLY A 39 -3.18 -5.41 0.43
CA GLY A 39 -4.60 -5.62 0.21
C GLY A 39 -5.19 -6.83 0.92
N THR A 40 -4.35 -7.74 1.38
CA THR A 40 -4.82 -8.94 2.07
C THR A 40 -4.43 -8.89 3.56
N LEU A 41 -3.56 -7.95 3.91
CA LEU A 41 -3.13 -7.82 5.30
C LEU A 41 -4.28 -7.27 6.15
N GLN A 42 -4.35 -7.68 7.42
CA GLN A 42 -5.39 -7.17 8.32
C GLN A 42 -5.00 -5.78 8.79
N VAL A 43 -5.31 -4.81 7.99
CA VAL A 43 -4.99 -3.42 8.29
C VAL A 43 -6.25 -2.79 8.86
N THR A 44 -6.86 -3.52 9.77
CA THR A 44 -8.11 -3.11 10.40
C THR A 44 -7.80 -1.87 11.22
N SER A 45 -8.81 -1.18 11.71
CA SER A 45 -8.63 0.09 12.41
C SER A 45 -7.54 0.07 13.48
N GLN A 46 -7.32 -1.08 14.10
CA GLN A 46 -6.25 -1.22 15.08
C GLN A 46 -4.89 -0.80 14.48
N ILE A 47 -4.57 -1.31 13.28
CA ILE A 47 -3.32 -1.01 12.60
C ILE A 47 -3.48 0.28 11.81
N LEU A 48 -4.63 0.45 11.19
CA LEU A 48 -4.86 1.58 10.33
C LEU A 48 -4.73 2.91 11.04
N GLN A 49 -5.15 2.95 12.29
CA GLN A 49 -5.11 4.20 13.07
C GLN A 49 -3.67 4.63 13.34
N LYS A 50 -2.81 3.64 13.49
CA LYS A 50 -1.39 3.87 13.76
C LYS A 50 -0.57 3.90 12.47
N ASN A 51 -1.23 3.70 11.33
CA ASN A 51 -0.55 3.74 10.03
C ASN A 51 -1.31 4.60 9.01
N THR A 52 -1.78 5.75 9.44
CA THR A 52 -2.53 6.66 8.58
C THR A 52 -1.69 7.21 7.42
N ASP A 53 -0.38 7.27 7.59
CA ASP A 53 0.52 7.75 6.53
C ASP A 53 0.49 6.85 5.31
N VAL A 54 0.29 5.56 5.53
CA VAL A 54 0.23 4.63 4.41
C VAL A 54 -1.03 4.93 3.64
N VAL A 55 -2.11 5.21 4.34
CA VAL A 55 -3.38 5.54 3.70
C VAL A 55 -3.18 6.85 2.92
N ALA A 56 -2.40 7.75 3.49
CA ALA A 56 -2.10 9.01 2.82
C ALA A 56 -1.34 8.75 1.51
N THR A 57 -0.44 7.78 1.48
CA THR A 57 0.31 7.50 0.27
C THR A 57 -0.56 6.77 -0.74
N LEU A 58 -1.41 5.88 -0.27
CA LEU A 58 -2.32 5.17 -1.17
C LEU A 58 -3.22 6.14 -1.93
N LYS A 59 -3.59 7.24 -1.29
CA LYS A 59 -4.38 8.28 -1.98
C LYS A 59 -3.57 8.93 -3.10
N LYS A 60 -2.25 8.97 -2.97
CA LYS A 60 -1.37 9.57 -3.99
C LYS A 60 -1.27 8.68 -5.22
N ILE A 61 -1.12 7.37 -5.02
CA ILE A 61 -0.99 6.44 -6.15
C ILE A 61 -2.30 6.10 -6.83
N ARG A 62 -3.42 6.22 -6.14
CA ARG A 62 -4.73 5.97 -6.73
C ARG A 62 -5.05 6.96 -7.87
N ARG A 63 -4.26 8.02 -7.95
CA ARG A 63 -4.38 9.03 -9.02
C ARG A 63 -3.10 9.12 -9.86
N TYR A 64 -2.27 8.09 -9.79
CA TYR A 64 -0.96 8.07 -10.46
C TYR A 64 -1.08 8.01 -11.99
N LYS A 65 -0.80 9.13 -12.65
CA LYS A 65 -0.89 9.19 -14.11
C LYS A 65 0.27 8.52 -14.84
N ALA A 66 1.41 8.38 -14.18
CA ALA A 66 2.58 7.80 -14.83
C ALA A 66 2.40 6.31 -15.13
N ASN A 67 1.54 5.62 -14.38
CA ASN A 67 1.23 4.23 -14.70
C ASN A 67 -0.18 3.84 -14.26
N LYS A 68 -0.95 3.31 -15.20
CA LYS A 68 -2.33 2.92 -14.94
C LYS A 68 -2.41 1.84 -13.88
N ASP A 69 -1.64 0.78 -14.05
CA ASP A 69 -1.74 -0.39 -13.15
C ASP A 69 -1.51 0.01 -11.70
N VAL A 70 -0.55 0.90 -11.47
CA VAL A 70 -0.27 1.41 -10.13
C VAL A 70 -1.54 2.01 -9.53
N MET A 71 -2.25 2.81 -10.31
CA MET A 71 -3.48 3.45 -9.85
C MET A 71 -4.55 2.42 -9.62
N GLU A 72 -4.71 1.46 -10.51
CA GLU A 72 -5.72 0.42 -10.34
C GLU A 72 -5.48 -0.45 -9.13
N LYS A 73 -4.25 -0.94 -8.94
CA LYS A 73 -3.99 -1.78 -7.79
C LYS A 73 -4.05 -0.98 -6.50
N ALA A 74 -3.56 0.25 -6.53
CA ALA A 74 -3.61 1.12 -5.36
C ALA A 74 -5.04 1.30 -4.95
N ALA A 75 -5.88 1.48 -5.93
CA ALA A 75 -7.30 1.66 -5.74
C ALA A 75 -7.98 0.46 -5.12
N GLU A 76 -7.76 -0.70 -5.69
CA GLU A 76 -8.38 -1.91 -5.18
C GLU A 76 -7.95 -2.09 -3.72
N VAL A 77 -6.67 -1.90 -3.45
CA VAL A 77 -6.12 -2.09 -2.13
C VAL A 77 -6.64 -1.06 -1.17
N TYR A 78 -6.57 0.21 -1.54
CA TYR A 78 -7.03 1.29 -0.69
C TYR A 78 -8.47 1.04 -0.27
N THR A 79 -9.30 0.64 -1.22
CA THR A 79 -10.71 0.35 -0.96
C THR A 79 -10.87 -0.86 -0.05
N ARG A 80 -10.04 -1.88 -0.22
CA ARG A 80 -10.06 -3.04 0.69
C ARG A 80 -9.82 -2.59 2.13
N LEU A 81 -9.04 -1.54 2.32
CA LEU A 81 -8.71 -1.10 3.69
C LEU A 81 -9.89 -0.39 4.26
N LYS A 82 -10.64 0.28 3.39
CA LYS A 82 -11.85 0.99 3.80
C LYS A 82 -12.85 0.00 4.35
N SER A 83 -12.91 -1.17 3.72
CA SER A 83 -13.80 -2.25 4.16
C SER A 83 -13.36 -2.89 5.49
N ARG A 84 -12.17 -2.54 5.97
CA ARG A 84 -11.66 -3.04 7.26
C ARG A 84 -11.57 -1.90 8.27
N GLY A 85 -12.11 -0.75 7.92
CA GLY A 85 -12.02 0.43 8.77
C GLY A 85 -13.21 0.60 9.68
N SER A 86 -13.28 1.76 10.32
CA SER A 86 -14.35 2.13 11.27
C SER A 86 -14.43 1.16 12.43
N ALA A 1 4.54 -12.39 15.96
CA ALA A 1 4.38 -13.83 16.32
C ALA A 1 5.45 -14.65 15.59
N ALA A 2 5.19 -15.92 15.30
CA ALA A 2 6.14 -16.73 14.53
C ALA A 2 6.26 -16.07 13.15
N SER A 3 5.15 -15.53 12.68
CA SER A 3 5.12 -14.71 11.49
C SER A 3 4.99 -13.27 11.98
N PRO A 4 5.62 -12.31 11.28
CA PRO A 4 5.50 -10.92 11.74
C PRO A 4 4.08 -10.37 11.59
N SER A 5 3.75 -9.38 12.42
CA SER A 5 2.42 -8.76 12.42
C SER A 5 2.22 -7.87 11.20
N VAL A 6 0.98 -7.49 10.93
CA VAL A 6 0.67 -6.66 9.76
C VAL A 6 1.48 -5.38 9.72
N GLU A 7 1.55 -4.68 10.84
CA GLU A 7 2.27 -3.42 10.95
C GLU A 7 3.78 -3.60 10.70
N GLU A 8 4.32 -4.74 11.12
CA GLU A 8 5.74 -5.03 10.90
C GLU A 8 5.95 -5.21 9.40
N LYS A 9 5.01 -5.91 8.79
CA LYS A 9 5.10 -6.25 7.37
C LYS A 9 4.85 -5.04 6.52
N LEU A 10 4.01 -4.16 7.01
CA LEU A 10 3.66 -2.93 6.35
C LEU A 10 4.92 -2.13 6.07
N GLN A 11 5.89 -2.17 6.97
CA GLN A 11 7.12 -1.41 6.74
C GLN A 11 7.76 -1.76 5.40
N LYS A 12 7.73 -3.03 5.01
CA LYS A 12 8.25 -3.45 3.71
C LYS A 12 7.37 -2.89 2.60
N LEU A 13 6.07 -3.14 2.67
CA LEU A 13 5.15 -2.72 1.63
C LEU A 13 5.14 -1.23 1.41
N HIS A 14 5.06 -0.46 2.47
CA HIS A 14 5.02 0.99 2.34
C HIS A 14 6.31 1.46 1.69
N SER A 15 7.44 0.87 2.07
CA SER A 15 8.71 1.26 1.48
C SER A 15 8.74 0.96 -0.02
N GLU A 16 8.22 -0.20 -0.41
CA GLU A 16 8.18 -0.55 -1.83
C GLU A 16 7.30 0.38 -2.60
N ILE A 17 6.13 0.73 -2.04
CA ILE A 17 5.26 1.67 -2.71
C ILE A 17 6.07 2.93 -3.00
N LYS A 18 6.80 3.40 -2.01
CA LYS A 18 7.57 4.65 -2.15
C LYS A 18 8.72 4.53 -3.13
N PHE A 19 9.41 3.40 -3.15
CA PHE A 19 10.51 3.18 -4.08
C PHE A 19 9.99 3.07 -5.49
N ALA A 20 8.77 2.56 -5.64
CA ALA A 20 8.13 2.42 -6.93
C ALA A 20 7.81 3.77 -7.56
N LEU A 21 7.79 4.82 -6.75
CA LEU A 21 7.48 6.16 -7.22
C LEU A 21 8.70 7.06 -7.27
N LYS A 22 9.88 6.46 -7.15
CA LYS A 22 11.13 7.21 -7.26
C LYS A 22 11.10 7.92 -8.59
N VAL A 23 11.36 9.22 -8.58
CA VAL A 23 11.40 10.01 -9.82
C VAL A 23 12.53 9.47 -10.68
N ASP A 24 13.63 9.18 -10.00
CA ASP A 24 14.85 8.68 -10.60
C ASP A 24 14.71 7.27 -11.19
N SER A 25 13.80 6.49 -10.63
CA SER A 25 13.62 5.08 -11.05
C SER A 25 12.24 4.53 -10.68
N PRO A 26 11.18 4.93 -11.39
CA PRO A 26 9.90 4.34 -10.96
C PRO A 26 9.79 2.86 -11.37
N ASP A 27 9.12 2.09 -10.52
CA ASP A 27 9.00 0.64 -10.71
C ASP A 27 7.56 0.19 -10.41
N VAL A 28 6.72 0.16 -11.42
CA VAL A 28 5.32 -0.20 -11.23
C VAL A 28 5.12 -1.56 -10.60
N LYS A 29 5.83 -2.57 -11.07
CA LYS A 29 5.68 -3.93 -10.56
C LYS A 29 5.95 -3.95 -9.08
N ARG A 30 6.83 -3.08 -8.63
CA ARG A 30 7.21 -3.05 -7.22
C ARG A 30 6.06 -2.52 -6.41
N CYS A 31 5.41 -1.48 -6.92
CA CYS A 31 4.24 -0.94 -6.25
C CYS A 31 3.16 -2.02 -6.23
N LEU A 32 2.89 -2.63 -7.39
CA LEU A 32 1.81 -3.61 -7.50
C LEU A 32 1.99 -4.77 -6.53
N ASN A 33 3.22 -5.25 -6.39
CA ASN A 33 3.50 -6.35 -5.47
C ASN A 33 3.29 -5.92 -4.02
N ALA A 34 3.67 -4.70 -3.70
CA ALA A 34 3.46 -4.19 -2.35
C ALA A 34 1.98 -4.06 -2.08
N LEU A 35 1.27 -3.46 -3.03
CA LEU A 35 -0.15 -3.31 -2.96
C LEU A 35 -0.85 -4.66 -2.81
N GLU A 36 -0.47 -5.67 -3.56
CA GLU A 36 -1.16 -6.95 -3.47
C GLU A 36 -1.05 -7.59 -2.08
N GLU A 37 0.10 -7.45 -1.40
CA GLU A 37 0.22 -8.01 -0.07
C GLU A 37 -0.62 -7.18 0.89
N LEU A 38 -0.53 -5.86 0.75
CA LEU A 38 -1.29 -4.95 1.62
C LEU A 38 -2.79 -5.18 1.48
N GLY A 39 -3.21 -5.58 0.28
CA GLY A 39 -4.61 -5.85 0.01
C GLY A 39 -5.18 -7.02 0.79
N THR A 40 -4.33 -7.88 1.33
CA THR A 40 -4.79 -9.05 2.10
C THR A 40 -4.37 -8.94 3.57
N LEU A 41 -3.48 -8.02 3.88
CA LEU A 41 -3.05 -7.83 5.27
C LEU A 41 -4.23 -7.30 6.11
N GLN A 42 -4.29 -7.70 7.38
CA GLN A 42 -5.36 -7.21 8.27
C GLN A 42 -5.06 -5.80 8.74
N VAL A 43 -5.42 -4.84 7.94
CA VAL A 43 -5.16 -3.44 8.23
C VAL A 43 -6.42 -2.82 8.82
N THR A 44 -6.99 -3.52 9.79
CA THR A 44 -8.22 -3.08 10.45
C THR A 44 -7.88 -1.83 11.24
N SER A 45 -8.87 -1.17 11.83
CA SER A 45 -8.66 0.12 12.50
C SER A 45 -7.49 0.12 13.48
N GLN A 46 -7.22 -1.00 14.13
CA GLN A 46 -6.09 -1.12 15.04
C GLN A 46 -4.77 -0.76 14.36
N ILE A 47 -4.57 -1.23 13.14
CA ILE A 47 -3.36 -0.96 12.37
C ILE A 47 -3.54 0.33 11.60
N LEU A 48 -4.71 0.52 11.02
CA LEU A 48 -4.94 1.67 10.16
C LEU A 48 -4.75 2.99 10.88
N GLN A 49 -5.16 3.04 12.13
CA GLN A 49 -5.06 4.26 12.92
C GLN A 49 -3.61 4.62 13.22
N LYS A 50 -2.76 3.61 13.37
CA LYS A 50 -1.33 3.86 13.64
C LYS A 50 -0.55 3.98 12.33
N ASN A 51 -1.21 3.71 11.21
CA ASN A 51 -0.55 3.75 9.89
C ASN A 51 -1.28 4.70 8.94
N THR A 52 -1.70 5.85 9.44
CA THR A 52 -2.42 6.82 8.63
C THR A 52 -1.57 7.37 7.47
N ASP A 53 -0.26 7.43 7.65
CA ASP A 53 0.66 7.88 6.58
C ASP A 53 0.61 6.96 5.38
N VAL A 54 0.32 5.70 5.62
CA VAL A 54 0.25 4.72 4.54
C VAL A 54 -0.99 5.01 3.72
N VAL A 55 -2.09 5.28 4.42
CA VAL A 55 -3.35 5.58 3.78
C VAL A 55 -3.16 6.86 2.96
N ALA A 56 -2.41 7.80 3.53
CA ALA A 56 -2.10 9.05 2.85
C ALA A 56 -1.31 8.79 1.56
N THR A 57 -0.43 7.78 1.54
CA THR A 57 0.33 7.50 0.33
C THR A 57 -0.54 6.76 -0.66
N LEU A 58 -1.38 5.86 -0.18
CA LEU A 58 -2.29 5.13 -1.06
C LEU A 58 -3.21 6.11 -1.80
N LYS A 59 -3.57 7.21 -1.14
CA LYS A 59 -4.35 8.27 -1.78
C LYS A 59 -3.58 8.90 -2.97
N LYS A 60 -2.27 8.99 -2.84
CA LYS A 60 -1.41 9.55 -3.91
C LYS A 60 -1.35 8.64 -5.13
N ILE A 61 -1.17 7.34 -4.92
CA ILE A 61 -1.01 6.42 -6.04
C ILE A 61 -2.31 6.03 -6.73
N ARG A 62 -3.43 6.15 -6.03
CA ARG A 62 -4.75 5.89 -6.62
C ARG A 62 -5.08 6.88 -7.74
N ARG A 63 -4.30 7.95 -7.85
CA ARG A 63 -4.45 8.92 -8.94
C ARG A 63 -3.15 9.05 -9.76
N TYR A 64 -2.28 8.05 -9.66
CA TYR A 64 -0.98 8.06 -10.34
C TYR A 64 -1.13 7.97 -11.85
N LYS A 65 -0.67 9.00 -12.56
CA LYS A 65 -0.81 9.03 -14.02
C LYS A 65 0.29 8.31 -14.80
N ALA A 66 1.48 8.19 -14.23
CA ALA A 66 2.59 7.59 -14.97
C ALA A 66 2.32 6.13 -15.30
N ASN A 67 1.75 5.40 -14.35
CA ASN A 67 1.45 4.00 -14.54
C ASN A 67 0.01 3.71 -14.12
N LYS A 68 -0.85 3.42 -15.09
CA LYS A 68 -2.25 3.10 -14.82
C LYS A 68 -2.36 1.90 -13.89
N ASP A 69 -1.51 0.91 -14.08
CA ASP A 69 -1.58 -0.30 -13.24
C ASP A 69 -1.47 0.05 -11.76
N VAL A 70 -0.55 0.97 -11.42
CA VAL A 70 -0.39 1.41 -10.04
C VAL A 70 -1.69 2.02 -9.54
N MET A 71 -2.31 2.86 -10.36
CA MET A 71 -3.58 3.50 -10.01
C MET A 71 -4.63 2.48 -9.70
N GLU A 72 -4.75 1.49 -10.56
CA GLU A 72 -5.74 0.44 -10.39
C GLU A 72 -5.47 -0.42 -9.17
N LYS A 73 -4.24 -0.86 -8.96
CA LYS A 73 -4.00 -1.75 -7.83
C LYS A 73 -4.08 -0.99 -6.53
N ALA A 74 -3.59 0.24 -6.51
CA ALA A 74 -3.65 1.08 -5.32
C ALA A 74 -5.08 1.26 -4.93
N ALA A 75 -5.92 1.45 -5.93
CA ALA A 75 -7.34 1.63 -5.74
C ALA A 75 -8.04 0.44 -5.14
N GLU A 76 -7.80 -0.73 -5.71
CA GLU A 76 -8.45 -1.94 -5.23
C GLU A 76 -8.05 -2.12 -3.76
N VAL A 77 -6.77 -1.90 -3.47
CA VAL A 77 -6.23 -2.10 -2.15
C VAL A 77 -6.76 -1.06 -1.19
N TYR A 78 -6.68 0.21 -1.55
CA TYR A 78 -7.11 1.30 -0.70
C TYR A 78 -8.55 1.07 -0.26
N THR A 79 -9.41 0.70 -1.20
CA THR A 79 -10.81 0.44 -0.93
C THR A 79 -11.00 -0.77 -0.02
N ARG A 80 -10.16 -1.78 -0.18
CA ARG A 80 -10.20 -2.95 0.72
C ARG A 80 -9.93 -2.51 2.16
N LEU A 81 -9.16 -1.44 2.35
CA LEU A 81 -8.79 -1.06 3.71
C LEU A 81 -9.97 -0.39 4.34
N LYS A 82 -10.73 0.30 3.49
CA LYS A 82 -11.94 0.99 3.92
C LYS A 82 -12.98 0.04 4.46
N SER A 83 -12.95 -1.17 3.96
CA SER A 83 -13.84 -2.22 4.42
C SER A 83 -13.36 -2.85 5.74
N ARG A 84 -12.10 -2.59 6.11
CA ARG A 84 -11.52 -3.13 7.35
C ARG A 84 -11.40 -2.08 8.46
N GLY A 85 -11.35 -0.82 8.08
CA GLY A 85 -11.21 0.27 9.05
C GLY A 85 -11.52 1.60 8.39
N SER A 86 -11.79 2.61 9.20
CA SER A 86 -12.16 3.94 8.71
C SER A 86 -11.08 4.58 7.85
N ALA A 1 11.20 -17.71 14.60
CA ALA A 1 10.21 -16.89 15.35
C ALA A 1 8.83 -17.08 14.74
N ALA A 2 7.82 -16.39 15.27
CA ALA A 2 6.49 -16.45 14.70
C ALA A 2 6.50 -15.59 13.43
N SER A 3 5.43 -15.64 12.65
CA SER A 3 5.32 -14.82 11.45
C SER A 3 5.17 -13.36 11.88
N PRO A 4 5.74 -12.41 11.12
CA PRO A 4 5.60 -11.01 11.53
C PRO A 4 4.17 -10.48 11.43
N SER A 5 3.86 -9.52 12.29
CA SER A 5 2.53 -8.90 12.34
C SER A 5 2.27 -8.03 11.12
N VAL A 6 1.01 -7.66 10.91
CA VAL A 6 0.66 -6.81 9.77
C VAL A 6 1.46 -5.53 9.75
N GLU A 7 1.54 -4.85 10.88
CA GLU A 7 2.26 -3.58 10.98
C GLU A 7 3.73 -3.74 10.63
N GLU A 8 4.33 -4.88 10.96
CA GLU A 8 5.73 -5.12 10.66
C GLU A 8 5.90 -5.26 9.16
N LYS A 9 4.96 -5.98 8.57
CA LYS A 9 5.01 -6.26 7.13
C LYS A 9 4.67 -5.02 6.34
N LEU A 10 3.77 -4.24 6.90
CA LEU A 10 3.31 -2.99 6.32
C LEU A 10 4.48 -2.09 6.09
N GLN A 11 5.42 -2.04 7.02
CA GLN A 11 6.58 -1.17 6.86
C GLN A 11 7.36 -1.53 5.60
N LYS A 12 7.46 -2.82 5.29
CA LYS A 12 8.13 -3.21 4.05
C LYS A 12 7.29 -2.79 2.85
N LEU A 13 6.02 -3.18 2.80
CA LEU A 13 5.16 -2.83 1.68
C LEU A 13 5.10 -1.33 1.45
N HIS A 14 4.92 -0.58 2.53
CA HIS A 14 4.82 0.86 2.45
C HIS A 14 6.08 1.41 1.81
N SER A 15 7.24 0.89 2.19
CA SER A 15 8.51 1.34 1.62
C SER A 15 8.61 1.01 0.14
N GLU A 16 8.13 -0.14 -0.28
CA GLU A 16 8.18 -0.48 -1.71
C GLU A 16 7.31 0.48 -2.50
N ILE A 17 6.17 0.88 -1.94
CA ILE A 17 5.30 1.82 -2.63
C ILE A 17 6.13 3.07 -2.91
N LYS A 18 6.91 3.50 -1.93
CA LYS A 18 7.75 4.71 -2.10
C LYS A 18 8.80 4.52 -3.18
N PHE A 19 9.47 3.38 -3.17
CA PHE A 19 10.53 3.10 -4.13
C PHE A 19 9.99 3.02 -5.54
N ALA A 20 8.76 2.53 -5.67
CA ALA A 20 8.11 2.40 -6.95
C ALA A 20 7.81 3.75 -7.60
N LEU A 21 7.85 4.81 -6.81
CA LEU A 21 7.53 6.15 -7.28
C LEU A 21 8.76 7.03 -7.36
N LYS A 22 9.94 6.42 -7.24
CA LYS A 22 11.19 7.15 -7.36
C LYS A 22 11.16 7.87 -8.70
N VAL A 23 11.44 9.15 -8.69
CA VAL A 23 11.51 9.93 -9.93
C VAL A 23 12.63 9.35 -10.78
N ASP A 24 13.71 9.04 -10.08
CA ASP A 24 14.94 8.48 -10.63
C ASP A 24 14.76 7.07 -11.21
N SER A 25 13.80 6.32 -10.69
CA SER A 25 13.57 4.92 -11.11
C SER A 25 12.17 4.41 -10.77
N PRO A 26 11.13 4.87 -11.49
CA PRO A 26 9.83 4.32 -11.09
C PRO A 26 9.65 2.86 -11.52
N ASP A 27 9.00 2.08 -10.68
CA ASP A 27 8.79 0.66 -10.93
C ASP A 27 7.36 0.27 -10.57
N VAL A 28 6.50 0.17 -11.56
CA VAL A 28 5.11 -0.15 -11.31
C VAL A 28 4.92 -1.48 -10.64
N LYS A 29 5.59 -2.51 -11.15
CA LYS A 29 5.45 -3.86 -10.61
C LYS A 29 5.82 -3.87 -9.14
N ARG A 30 6.74 -3.00 -8.77
CA ARG A 30 7.20 -2.97 -7.38
C ARG A 30 6.08 -2.45 -6.50
N CYS A 31 5.38 -1.45 -6.99
CA CYS A 31 4.21 -0.92 -6.29
C CYS A 31 3.14 -2.00 -6.24
N LEU A 32 2.83 -2.63 -7.38
CA LEU A 32 1.74 -3.62 -7.45
C LEU A 32 1.94 -4.76 -6.47
N ASN A 33 3.17 -5.26 -6.39
CA ASN A 33 3.49 -6.38 -5.50
C ASN A 33 3.29 -5.99 -4.03
N ALA A 34 3.67 -4.77 -3.68
CA ALA A 34 3.49 -4.29 -2.32
C ALA A 34 2.02 -4.07 -2.03
N LEU A 35 1.34 -3.43 -2.96
CA LEU A 35 -0.07 -3.20 -2.86
C LEU A 35 -0.82 -4.51 -2.64
N GLU A 36 -0.55 -5.53 -3.44
CA GLU A 36 -1.31 -6.77 -3.30
C GLU A 36 -1.17 -7.46 -1.95
N GLU A 37 0.01 -7.41 -1.32
CA GLU A 37 0.15 -8.00 0.02
C GLU A 37 -0.64 -7.13 0.99
N LEU A 38 -0.48 -5.82 0.88
CA LEU A 38 -1.18 -4.88 1.76
C LEU A 38 -2.70 -5.08 1.65
N GLY A 39 -3.15 -5.44 0.46
CA GLY A 39 -4.55 -5.68 0.20
C GLY A 39 -5.14 -6.89 0.91
N THR A 40 -4.31 -7.80 1.38
CA THR A 40 -4.78 -8.99 2.07
C THR A 40 -4.40 -8.94 3.55
N LEU A 41 -3.54 -8.01 3.92
CA LEU A 41 -3.13 -7.87 5.31
C LEU A 41 -4.30 -7.35 6.16
N GLN A 42 -4.36 -7.75 7.42
CA GLN A 42 -5.41 -7.26 8.31
C GLN A 42 -5.06 -5.85 8.77
N VAL A 43 -5.39 -4.89 7.95
CA VAL A 43 -5.10 -3.49 8.23
C VAL A 43 -6.37 -2.86 8.80
N THR A 44 -6.94 -3.57 9.75
CA THR A 44 -8.18 -3.17 10.39
C THR A 44 -7.86 -1.91 11.19
N SER A 45 -8.87 -1.25 11.73
CA SER A 45 -8.70 0.04 12.39
C SER A 45 -7.55 0.08 13.39
N GLN A 46 -7.30 -1.02 14.08
CA GLN A 46 -6.17 -1.09 15.02
C GLN A 46 -4.83 -0.74 14.35
N ILE A 47 -4.59 -1.28 13.15
CA ILE A 47 -3.36 -1.02 12.40
C ILE A 47 -3.53 0.28 11.63
N LEU A 48 -4.69 0.46 11.04
CA LEU A 48 -4.94 1.61 10.22
C LEU A 48 -4.76 2.93 10.96
N GLN A 49 -5.17 2.96 12.21
CA GLN A 49 -5.05 4.17 13.03
C GLN A 49 -3.60 4.53 13.31
N LYS A 50 -2.75 3.52 13.44
CA LYS A 50 -1.32 3.78 13.71
C LYS A 50 -0.54 3.93 12.41
N ASN A 51 -1.17 3.62 11.27
CA ASN A 51 -0.49 3.64 9.97
C ASN A 51 -1.22 4.53 8.96
N THR A 52 -1.68 5.68 9.42
CA THR A 52 -2.41 6.62 8.57
C THR A 52 -1.59 7.15 7.39
N ASP A 53 -0.27 7.21 7.54
CA ASP A 53 0.59 7.69 6.46
C ASP A 53 0.60 6.78 5.24
N VAL A 54 0.33 5.51 5.47
CA VAL A 54 0.27 4.57 4.36
C VAL A 54 -0.99 4.88 3.59
N VAL A 55 -2.07 5.13 4.31
CA VAL A 55 -3.35 5.48 3.69
C VAL A 55 -3.17 6.80 2.94
N ALA A 56 -2.39 7.70 3.52
CA ALA A 56 -2.08 8.97 2.89
C ALA A 56 -1.31 8.76 1.58
N THR A 57 -0.45 7.75 1.52
CA THR A 57 0.31 7.48 0.30
C THR A 57 -0.57 6.79 -0.73
N LEU A 58 -1.40 5.87 -0.28
CA LEU A 58 -2.32 5.16 -1.18
C LEU A 58 -3.22 6.14 -1.92
N LYS A 59 -3.62 7.21 -1.25
CA LYS A 59 -4.41 8.26 -1.90
C LYS A 59 -3.61 8.93 -3.05
N LYS A 60 -2.29 8.97 -2.92
CA LYS A 60 -1.43 9.57 -3.97
C LYS A 60 -1.32 8.68 -5.19
N ILE A 61 -1.15 7.38 -5.00
CA ILE A 61 -0.98 6.47 -6.14
C ILE A 61 -2.27 6.09 -6.84
N ARG A 62 -3.40 6.19 -6.14
CA ARG A 62 -4.71 5.93 -6.74
C ARG A 62 -5.01 6.89 -7.90
N ARG A 63 -4.27 7.97 -7.98
CA ARG A 63 -4.40 8.96 -9.06
C ARG A 63 -3.10 9.09 -9.87
N TYR A 64 -2.24 8.08 -9.77
CA TYR A 64 -0.92 8.10 -10.43
C TYR A 64 -1.05 8.06 -11.95
N LYS A 65 -0.62 9.12 -12.61
CA LYS A 65 -0.73 9.22 -14.07
C LYS A 65 0.40 8.53 -14.84
N ALA A 66 1.56 8.33 -14.20
CA ALA A 66 2.70 7.75 -14.91
C ALA A 66 2.48 6.26 -15.22
N ASN A 67 1.60 5.60 -14.47
CA ASN A 67 1.27 4.21 -14.77
C ASN A 67 -0.14 3.86 -14.32
N LYS A 68 -0.93 3.32 -15.23
CA LYS A 68 -2.33 2.97 -14.95
C LYS A 68 -2.43 1.89 -13.91
N ASP A 69 -1.66 0.82 -14.07
CA ASP A 69 -1.76 -0.35 -13.17
C ASP A 69 -1.53 0.05 -11.72
N VAL A 70 -0.57 0.94 -11.50
CA VAL A 70 -0.31 1.46 -10.15
C VAL A 70 -1.57 2.06 -9.56
N MET A 71 -2.29 2.85 -10.34
CA MET A 71 -3.53 3.48 -9.89
C MET A 71 -4.58 2.43 -9.63
N GLU A 72 -4.72 1.46 -10.52
CA GLU A 72 -5.74 0.43 -10.33
C GLU A 72 -5.47 -0.44 -9.11
N LYS A 73 -4.24 -0.90 -8.93
CA LYS A 73 -3.93 -1.75 -7.79
C LYS A 73 -3.99 -0.96 -6.50
N ALA A 74 -3.51 0.29 -6.52
CA ALA A 74 -3.56 1.14 -5.35
C ALA A 74 -4.99 1.31 -4.92
N ALA A 75 -5.84 1.46 -5.92
CA ALA A 75 -7.27 1.63 -5.73
C ALA A 75 -7.94 0.42 -5.11
N GLU A 76 -7.70 -0.75 -5.69
CA GLU A 76 -8.32 -1.97 -5.19
C GLU A 76 -7.90 -2.18 -3.73
N VAL A 77 -6.63 -1.93 -3.45
CA VAL A 77 -6.08 -2.11 -2.12
C VAL A 77 -6.61 -1.07 -1.17
N TYR A 78 -6.55 0.20 -1.56
CA TYR A 78 -7.00 1.28 -0.71
C TYR A 78 -8.45 1.04 -0.28
N THR A 79 -9.28 0.65 -1.22
CA THR A 79 -10.70 0.36 -0.96
C THR A 79 -10.85 -0.85 -0.05
N ARG A 80 -10.00 -1.85 -0.22
CA ARG A 80 -10.02 -3.02 0.67
C ARG A 80 -9.79 -2.59 2.11
N LEU A 81 -9.03 -1.52 2.31
CA LEU A 81 -8.70 -1.10 3.67
C LEU A 81 -9.91 -0.40 4.25
N LYS A 82 -10.64 0.25 3.38
CA LYS A 82 -11.86 0.95 3.79
C LYS A 82 -12.87 -0.04 4.33
N SER A 83 -12.95 -1.20 3.71
CA SER A 83 -13.85 -2.26 4.15
C SER A 83 -13.42 -2.90 5.47
N ARG A 84 -12.17 -2.71 5.87
CA ARG A 84 -11.66 -3.25 7.14
C ARG A 84 -11.56 -2.17 8.22
N GLY A 85 -11.93 -0.94 7.88
CA GLY A 85 -11.74 0.18 8.77
C GLY A 85 -12.98 0.59 9.53
N SER A 86 -12.93 1.80 10.09
CA SER A 86 -14.02 2.40 10.87
C SER A 86 -14.39 1.54 12.08
N ALA A 1 11.16 -18.33 13.00
CA ALA A 1 9.99 -18.79 13.82
C ALA A 1 8.93 -17.70 13.84
N ALA A 2 7.70 -18.07 14.18
CA ALA A 2 6.55 -17.14 14.19
C ALA A 2 6.38 -16.50 12.80
N SER A 3 5.69 -15.38 12.74
CA SER A 3 5.49 -14.64 11.49
C SER A 3 5.34 -13.18 11.89
N PRO A 4 5.88 -12.25 11.10
CA PRO A 4 5.73 -10.84 11.50
C PRO A 4 4.28 -10.33 11.40
N SER A 5 3.95 -9.39 12.25
CA SER A 5 2.63 -8.77 12.29
C SER A 5 2.38 -7.89 11.06
N VAL A 6 1.13 -7.49 10.87
CA VAL A 6 0.77 -6.62 9.73
C VAL A 6 1.59 -5.35 9.71
N GLU A 7 1.69 -4.70 10.85
CA GLU A 7 2.45 -3.45 10.97
C GLU A 7 3.95 -3.66 10.69
N GLU A 8 4.49 -4.80 11.06
CA GLU A 8 5.89 -5.11 10.77
C GLU A 8 6.06 -5.26 9.27
N LYS A 9 5.11 -5.95 8.65
CA LYS A 9 5.16 -6.21 7.21
C LYS A 9 4.94 -4.93 6.44
N LEU A 10 4.12 -4.07 7.00
CA LEU A 10 3.78 -2.80 6.40
C LEU A 10 5.05 -2.01 6.12
N GLN A 11 6.01 -2.07 7.02
CA GLN A 11 7.25 -1.32 6.84
C GLN A 11 7.88 -1.64 5.48
N LYS A 12 7.84 -2.89 5.07
CA LYS A 12 8.37 -3.27 3.76
C LYS A 12 7.45 -2.74 2.66
N LEU A 13 6.16 -3.07 2.71
CA LEU A 13 5.23 -2.67 1.67
C LEU A 13 5.17 -1.19 1.43
N HIS A 14 5.05 -0.40 2.48
CA HIS A 14 4.98 1.04 2.34
C HIS A 14 6.26 1.54 1.67
N SER A 15 7.40 0.98 2.04
CA SER A 15 8.68 1.39 1.45
C SER A 15 8.72 1.04 -0.03
N GLU A 16 8.25 -0.14 -0.39
CA GLU A 16 8.22 -0.54 -1.80
C GLU A 16 7.34 0.37 -2.61
N ILE A 17 6.17 0.73 -2.07
CA ILE A 17 5.30 1.65 -2.76
C ILE A 17 6.11 2.90 -3.09
N LYS A 18 6.81 3.44 -2.10
CA LYS A 18 7.56 4.68 -2.26
C LYS A 18 8.72 4.55 -3.25
N PHE A 19 9.44 3.44 -3.20
CA PHE A 19 10.55 3.19 -4.11
C PHE A 19 10.05 2.97 -5.53
N ALA A 20 8.82 2.51 -5.68
CA ALA A 20 8.23 2.30 -6.98
C ALA A 20 7.86 3.61 -7.67
N LEU A 21 7.79 4.68 -6.90
CA LEU A 21 7.43 6.01 -7.44
C LEU A 21 8.65 6.90 -7.56
N LYS A 22 9.83 6.31 -7.43
CA LYS A 22 11.09 7.05 -7.58
C LYS A 22 11.05 7.72 -8.94
N VAL A 23 11.28 9.02 -8.97
CA VAL A 23 11.29 9.77 -10.22
C VAL A 23 12.40 9.27 -11.12
N ASP A 24 13.52 8.98 -10.49
CA ASP A 24 14.74 8.50 -11.14
C ASP A 24 14.56 7.11 -11.76
N SER A 25 13.73 6.30 -11.13
CA SER A 25 13.52 4.92 -11.58
C SER A 25 12.21 4.33 -11.06
N PRO A 26 11.07 4.69 -11.69
CA PRO A 26 9.85 4.09 -11.20
C PRO A 26 9.73 2.61 -11.58
N ASP A 27 9.09 1.83 -10.73
CA ASP A 27 8.93 0.40 -10.96
C ASP A 27 7.50 -0.01 -10.60
N VAL A 28 6.65 -0.09 -11.61
CA VAL A 28 5.26 -0.44 -11.39
C VAL A 28 5.12 -1.79 -10.70
N LYS A 29 5.87 -2.78 -11.12
CA LYS A 29 5.74 -4.13 -10.53
C LYS A 29 6.04 -4.09 -9.05
N ARG A 30 6.98 -3.27 -8.65
CA ARG A 30 7.35 -3.16 -7.24
C ARG A 30 6.18 -2.60 -6.43
N CYS A 31 5.52 -1.59 -6.97
CA CYS A 31 4.35 -1.03 -6.31
C CYS A 31 3.24 -2.07 -6.27
N LEU A 32 2.94 -2.68 -7.41
CA LEU A 32 1.84 -3.64 -7.51
C LEU A 32 2.00 -4.78 -6.53
N ASN A 33 3.22 -5.27 -6.41
CA ASN A 33 3.50 -6.37 -5.48
C ASN A 33 3.30 -5.93 -4.03
N ALA A 34 3.70 -4.71 -3.71
CA ALA A 34 3.52 -4.19 -2.36
C ALA A 34 2.02 -4.04 -2.08
N LEU A 35 1.33 -3.44 -3.03
CA LEU A 35 -0.10 -3.27 -2.95
C LEU A 35 -0.82 -4.60 -2.77
N GLU A 36 -0.43 -5.64 -3.49
CA GLU A 36 -1.14 -6.91 -3.39
C GLU A 36 -1.02 -7.54 -1.99
N GLU A 37 0.14 -7.43 -1.34
CA GLU A 37 0.26 -7.98 0.00
C GLU A 37 -0.58 -7.12 0.94
N LEU A 38 -0.46 -5.80 0.78
CA LEU A 38 -1.21 -4.86 1.60
C LEU A 38 -2.73 -5.11 1.50
N GLY A 39 -3.17 -5.51 0.32
CA GLY A 39 -4.59 -5.78 0.09
C GLY A 39 -5.15 -6.97 0.86
N THR A 40 -4.27 -7.85 1.33
CA THR A 40 -4.71 -9.04 2.07
C THR A 40 -4.34 -8.89 3.55
N LEU A 41 -3.43 -7.96 3.86
CA LEU A 41 -3.02 -7.74 5.24
C LEU A 41 -4.19 -7.21 6.05
N GLN A 42 -4.26 -7.62 7.31
CA GLN A 42 -5.30 -7.14 8.22
C GLN A 42 -4.96 -5.76 8.71
N VAL A 43 -5.30 -4.76 7.92
CA VAL A 43 -5.04 -3.37 8.25
C VAL A 43 -6.33 -2.78 8.82
N THR A 44 -6.94 -3.55 9.71
CA THR A 44 -8.19 -3.18 10.34
C THR A 44 -7.93 -1.96 11.22
N SER A 45 -8.98 -1.37 11.80
CA SER A 45 -8.85 -0.12 12.55
C SER A 45 -7.72 -0.13 13.58
N GLN A 46 -7.44 -1.28 14.17
CA GLN A 46 -6.33 -1.42 15.11
C GLN A 46 -4.98 -0.97 14.50
N ILE A 47 -4.71 -1.38 13.28
CA ILE A 47 -3.46 -1.03 12.58
C ILE A 47 -3.66 0.27 11.83
N LEU A 48 -4.82 0.45 11.24
CA LEU A 48 -5.07 1.61 10.41
C LEU A 48 -4.92 2.91 11.17
N GLN A 49 -5.32 2.91 12.43
CA GLN A 49 -5.25 4.11 13.27
C GLN A 49 -3.80 4.55 13.49
N LYS A 50 -2.92 3.56 13.55
CA LYS A 50 -1.49 3.82 13.78
C LYS A 50 -0.72 3.88 12.45
N ASN A 51 -1.41 3.73 11.34
CA ASN A 51 -0.79 3.79 10.01
C ASN A 51 -1.57 4.71 9.05
N THR A 52 -1.99 5.86 9.56
CA THR A 52 -2.74 6.82 8.74
C THR A 52 -1.90 7.39 7.60
N ASP A 53 -0.58 7.46 7.78
CA ASP A 53 0.33 7.95 6.73
C ASP A 53 0.38 7.00 5.54
N VAL A 54 0.11 5.73 5.79
CA VAL A 54 0.11 4.74 4.72
C VAL A 54 -1.10 5.03 3.86
N VAL A 55 -2.22 5.30 4.52
CA VAL A 55 -3.46 5.63 3.84
C VAL A 55 -3.23 6.93 3.06
N ALA A 56 -2.44 7.82 3.62
CA ALA A 56 -2.11 9.05 2.94
C ALA A 56 -1.35 8.79 1.64
N THR A 57 -0.43 7.83 1.61
CA THR A 57 0.31 7.55 0.38
C THR A 57 -0.60 6.84 -0.60
N LEU A 58 -1.43 5.93 -0.13
CA LEU A 58 -2.35 5.21 -0.99
C LEU A 58 -3.27 6.19 -1.74
N LYS A 59 -3.66 7.28 -1.09
CA LYS A 59 -4.47 8.31 -1.76
C LYS A 59 -3.68 8.99 -2.90
N LYS A 60 -2.36 9.05 -2.78
CA LYS A 60 -1.52 9.66 -3.81
C LYS A 60 -1.43 8.77 -5.03
N ILE A 61 -1.22 7.48 -4.81
CA ILE A 61 -1.02 6.54 -5.92
C ILE A 61 -2.29 6.12 -6.64
N ARG A 62 -3.44 6.19 -5.97
CA ARG A 62 -4.73 5.88 -6.60
C ARG A 62 -5.02 6.78 -7.79
N ARG A 63 -4.34 7.92 -7.86
CA ARG A 63 -4.50 8.88 -8.96
C ARG A 63 -3.20 9.08 -9.74
N TYR A 64 -2.26 8.14 -9.61
CA TYR A 64 -0.95 8.25 -10.23
C TYR A 64 -1.02 8.03 -11.75
N LYS A 65 -0.91 9.11 -12.51
CA LYS A 65 -1.07 9.05 -13.97
C LYS A 65 0.02 8.31 -14.74
N ALA A 66 1.27 8.37 -14.26
CA ALA A 66 2.39 7.75 -14.98
C ALA A 66 2.23 6.23 -15.08
N ASN A 67 1.85 5.64 -13.97
CA ASN A 67 1.77 4.19 -13.83
C ASN A 67 0.29 3.85 -13.66
N LYS A 68 -0.43 3.61 -14.76
CA LYS A 68 -1.87 3.29 -14.68
C LYS A 68 -2.12 2.15 -13.73
N ASP A 69 -1.37 1.07 -13.89
CA ASP A 69 -1.58 -0.13 -13.07
C ASP A 69 -1.42 0.17 -11.58
N VAL A 70 -0.47 1.03 -11.23
CA VAL A 70 -0.28 1.44 -9.83
C VAL A 70 -1.58 2.05 -9.32
N MET A 71 -2.20 2.91 -10.12
CA MET A 71 -3.46 3.54 -9.74
C MET A 71 -4.54 2.49 -9.60
N GLU A 72 -4.62 1.55 -10.54
CA GLU A 72 -5.64 0.52 -10.45
C GLU A 72 -5.49 -0.39 -9.23
N LYS A 73 -4.28 -0.87 -8.98
CA LYS A 73 -4.08 -1.77 -7.85
C LYS A 73 -4.21 -1.02 -6.54
N ALA A 74 -3.67 0.19 -6.49
CA ALA A 74 -3.76 1.00 -5.28
C ALA A 74 -5.20 1.24 -4.95
N ALA A 75 -5.99 1.49 -5.98
CA ALA A 75 -7.41 1.70 -5.83
C ALA A 75 -8.14 0.52 -5.23
N GLU A 76 -7.90 -0.66 -5.77
CA GLU A 76 -8.53 -1.87 -5.27
C GLU A 76 -8.13 -2.07 -3.81
N VAL A 77 -6.84 -1.88 -3.52
CA VAL A 77 -6.31 -2.08 -2.19
C VAL A 77 -6.85 -1.06 -1.22
N TYR A 78 -6.75 0.21 -1.58
CA TYR A 78 -7.18 1.30 -0.72
C TYR A 78 -8.63 1.10 -0.29
N THR A 79 -9.49 0.75 -1.25
CA THR A 79 -10.90 0.52 -1.00
C THR A 79 -11.10 -0.66 -0.06
N ARG A 80 -10.30 -1.70 -0.22
CA ARG A 80 -10.39 -2.85 0.67
C ARG A 80 -10.07 -2.45 2.11
N LEU A 81 -9.22 -1.44 2.30
CA LEU A 81 -8.85 -1.02 3.65
C LEU A 81 -10.01 -0.28 4.24
N LYS A 82 -10.75 0.39 3.38
CA LYS A 82 -11.95 1.12 3.81
C LYS A 82 -12.97 0.14 4.34
N SER A 83 -13.02 -1.05 3.76
CA SER A 83 -13.92 -2.10 4.20
C SER A 83 -13.39 -2.88 5.41
N ARG A 84 -12.11 -2.70 5.74
CA ARG A 84 -11.50 -3.36 6.91
C ARG A 84 -11.49 -2.42 8.11
N GLY A 85 -11.78 -1.16 7.87
CA GLY A 85 -11.72 -0.14 8.90
C GLY A 85 -13.11 0.26 9.33
N SER A 86 -13.17 1.23 10.25
CA SER A 86 -14.42 1.72 10.83
C SER A 86 -15.16 0.56 11.51
N ALA A 1 10.63 -19.45 11.23
CA ALA A 1 10.49 -18.29 12.16
C ALA A 1 9.02 -17.99 12.37
N ALA A 2 8.70 -17.12 13.32
CA ALA A 2 7.32 -16.72 13.55
C ALA A 2 6.89 -15.81 12.39
N SER A 3 5.60 -15.74 12.14
CA SER A 3 5.08 -14.89 11.08
C SER A 3 5.00 -13.45 11.59
N PRO A 4 5.57 -12.47 10.85
CA PRO A 4 5.48 -11.09 11.34
C PRO A 4 4.07 -10.52 11.26
N SER A 5 3.78 -9.56 12.13
CA SER A 5 2.47 -8.91 12.21
C SER A 5 2.20 -8.04 10.98
N VAL A 6 0.93 -7.67 10.78
CA VAL A 6 0.55 -6.82 9.65
C VAL A 6 1.37 -5.55 9.59
N GLU A 7 1.46 -4.86 10.71
CA GLU A 7 2.20 -3.60 10.79
C GLU A 7 3.68 -3.78 10.45
N GLU A 8 4.26 -4.92 10.81
CA GLU A 8 5.67 -5.18 10.53
C GLU A 8 5.82 -5.32 9.02
N LYS A 9 4.87 -6.01 8.41
CA LYS A 9 4.92 -6.26 6.98
C LYS A 9 4.62 -4.99 6.22
N LEU A 10 3.73 -4.21 6.79
CA LEU A 10 3.32 -2.93 6.24
C LEU A 10 4.53 -2.03 6.09
N GLN A 11 5.46 -2.07 7.03
CA GLN A 11 6.66 -1.25 6.91
C GLN A 11 7.41 -1.58 5.62
N LYS A 12 7.49 -2.86 5.28
CA LYS A 12 8.17 -3.26 4.04
C LYS A 12 7.34 -2.79 2.84
N LEU A 13 6.06 -3.14 2.80
CA LEU A 13 5.21 -2.77 1.69
C LEU A 13 5.14 -1.28 1.47
N HIS A 14 5.00 -0.52 2.54
CA HIS A 14 4.90 0.92 2.44
C HIS A 14 6.15 1.44 1.77
N SER A 15 7.31 0.92 2.17
CA SER A 15 8.59 1.35 1.59
C SER A 15 8.68 1.02 0.10
N GLU A 16 8.16 -0.13 -0.32
CA GLU A 16 8.19 -0.48 -1.73
C GLU A 16 7.33 0.47 -2.52
N ILE A 17 6.20 0.88 -1.96
CA ILE A 17 5.34 1.83 -2.65
C ILE A 17 6.17 3.06 -2.93
N LYS A 18 6.92 3.53 -1.93
CA LYS A 18 7.78 4.72 -2.10
C LYS A 18 8.85 4.54 -3.18
N PHE A 19 9.54 3.39 -3.16
CA PHE A 19 10.61 3.12 -4.13
C PHE A 19 10.05 3.06 -5.54
N ALA A 20 8.83 2.55 -5.67
CA ALA A 20 8.18 2.42 -6.96
C ALA A 20 7.81 3.76 -7.60
N LEU A 21 7.83 4.81 -6.80
CA LEU A 21 7.46 6.15 -7.26
C LEU A 21 8.64 7.08 -7.33
N LYS A 22 9.83 6.52 -7.22
CA LYS A 22 11.06 7.30 -7.32
C LYS A 22 11.03 8.01 -8.67
N VAL A 23 11.27 9.30 -8.66
CA VAL A 23 11.31 10.09 -9.89
C VAL A 23 12.44 9.57 -10.78
N ASP A 24 13.54 9.28 -10.10
CA ASP A 24 14.77 8.78 -10.71
C ASP A 24 14.62 7.38 -11.32
N SER A 25 13.74 6.57 -10.73
CA SER A 25 13.59 5.18 -11.15
C SER A 25 12.26 4.56 -10.70
N PRO A 26 11.15 4.91 -11.38
CA PRO A 26 9.89 4.27 -10.96
C PRO A 26 9.76 2.81 -11.40
N ASP A 27 9.12 2.00 -10.57
CA ASP A 27 8.90 0.58 -10.90
C ASP A 27 7.47 0.17 -10.53
N VAL A 28 6.61 0.12 -11.53
CA VAL A 28 5.21 -0.24 -11.30
C VAL A 28 5.03 -1.57 -10.63
N LYS A 29 5.75 -2.59 -11.08
CA LYS A 29 5.60 -3.94 -10.54
C LYS A 29 5.88 -3.95 -9.07
N ARG A 30 6.79 -3.06 -8.70
CA ARG A 30 7.25 -3.01 -7.31
C ARG A 30 6.12 -2.45 -6.46
N CYS A 31 5.43 -1.46 -6.98
CA CYS A 31 4.27 -0.92 -6.30
C CYS A 31 3.19 -2.00 -6.24
N LEU A 32 2.87 -2.62 -7.38
CA LEU A 32 1.78 -3.61 -7.46
C LEU A 32 1.98 -4.76 -6.49
N ASN A 33 3.20 -5.26 -6.39
CA ASN A 33 3.51 -6.36 -5.48
C ASN A 33 3.31 -5.97 -4.02
N ALA A 34 3.67 -4.75 -3.68
CA ALA A 34 3.49 -4.28 -2.32
C ALA A 34 2.02 -4.07 -2.04
N LEU A 35 1.34 -3.43 -2.99
CA LEU A 35 -0.06 -3.21 -2.91
C LEU A 35 -0.81 -4.53 -2.70
N GLU A 36 -0.52 -5.56 -3.47
CA GLU A 36 -1.28 -6.80 -3.35
C GLU A 36 -1.15 -7.47 -1.98
N GLU A 37 0.01 -7.41 -1.33
CA GLU A 37 0.14 -7.96 0.01
C GLU A 37 -0.70 -7.11 0.94
N LEU A 38 -0.52 -5.80 0.84
CA LEU A 38 -1.26 -4.83 1.67
C LEU A 38 -2.78 -5.05 1.53
N GLY A 39 -3.20 -5.46 0.35
CA GLY A 39 -4.61 -5.73 0.09
C GLY A 39 -5.19 -6.92 0.82
N THR A 40 -4.36 -7.82 1.31
CA THR A 40 -4.84 -9.01 2.01
C THR A 40 -4.50 -8.92 3.50
N LEU A 41 -3.63 -7.97 3.86
CA LEU A 41 -3.24 -7.80 5.26
C LEU A 41 -4.43 -7.30 6.10
N GLN A 42 -4.48 -7.71 7.36
CA GLN A 42 -5.54 -7.24 8.26
C GLN A 42 -5.20 -5.84 8.74
N VAL A 43 -5.54 -4.86 7.95
CA VAL A 43 -5.26 -3.47 8.25
C VAL A 43 -6.51 -2.83 8.84
N THR A 44 -7.08 -3.53 9.79
CA THR A 44 -8.30 -3.09 10.46
C THR A 44 -7.94 -1.84 11.25
N SER A 45 -8.92 -1.15 11.82
CA SER A 45 -8.68 0.14 12.48
C SER A 45 -7.52 0.10 13.48
N GLN A 46 -7.30 -1.03 14.12
CA GLN A 46 -6.18 -1.17 15.06
C GLN A 46 -4.83 -0.83 14.41
N ILE A 47 -4.60 -1.34 13.19
CA ILE A 47 -3.37 -1.07 12.45
C ILE A 47 -3.51 0.22 11.69
N LEU A 48 -4.67 0.44 11.10
CA LEU A 48 -4.88 1.59 10.26
C LEU A 48 -4.69 2.90 11.01
N GLN A 49 -5.12 2.94 12.26
CA GLN A 49 -5.01 4.16 13.07
C GLN A 49 -3.56 4.55 13.34
N LYS A 50 -2.71 3.54 13.43
CA LYS A 50 -1.29 3.75 13.69
C LYS A 50 -0.47 3.81 12.40
N ASN A 51 -1.11 3.55 11.27
CA ASN A 51 -0.42 3.55 9.97
C ASN A 51 -1.13 4.44 8.94
N THR A 52 -1.60 5.59 9.40
CA THR A 52 -2.32 6.53 8.52
C THR A 52 -1.47 7.09 7.39
N ASP A 53 -0.15 7.12 7.57
CA ASP A 53 0.76 7.61 6.52
C ASP A 53 0.70 6.75 5.26
N VAL A 54 0.44 5.47 5.42
CA VAL A 54 0.34 4.58 4.28
C VAL A 54 -0.94 4.90 3.55
N VAL A 55 -2.00 5.15 4.30
CA VAL A 55 -3.30 5.51 3.73
C VAL A 55 -3.14 6.83 2.97
N ALA A 56 -2.35 7.73 3.55
CA ALA A 56 -2.07 9.00 2.92
C ALA A 56 -1.31 8.82 1.61
N THR A 57 -0.51 7.78 1.49
CA THR A 57 0.25 7.53 0.28
C THR A 57 -0.64 6.82 -0.74
N LEU A 58 -1.46 5.89 -0.28
CA LEU A 58 -2.37 5.17 -1.16
C LEU A 58 -3.29 6.13 -1.90
N LYS A 59 -3.70 7.19 -1.23
CA LYS A 59 -4.50 8.24 -1.86
C LYS A 59 -3.74 8.93 -3.00
N LYS A 60 -2.41 8.96 -2.92
CA LYS A 60 -1.57 9.56 -3.98
C LYS A 60 -1.43 8.64 -5.20
N ILE A 61 -1.23 7.35 -4.97
CA ILE A 61 -1.03 6.43 -6.09
C ILE A 61 -2.30 6.03 -6.80
N ARG A 62 -3.43 6.14 -6.12
CA ARG A 62 -4.74 5.88 -6.72
C ARG A 62 -5.02 6.80 -7.91
N ARG A 63 -4.28 7.90 -7.99
CA ARG A 63 -4.38 8.87 -9.08
C ARG A 63 -3.06 8.99 -9.86
N TYR A 64 -2.21 7.99 -9.75
CA TYR A 64 -0.89 8.00 -10.38
C TYR A 64 -0.99 7.95 -11.91
N LYS A 65 -0.64 9.05 -12.56
CA LYS A 65 -0.77 9.16 -14.01
C LYS A 65 0.28 8.39 -14.82
N ALA A 66 1.47 8.20 -14.27
CA ALA A 66 2.55 7.56 -15.03
C ALA A 66 2.23 6.11 -15.38
N ASN A 67 1.66 5.38 -14.44
CA ASN A 67 1.34 3.98 -14.64
C ASN A 67 -0.09 3.69 -14.20
N LYS A 68 -0.96 3.40 -15.16
CA LYS A 68 -2.36 3.10 -14.87
C LYS A 68 -2.48 1.95 -13.89
N ASP A 69 -1.69 0.90 -14.09
CA ASP A 69 -1.76 -0.30 -13.23
C ASP A 69 -1.56 0.05 -11.75
N VAL A 70 -0.60 0.92 -11.45
CA VAL A 70 -0.38 1.35 -10.08
C VAL A 70 -1.65 1.97 -9.52
N MET A 71 -2.31 2.81 -10.30
CA MET A 71 -3.55 3.45 -9.87
C MET A 71 -4.61 2.40 -9.62
N GLU A 72 -4.75 1.44 -10.51
CA GLU A 72 -5.76 0.40 -10.33
C GLU A 72 -5.49 -0.47 -9.11
N LYS A 73 -4.25 -0.94 -8.94
CA LYS A 73 -3.97 -1.79 -7.80
C LYS A 73 -4.04 -0.99 -6.49
N ALA A 74 -3.55 0.24 -6.51
CA ALA A 74 -3.60 1.09 -5.32
C ALA A 74 -5.04 1.30 -4.92
N ALA A 75 -5.87 1.47 -5.93
CA ALA A 75 -7.30 1.65 -5.75
C ALA A 75 -7.98 0.47 -5.11
N GLU A 76 -7.74 -0.71 -5.65
CA GLU A 76 -8.34 -1.93 -5.12
C GLU A 76 -7.91 -2.07 -3.66
N VAL A 77 -6.63 -1.86 -3.38
CA VAL A 77 -6.08 -2.02 -2.06
C VAL A 77 -6.61 -0.98 -1.12
N TYR A 78 -6.57 0.27 -1.52
CA TYR A 78 -7.03 1.36 -0.68
C TYR A 78 -8.47 1.12 -0.24
N THR A 79 -9.32 0.73 -1.19
CA THR A 79 -10.73 0.45 -0.92
C THR A 79 -10.88 -0.76 0.00
N ARG A 80 -10.01 -1.75 -0.16
CA ARG A 80 -10.02 -2.90 0.74
C ARG A 80 -9.73 -2.47 2.18
N LEU A 81 -9.01 -1.36 2.37
CA LEU A 81 -8.66 -0.95 3.73
C LEU A 81 -9.88 -0.34 4.35
N LYS A 82 -10.63 0.35 3.51
CA LYS A 82 -11.88 1.01 3.92
C LYS A 82 -12.91 -0.01 4.37
N SER A 83 -12.78 -1.19 3.80
CA SER A 83 -13.65 -2.31 4.12
C SER A 83 -13.24 -2.99 5.45
N ARG A 84 -12.09 -2.59 5.99
CA ARG A 84 -11.58 -3.17 7.25
C ARG A 84 -11.45 -2.14 8.38
N GLY A 85 -11.35 -0.87 8.05
CA GLY A 85 -11.18 0.17 9.04
C GLY A 85 -11.51 1.55 8.52
N SER A 86 -11.63 2.51 9.43
CA SER A 86 -12.02 3.88 9.10
C SER A 86 -11.06 4.57 8.14
N ALA A 1 5.98 -22.08 11.68
CA ALA A 1 6.93 -21.12 12.32
C ALA A 1 6.21 -19.82 12.62
N ALA A 2 6.86 -18.90 13.33
CA ALA A 2 6.28 -17.60 13.60
C ALA A 2 6.31 -16.79 12.29
N SER A 3 5.52 -15.73 12.23
CA SER A 3 5.48 -14.88 11.04
C SER A 3 5.29 -13.45 11.54
N PRO A 4 5.80 -12.46 10.80
CA PRO A 4 5.64 -11.06 11.25
C PRO A 4 4.20 -10.56 11.19
N SER A 5 3.88 -9.62 12.06
CA SER A 5 2.56 -9.00 12.14
C SER A 5 2.29 -8.09 10.94
N VAL A 6 1.03 -7.70 10.74
CA VAL A 6 0.67 -6.84 9.62
C VAL A 6 1.49 -5.58 9.56
N GLU A 7 1.62 -4.90 10.69
CA GLU A 7 2.36 -3.64 10.74
C GLU A 7 3.84 -3.83 10.41
N GLU A 8 4.40 -4.97 10.79
CA GLU A 8 5.81 -5.25 10.50
C GLU A 8 5.96 -5.40 9.00
N LYS A 9 4.98 -6.05 8.40
CA LYS A 9 5.01 -6.31 6.96
C LYS A 9 4.71 -5.03 6.20
N LEU A 10 3.82 -4.24 6.77
CA LEU A 10 3.44 -2.95 6.22
C LEU A 10 4.66 -2.08 6.09
N GLN A 11 5.57 -2.13 7.04
CA GLN A 11 6.79 -1.32 6.97
C GLN A 11 7.51 -1.61 5.65
N LYS A 12 7.55 -2.88 5.25
CA LYS A 12 8.18 -3.23 3.98
C LYS A 12 7.32 -2.76 2.82
N LEU A 13 6.05 -3.12 2.79
CA LEU A 13 5.17 -2.76 1.69
C LEU A 13 5.09 -1.26 1.45
N HIS A 14 4.94 -0.49 2.52
CA HIS A 14 4.85 0.96 2.41
C HIS A 14 6.12 1.47 1.75
N SER A 15 7.26 0.93 2.16
CA SER A 15 8.54 1.33 1.59
C SER A 15 8.62 0.97 0.11
N GLU A 16 8.13 -0.20 -0.28
CA GLU A 16 8.18 -0.57 -1.69
C GLU A 16 7.30 0.36 -2.51
N ILE A 17 6.13 0.72 -2.00
CA ILE A 17 5.26 1.67 -2.69
C ILE A 17 6.09 2.91 -2.96
N LYS A 18 6.79 3.42 -1.96
CA LYS A 18 7.57 4.64 -2.10
C LYS A 18 8.74 4.50 -3.06
N PHE A 19 9.41 3.36 -3.04
CA PHE A 19 10.52 3.11 -3.96
C PHE A 19 10.02 3.04 -5.39
N ALA A 20 8.81 2.54 -5.57
CA ALA A 20 8.20 2.42 -6.89
C ALA A 20 7.92 3.77 -7.53
N LEU A 21 7.84 4.81 -6.72
CA LEU A 21 7.55 6.16 -7.20
C LEU A 21 8.80 7.02 -7.32
N LYS A 22 9.97 6.40 -7.22
CA LYS A 22 11.23 7.12 -7.36
C LYS A 22 11.22 7.80 -8.72
N VAL A 23 11.36 9.12 -8.75
CA VAL A 23 11.40 9.86 -10.01
C VAL A 23 12.57 9.38 -10.86
N ASP A 24 13.66 9.12 -10.15
CA ASP A 24 14.92 8.68 -10.72
C ASP A 24 14.83 7.31 -11.39
N SER A 25 13.91 6.48 -10.91
CA SER A 25 13.72 5.13 -11.44
C SER A 25 12.43 4.50 -10.91
N PRO A 26 11.26 4.83 -11.51
CA PRO A 26 10.03 4.23 -11.01
C PRO A 26 9.85 2.78 -11.44
N ASP A 27 9.18 2.00 -10.59
CA ASP A 27 8.93 0.58 -10.87
C ASP A 27 7.50 0.20 -10.52
N VAL A 28 6.63 0.14 -11.51
CA VAL A 28 5.24 -0.19 -11.28
C VAL A 28 5.05 -1.53 -10.61
N LYS A 29 5.77 -2.54 -11.09
CA LYS A 29 5.64 -3.90 -10.55
C LYS A 29 5.95 -3.89 -9.08
N ARG A 30 6.87 -3.01 -8.69
CA ARG A 30 7.30 -2.97 -7.29
C ARG A 30 6.16 -2.44 -6.43
N CYS A 31 5.45 -1.46 -6.95
CA CYS A 31 4.28 -0.93 -6.27
C CYS A 31 3.20 -2.00 -6.24
N LEU A 32 2.90 -2.62 -7.38
CA LEU A 32 1.82 -3.61 -7.48
C LEU A 32 2.00 -4.76 -6.50
N ASN A 33 3.22 -5.26 -6.40
CA ASN A 33 3.55 -6.36 -5.50
C ASN A 33 3.33 -5.96 -4.04
N ALA A 34 3.67 -4.73 -3.71
CA ALA A 34 3.47 -4.23 -2.35
C ALA A 34 1.98 -4.07 -2.08
N LEU A 35 1.30 -3.44 -3.02
CA LEU A 35 -0.10 -3.23 -2.94
C LEU A 35 -0.85 -4.55 -2.73
N GLU A 36 -0.55 -5.57 -3.52
CA GLU A 36 -1.31 -6.82 -3.42
C GLU A 36 -1.18 -7.48 -2.04
N GLU A 37 -0.01 -7.40 -1.40
CA GLU A 37 0.13 -7.96 -0.05
C GLU A 37 -0.68 -7.09 0.91
N LEU A 38 -0.50 -5.78 0.81
CA LEU A 38 -1.19 -4.84 1.70
C LEU A 38 -2.71 -5.03 1.59
N GLY A 39 -3.18 -5.38 0.40
CA GLY A 39 -4.60 -5.59 0.16
C GLY A 39 -5.20 -6.79 0.87
N THR A 40 -4.37 -7.72 1.32
CA THR A 40 -4.87 -8.91 2.02
C THR A 40 -4.49 -8.86 3.50
N LEU A 41 -3.62 -7.93 3.87
CA LEU A 41 -3.19 -7.80 5.26
C LEU A 41 -4.36 -7.31 6.13
N GLN A 42 -4.39 -7.72 7.40
CA GLN A 42 -5.43 -7.24 8.32
C GLN A 42 -5.09 -5.83 8.77
N VAL A 43 -5.49 -4.88 7.97
CA VAL A 43 -5.21 -3.48 8.24
C VAL A 43 -6.46 -2.86 8.84
N THR A 44 -7.00 -3.51 9.84
CA THR A 44 -8.20 -3.03 10.52
C THR A 44 -7.81 -1.74 11.23
N SER A 45 -8.78 -1.02 11.79
CA SER A 45 -8.52 0.28 12.41
C SER A 45 -7.36 0.26 13.39
N GLN A 46 -7.13 -0.86 14.05
CA GLN A 46 -6.02 -1.00 14.98
C GLN A 46 -4.67 -0.67 14.31
N ILE A 47 -4.45 -1.19 13.11
CA ILE A 47 -3.22 -0.95 12.36
C ILE A 47 -3.36 0.34 11.58
N LEU A 48 -4.51 0.53 10.97
CA LEU A 48 -4.72 1.69 10.12
C LEU A 48 -4.55 3.00 10.84
N GLN A 49 -5.01 3.08 12.09
CA GLN A 49 -4.91 4.33 12.85
C GLN A 49 -3.48 4.66 13.20
N LYS A 50 -2.64 3.64 13.37
CA LYS A 50 -1.22 3.86 13.67
C LYS A 50 -0.40 3.97 12.38
N ASN A 51 -1.04 3.75 11.24
CA ASN A 51 -0.37 3.81 9.94
C ASN A 51 -1.14 4.69 8.93
N THR A 52 -1.60 5.84 9.39
CA THR A 52 -2.37 6.76 8.55
C THR A 52 -1.55 7.31 7.38
N ASP A 53 -0.24 7.35 7.50
CA ASP A 53 0.64 7.83 6.42
C ASP A 53 0.59 6.93 5.22
N VAL A 54 0.36 5.64 5.46
CA VAL A 54 0.27 4.69 4.38
C VAL A 54 -1.02 4.96 3.63
N VAL A 55 -2.07 5.21 4.38
CA VAL A 55 -3.37 5.52 3.78
C VAL A 55 -3.23 6.81 2.98
N ALA A 56 -2.45 7.75 3.51
CA ALA A 56 -2.20 8.99 2.82
C ALA A 56 -1.46 8.73 1.51
N THR A 57 -0.53 7.80 1.49
CA THR A 57 0.22 7.53 0.27
C THR A 57 -0.64 6.79 -0.72
N LEU A 58 -1.48 5.88 -0.26
CA LEU A 58 -2.37 5.15 -1.15
C LEU A 58 -3.29 6.12 -1.90
N LYS A 59 -3.69 7.20 -1.24
CA LYS A 59 -4.50 8.23 -1.91
C LYS A 59 -3.69 8.94 -3.02
N LYS A 60 -2.38 9.02 -2.86
CA LYS A 60 -1.51 9.65 -3.88
C LYS A 60 -1.40 8.77 -5.11
N ILE A 61 -1.17 7.47 -4.91
CA ILE A 61 -0.98 6.55 -6.03
C ILE A 61 -2.26 6.11 -6.74
N ARG A 62 -3.40 6.22 -6.08
CA ARG A 62 -4.69 5.91 -6.71
C ARG A 62 -4.99 6.82 -7.89
N ARG A 63 -4.28 7.94 -7.96
CA ARG A 63 -4.41 8.91 -9.06
C ARG A 63 -3.08 9.06 -9.83
N TYR A 64 -2.19 8.09 -9.69
CA TYR A 64 -0.86 8.13 -10.32
C TYR A 64 -0.95 8.08 -11.84
N LYS A 65 -0.54 9.16 -12.50
CA LYS A 65 -0.64 9.27 -13.96
C LYS A 65 0.38 8.45 -14.75
N ALA A 66 1.56 8.25 -14.19
CA ALA A 66 2.64 7.58 -14.93
C ALA A 66 2.30 6.13 -15.28
N ASN A 67 1.69 5.43 -14.34
CA ASN A 67 1.36 4.03 -14.55
C ASN A 67 -0.08 3.77 -14.13
N LYS A 68 -0.94 3.46 -15.09
CA LYS A 68 -2.35 3.15 -14.82
C LYS A 68 -2.45 1.99 -13.85
N ASP A 69 -1.64 0.96 -14.04
CA ASP A 69 -1.70 -0.24 -13.20
C ASP A 69 -1.52 0.10 -11.72
N VAL A 70 -0.57 0.98 -11.41
CA VAL A 70 -0.35 1.40 -10.02
C VAL A 70 -1.63 1.99 -9.47
N MET A 71 -2.31 2.84 -10.24
CA MET A 71 -3.55 3.46 -9.80
C MET A 71 -4.61 2.40 -9.60
N GLU A 72 -4.72 1.45 -10.51
CA GLU A 72 -5.73 0.40 -10.37
C GLU A 72 -5.48 -0.47 -9.14
N LYS A 73 -4.26 -0.94 -8.96
CA LYS A 73 -4.01 -1.81 -7.81
C LYS A 73 -4.11 -1.04 -6.52
N ALA A 74 -3.62 0.20 -6.51
CA ALA A 74 -3.69 1.04 -5.32
C ALA A 74 -5.12 1.23 -4.93
N ALA A 75 -5.95 1.43 -5.93
CA ALA A 75 -7.38 1.63 -5.74
C ALA A 75 -8.06 0.41 -5.15
N GLU A 76 -7.81 -0.76 -5.71
CA GLU A 76 -8.41 -1.98 -5.23
C GLU A 76 -8.00 -2.20 -3.76
N VAL A 77 -6.73 -1.93 -3.46
CA VAL A 77 -6.19 -2.12 -2.13
C VAL A 77 -6.73 -1.11 -1.17
N TYR A 78 -6.66 0.16 -1.53
CA TYR A 78 -7.10 1.25 -0.66
C TYR A 78 -8.54 1.03 -0.22
N THR A 79 -9.39 0.67 -1.17
CA THR A 79 -10.81 0.42 -0.90
C THR A 79 -10.99 -0.81 0.01
N ARG A 80 -10.13 -1.80 -0.16
CA ARG A 80 -10.15 -2.97 0.71
C ARG A 80 -9.85 -2.55 2.15
N LEU A 81 -9.07 -1.49 2.34
CA LEU A 81 -8.68 -1.10 3.69
C LEU A 81 -9.87 -0.43 4.32
N LYS A 82 -10.63 0.26 3.49
CA LYS A 82 -11.84 0.96 3.95
C LYS A 82 -12.87 -0.02 4.46
N SER A 83 -12.80 -1.23 3.93
CA SER A 83 -13.68 -2.31 4.33
C SER A 83 -13.22 -2.95 5.65
N ARG A 84 -12.04 -2.57 6.14
CA ARG A 84 -11.49 -3.11 7.39
C ARG A 84 -11.28 -2.05 8.49
N GLY A 85 -11.09 -0.80 8.09
CA GLY A 85 -10.84 0.27 9.03
C GLY A 85 -11.09 1.64 8.42
N SER A 86 -11.16 2.65 9.28
CA SER A 86 -11.46 4.04 8.87
C SER A 86 -10.46 4.62 7.87
N ALA A 1 7.46 -17.79 15.31
CA ALA A 1 8.71 -17.44 14.59
C ALA A 1 8.43 -17.34 13.10
N ALA A 2 9.19 -16.51 12.38
CA ALA A 2 8.97 -16.28 10.94
C ALA A 2 7.52 -15.88 10.66
N SER A 3 6.95 -15.13 11.61
CA SER A 3 5.54 -14.75 11.57
C SER A 3 5.35 -13.28 11.92
N PRO A 4 5.83 -12.35 11.06
CA PRO A 4 5.66 -10.94 11.44
C PRO A 4 4.22 -10.46 11.37
N SER A 5 3.91 -9.49 12.23
CA SER A 5 2.59 -8.88 12.32
C SER A 5 2.31 -7.99 11.11
N VAL A 6 1.05 -7.57 10.94
CA VAL A 6 0.67 -6.70 9.82
C VAL A 6 1.52 -5.43 9.80
N GLU A 7 1.66 -4.80 10.94
CA GLU A 7 2.42 -3.56 11.04
C GLU A 7 3.91 -3.77 10.75
N GLU A 8 4.45 -4.91 11.13
CA GLU A 8 5.85 -5.22 10.83
C GLU A 8 5.98 -5.41 9.33
N LYS A 9 5.01 -6.06 8.73
CA LYS A 9 5.03 -6.33 7.28
C LYS A 9 4.85 -5.04 6.53
N LEU A 10 4.03 -4.16 7.10
CA LEU A 10 3.73 -2.88 6.50
C LEU A 10 5.02 -2.13 6.24
N GLN A 11 5.98 -2.20 7.16
CA GLN A 11 7.23 -1.47 6.98
C GLN A 11 7.87 -1.80 5.63
N LYS A 12 7.81 -3.07 5.22
CA LYS A 12 8.34 -3.46 3.91
C LYS A 12 7.45 -2.92 2.79
N LEU A 13 6.16 -3.24 2.81
CA LEU A 13 5.27 -2.84 1.75
C LEU A 13 5.20 -1.35 1.53
N HIS A 14 5.08 -0.59 2.61
CA HIS A 14 5.00 0.85 2.50
C HIS A 14 6.27 1.35 1.82
N SER A 15 7.43 0.81 2.19
CA SER A 15 8.69 1.26 1.60
C SER A 15 8.73 0.95 0.10
N GLU A 16 8.21 -0.20 -0.29
CA GLU A 16 8.18 -0.54 -1.72
C GLU A 16 7.32 0.43 -2.49
N ILE A 17 6.20 0.85 -1.90
CA ILE A 17 5.33 1.80 -2.58
C ILE A 17 6.17 3.05 -2.84
N LYS A 18 6.96 3.46 -1.87
CA LYS A 18 7.81 4.67 -2.02
C LYS A 18 8.86 4.49 -3.11
N PHE A 19 9.53 3.34 -3.11
CA PHE A 19 10.59 3.07 -4.09
C PHE A 19 10.02 2.98 -5.50
N ALA A 20 8.79 2.51 -5.59
CA ALA A 20 8.10 2.40 -6.87
C ALA A 20 7.80 3.76 -7.50
N LEU A 21 7.87 4.81 -6.69
CA LEU A 21 7.55 6.17 -7.13
C LEU A 21 8.79 7.06 -7.18
N LYS A 22 9.96 6.44 -7.07
CA LYS A 22 11.21 7.17 -7.17
C LYS A 22 11.18 7.94 -8.47
N VAL A 23 11.56 9.20 -8.41
CA VAL A 23 11.65 10.04 -9.61
C VAL A 23 12.71 9.46 -10.53
N ASP A 24 13.81 9.08 -9.89
CA ASP A 24 14.99 8.51 -10.54
C ASP A 24 14.75 7.12 -11.15
N SER A 25 13.82 6.38 -10.57
CA SER A 25 13.57 4.99 -11.01
C SER A 25 12.18 4.49 -10.64
N PRO A 26 11.12 4.96 -11.32
CA PRO A 26 9.82 4.41 -10.93
C PRO A 26 9.65 2.96 -11.38
N ASP A 27 8.99 2.16 -10.55
CA ASP A 27 8.77 0.74 -10.83
C ASP A 27 7.36 0.33 -10.48
N VAL A 28 6.50 0.24 -11.49
CA VAL A 28 5.11 -0.11 -11.27
C VAL A 28 4.96 -1.46 -10.62
N LYS A 29 5.66 -2.47 -11.13
CA LYS A 29 5.54 -3.82 -10.62
C LYS A 29 5.86 -3.85 -9.14
N ARG A 30 6.75 -2.97 -8.73
CA ARG A 30 7.18 -2.96 -7.32
C ARG A 30 6.04 -2.44 -6.47
N CYS A 31 5.34 -1.44 -6.97
CA CYS A 31 4.18 -0.92 -6.26
C CYS A 31 3.11 -2.00 -6.24
N LEU A 32 2.80 -2.60 -7.39
CA LEU A 32 1.72 -3.59 -7.49
C LEU A 32 1.93 -4.74 -6.51
N ASN A 33 3.17 -5.21 -6.41
CA ASN A 33 3.48 -6.32 -5.52
C ASN A 33 3.32 -5.94 -4.05
N ALA A 34 3.66 -4.72 -3.71
CA ALA A 34 3.50 -4.26 -2.34
C ALA A 34 2.02 -4.12 -2.04
N LEU A 35 1.33 -3.51 -2.99
CA LEU A 35 -0.10 -3.31 -2.91
C LEU A 35 -0.82 -4.65 -2.73
N GLU A 36 -0.45 -5.68 -3.48
CA GLU A 36 -1.17 -6.96 -3.37
C GLU A 36 -1.05 -7.59 -1.97
N GLU A 37 0.10 -7.49 -1.32
CA GLU A 37 0.22 -8.04 0.03
C GLU A 37 -0.61 -7.15 0.97
N LEU A 38 -0.47 -5.84 0.80
CA LEU A 38 -1.20 -4.88 1.63
C LEU A 38 -2.71 -5.12 1.54
N GLY A 39 -3.20 -5.51 0.38
CA GLY A 39 -4.61 -5.74 0.17
C GLY A 39 -5.17 -6.93 0.94
N THR A 40 -4.31 -7.84 1.37
CA THR A 40 -4.75 -9.03 2.10
C THR A 40 -4.38 -8.90 3.58
N LEU A 41 -3.47 -7.98 3.89
CA LEU A 41 -3.05 -7.77 5.27
C LEU A 41 -4.22 -7.24 6.09
N GLN A 42 -4.29 -7.62 7.36
CA GLN A 42 -5.36 -7.13 8.23
C GLN A 42 -5.01 -5.73 8.72
N VAL A 43 -5.23 -4.76 7.88
CA VAL A 43 -4.95 -3.37 8.19
C VAL A 43 -6.24 -2.75 8.72
N THR A 44 -6.85 -3.48 9.64
CA THR A 44 -8.11 -3.08 10.24
C THR A 44 -7.83 -1.83 11.08
N SER A 45 -8.85 -1.20 11.63
CA SER A 45 -8.71 0.08 12.32
C SER A 45 -7.55 0.10 13.32
N GLN A 46 -7.30 -1.01 13.98
CA GLN A 46 -6.19 -1.12 14.93
C GLN A 46 -4.84 -0.75 14.32
N ILE A 47 -4.58 -1.22 13.11
CA ILE A 47 -3.33 -0.93 12.42
C ILE A 47 -3.50 0.36 11.63
N LEU A 48 -4.67 0.55 11.04
CA LEU A 48 -4.91 1.70 10.20
C LEU A 48 -4.75 3.03 10.95
N GLN A 49 -5.16 3.05 12.21
CA GLN A 49 -5.08 4.26 13.02
C GLN A 49 -3.65 4.68 13.29
N LYS A 50 -2.77 3.69 13.39
CA LYS A 50 -1.34 3.92 13.64
C LYS A 50 -0.56 4.00 12.33
N ASN A 51 -1.24 3.81 11.20
CA ASN A 51 -0.60 3.88 9.88
C ASN A 51 -1.35 4.81 8.92
N THR A 52 -1.74 5.98 9.42
CA THR A 52 -2.48 6.93 8.60
C THR A 52 -1.63 7.48 7.44
N ASP A 53 -0.32 7.52 7.61
CA ASP A 53 0.59 7.97 6.53
C ASP A 53 0.59 7.01 5.35
N VAL A 54 0.31 5.75 5.63
CA VAL A 54 0.24 4.75 4.58
C VAL A 54 -1.00 5.04 3.76
N VAL A 55 -2.08 5.34 4.45
CA VAL A 55 -3.34 5.68 3.79
C VAL A 55 -3.14 6.96 2.98
N ALA A 56 -2.35 7.87 3.53
CA ALA A 56 -2.03 9.11 2.84
C ALA A 56 -1.26 8.84 1.55
N THR A 57 -0.42 7.81 1.52
CA THR A 57 0.35 7.50 0.32
C THR A 57 -0.54 6.78 -0.67
N LEU A 58 -1.38 5.87 -0.19
CA LEU A 58 -2.30 5.15 -1.06
C LEU A 58 -3.21 6.11 -1.81
N LYS A 59 -3.59 7.21 -1.17
CA LYS A 59 -4.38 8.25 -1.84
C LYS A 59 -3.60 8.92 -3.00
N LYS A 60 -2.27 8.92 -2.93
CA LYS A 60 -1.43 9.50 -3.99
C LYS A 60 -1.34 8.57 -5.20
N ILE A 61 -1.16 7.28 -4.97
CA ILE A 61 -1.00 6.33 -6.09
C ILE A 61 -2.32 5.95 -6.75
N ARG A 62 -3.43 6.10 -6.06
CA ARG A 62 -4.75 5.87 -6.63
C ARG A 62 -5.08 6.84 -7.76
N ARG A 63 -4.29 7.89 -7.90
CA ARG A 63 -4.43 8.86 -8.99
C ARG A 63 -3.15 8.93 -9.82
N TYR A 64 -2.30 7.91 -9.72
CA TYR A 64 -0.99 7.92 -10.37
C TYR A 64 -1.10 7.97 -11.89
N LYS A 65 -0.67 9.09 -12.46
CA LYS A 65 -0.76 9.33 -13.89
C LYS A 65 0.33 8.61 -14.69
N ALA A 66 1.50 8.43 -14.11
CA ALA A 66 2.62 7.83 -14.84
C ALA A 66 2.40 6.34 -15.17
N ASN A 67 1.61 5.64 -14.37
CA ASN A 67 1.32 4.24 -14.68
C ASN A 67 -0.08 3.84 -14.25
N LYS A 68 -0.86 3.37 -15.22
CA LYS A 68 -2.26 2.99 -14.98
C LYS A 68 -2.43 1.82 -14.02
N ASP A 69 -1.56 0.82 -14.13
CA ASP A 69 -1.70 -0.36 -13.29
C ASP A 69 -1.54 0.02 -11.82
N VAL A 70 -0.61 0.90 -11.54
CA VAL A 70 -0.41 1.40 -10.16
C VAL A 70 -1.69 2.04 -9.65
N MET A 71 -2.35 2.83 -10.50
CA MET A 71 -3.59 3.50 -10.12
C MET A 71 -4.65 2.51 -9.74
N GLU A 72 -4.81 1.51 -10.58
CA GLU A 72 -5.82 0.48 -10.35
C GLU A 72 -5.52 -0.39 -9.16
N LYS A 73 -4.29 -0.87 -9.02
CA LYS A 73 -3.99 -1.76 -7.91
C LYS A 73 -4.04 -1.00 -6.59
N ALA A 74 -3.56 0.23 -6.58
CA ALA A 74 -3.60 1.06 -5.38
C ALA A 74 -5.04 1.24 -4.97
N ALA A 75 -5.88 1.41 -5.96
CA ALA A 75 -7.32 1.58 -5.76
C ALA A 75 -8.01 0.36 -5.18
N GLU A 76 -7.76 -0.80 -5.75
CA GLU A 76 -8.38 -2.03 -5.27
C GLU A 76 -7.97 -2.25 -3.81
N VAL A 77 -6.71 -1.96 -3.52
CA VAL A 77 -6.18 -2.12 -2.18
C VAL A 77 -6.73 -1.09 -1.23
N TYR A 78 -6.64 0.18 -1.58
CA TYR A 78 -7.07 1.27 -0.72
C TYR A 78 -8.52 1.07 -0.27
N THR A 79 -9.38 0.71 -1.21
CA THR A 79 -10.80 0.49 -0.94
C THR A 79 -11.00 -0.71 -0.02
N ARG A 80 -10.18 -1.74 -0.17
CA ARG A 80 -10.28 -2.89 0.72
C ARG A 80 -9.98 -2.47 2.15
N LEU A 81 -9.16 -1.46 2.35
CA LEU A 81 -8.76 -1.07 3.70
C LEU A 81 -9.92 -0.33 4.31
N LYS A 82 -10.65 0.36 3.46
CA LYS A 82 -11.85 1.07 3.88
C LYS A 82 -12.84 0.05 4.42
N SER A 83 -12.96 -1.08 3.73
CA SER A 83 -13.85 -2.15 4.16
C SER A 83 -13.38 -2.84 5.45
N ARG A 84 -12.08 -2.78 5.72
CA ARG A 84 -11.52 -3.37 6.95
C ARG A 84 -11.52 -2.35 8.09
N GLY A 85 -11.91 -1.13 7.79
CA GLY A 85 -11.85 -0.04 8.76
C GLY A 85 -13.13 0.77 8.76
N SER A 86 -14.25 0.07 8.84
CA SER A 86 -15.58 0.67 8.89
C SER A 86 -16.34 -0.25 9.82
N ALA A 1 10.60 -19.09 13.75
CA ALA A 1 10.05 -17.93 14.51
C ALA A 1 8.58 -17.76 14.18
N ALA A 2 7.89 -16.87 14.90
CA ALA A 2 6.49 -16.59 14.61
C ALA A 2 6.45 -15.77 13.32
N SER A 3 5.30 -15.73 12.66
CA SER A 3 5.15 -14.92 11.47
C SER A 3 5.03 -13.45 11.90
N PRO A 4 5.63 -12.52 11.14
CA PRO A 4 5.52 -11.12 11.56
C PRO A 4 4.11 -10.55 11.44
N SER A 5 3.80 -9.59 12.30
CA SER A 5 2.49 -8.94 12.33
C SER A 5 2.27 -8.05 11.11
N VAL A 6 1.02 -7.66 10.88
CA VAL A 6 0.68 -6.80 9.74
C VAL A 6 1.52 -5.53 9.72
N GLU A 7 1.64 -4.89 10.86
CA GLU A 7 2.40 -3.64 10.95
C GLU A 7 3.89 -3.85 10.66
N GLU A 8 4.44 -4.99 11.05
CA GLU A 8 5.85 -5.27 10.78
C GLU A 8 6.02 -5.43 9.28
N LYS A 9 5.04 -6.09 8.68
CA LYS A 9 5.08 -6.36 7.25
C LYS A 9 4.84 -5.09 6.46
N LEU A 10 4.00 -4.24 7.04
CA LEU A 10 3.67 -2.95 6.45
C LEU A 10 4.94 -2.16 6.22
N GLN A 11 5.88 -2.22 7.15
CA GLN A 11 7.13 -1.48 7.01
C GLN A 11 7.78 -1.77 5.67
N LYS A 12 7.73 -3.03 5.24
CA LYS A 12 8.29 -3.39 3.94
C LYS A 12 7.39 -2.86 2.82
N LEU A 13 6.12 -3.24 2.80
CA LEU A 13 5.23 -2.84 1.72
C LEU A 13 5.14 -1.35 1.51
N HIS A 14 5.00 -0.60 2.59
CA HIS A 14 4.90 0.85 2.48
C HIS A 14 6.15 1.38 1.83
N SER A 15 7.31 0.85 2.20
CA SER A 15 8.57 1.30 1.63
C SER A 15 8.66 0.98 0.14
N GLU A 16 8.14 -0.17 -0.27
CA GLU A 16 8.18 -0.50 -1.69
C GLU A 16 7.32 0.46 -2.49
N ILE A 17 6.19 0.88 -1.93
CA ILE A 17 5.33 1.83 -2.61
C ILE A 17 6.16 3.08 -2.87
N LYS A 18 6.93 3.50 -1.89
CA LYS A 18 7.77 4.70 -2.02
C LYS A 18 8.81 4.54 -3.13
N PHE A 19 9.51 3.41 -3.13
CA PHE A 19 10.56 3.15 -4.11
C PHE A 19 10.00 3.07 -5.51
N ALA A 20 8.79 2.56 -5.62
CA ALA A 20 8.11 2.42 -6.90
C ALA A 20 7.79 3.76 -7.55
N LEU A 21 7.82 4.83 -6.77
CA LEU A 21 7.46 6.16 -7.24
C LEU A 21 8.66 7.08 -7.33
N LYS A 22 9.85 6.51 -7.20
CA LYS A 22 11.09 7.27 -7.31
C LYS A 22 11.04 7.99 -8.64
N VAL A 23 11.31 9.28 -8.63
CA VAL A 23 11.34 10.07 -9.86
C VAL A 23 12.46 9.56 -10.75
N ASP A 24 13.56 9.25 -10.08
CA ASP A 24 14.78 8.75 -10.72
C ASP A 24 14.62 7.37 -11.34
N SER A 25 13.74 6.56 -10.75
CA SER A 25 13.54 5.19 -11.22
C SER A 25 12.22 4.59 -10.75
N PRO A 26 11.10 4.94 -11.41
CA PRO A 26 9.83 4.35 -10.98
C PRO A 26 9.68 2.89 -11.40
N ASP A 27 9.01 2.10 -10.58
CA ASP A 27 8.80 0.68 -10.85
C ASP A 27 7.37 0.26 -10.51
N VAL A 28 6.54 0.14 -11.52
CA VAL A 28 5.14 -0.22 -11.32
C VAL A 28 4.96 -1.57 -10.66
N LYS A 29 5.70 -2.57 -11.11
CA LYS A 29 5.56 -3.91 -10.57
C LYS A 29 5.91 -3.90 -9.10
N ARG A 30 6.82 -3.01 -8.73
CA ARG A 30 7.26 -2.95 -7.33
C ARG A 30 6.11 -2.44 -6.48
N CYS A 31 5.41 -1.44 -7.00
CA CYS A 31 4.24 -0.91 -6.31
C CYS A 31 3.17 -2.00 -6.27
N LEU A 32 2.90 -2.64 -7.41
CA LEU A 32 1.84 -3.65 -7.51
C LEU A 32 2.04 -4.79 -6.51
N ASN A 33 3.27 -5.28 -6.40
CA ASN A 33 3.58 -6.37 -5.48
C ASN A 33 3.31 -5.93 -4.04
N ALA A 34 3.68 -4.71 -3.73
CA ALA A 34 3.47 -4.19 -2.38
C ALA A 34 1.98 -4.05 -2.11
N LEU A 35 1.29 -3.43 -3.06
CA LEU A 35 -0.12 -3.24 -2.97
C LEU A 35 -0.86 -4.56 -2.81
N GLU A 36 -0.53 -5.57 -3.58
CA GLU A 36 -1.27 -6.83 -3.50
C GLU A 36 -1.15 -7.49 -2.13
N GLU A 37 0.01 -7.40 -1.47
CA GLU A 37 0.13 -7.98 -0.14
C GLU A 37 -0.67 -7.12 0.83
N LEU A 38 -0.54 -5.80 0.70
CA LEU A 38 -1.30 -4.86 1.54
C LEU A 38 -2.80 -5.12 1.42
N GLY A 39 -3.24 -5.54 0.25
CA GLY A 39 -4.63 -5.82 -0.01
C GLY A 39 -5.17 -7.02 0.75
N THR A 40 -4.30 -7.88 1.27
CA THR A 40 -4.74 -9.06 2.01
C THR A 40 -4.35 -8.96 3.48
N LEU A 41 -3.46 -8.03 3.82
CA LEU A 41 -3.03 -7.84 5.20
C LEU A 41 -4.21 -7.33 6.04
N GLN A 42 -4.29 -7.73 7.30
CA GLN A 42 -5.36 -7.26 8.19
C GLN A 42 -5.03 -5.85 8.68
N VAL A 43 -5.37 -4.88 7.88
CA VAL A 43 -5.10 -3.49 8.19
C VAL A 43 -6.37 -2.89 8.80
N THR A 44 -6.90 -3.62 9.77
CA THR A 44 -8.13 -3.24 10.45
C THR A 44 -7.82 -1.98 11.24
N SER A 45 -8.84 -1.35 11.82
CA SER A 45 -8.68 -0.06 12.49
C SER A 45 -7.51 -0.02 13.46
N GLN A 46 -7.23 -1.12 14.14
CA GLN A 46 -6.11 -1.21 15.05
C GLN A 46 -4.78 -0.82 14.38
N ILE A 47 -4.55 -1.32 13.17
CA ILE A 47 -3.33 -1.03 12.42
C ILE A 47 -3.53 0.26 11.65
N LEU A 48 -4.70 0.41 11.06
CA LEU A 48 -4.96 1.56 10.21
C LEU A 48 -4.81 2.89 10.92
N GLN A 49 -5.25 2.94 12.17
CA GLN A 49 -5.20 4.18 12.94
C GLN A 49 -3.76 4.56 13.27
N LYS A 50 -2.89 3.57 13.44
CA LYS A 50 -1.48 3.83 13.73
C LYS A 50 -0.67 3.94 12.42
N ASN A 51 -1.32 3.73 11.29
CA ASN A 51 -0.67 3.81 9.97
C ASN A 51 -1.43 4.74 9.01
N THR A 52 -1.84 5.89 9.49
CA THR A 52 -2.58 6.85 8.67
C THR A 52 -1.75 7.39 7.52
N ASP A 53 -0.43 7.47 7.67
CA ASP A 53 0.46 7.94 6.60
C ASP A 53 0.53 6.97 5.43
N VAL A 54 0.23 5.71 5.71
CA VAL A 54 0.22 4.70 4.66
C VAL A 54 -0.99 4.99 3.80
N VAL A 55 -2.11 5.26 4.46
CA VAL A 55 -3.35 5.60 3.78
C VAL A 55 -3.14 6.90 3.01
N ALA A 56 -2.36 7.80 3.59
CA ALA A 56 -2.04 9.06 2.93
C ALA A 56 -1.26 8.82 1.64
N THR A 57 -0.39 7.82 1.59
CA THR A 57 0.37 7.56 0.38
C THR A 57 -0.52 6.84 -0.63
N LEU A 58 -1.35 5.93 -0.16
CA LEU A 58 -2.27 5.20 -1.05
C LEU A 58 -3.20 6.14 -1.79
N LYS A 59 -3.56 7.26 -1.17
CA LYS A 59 -4.37 8.28 -1.86
C LYS A 59 -3.61 8.90 -3.04
N LYS A 60 -2.28 8.94 -2.94
CA LYS A 60 -1.45 9.52 -4.01
C LYS A 60 -1.36 8.62 -5.23
N ILE A 61 -1.19 7.33 -5.00
CA ILE A 61 -1.00 6.40 -6.11
C ILE A 61 -2.28 6.00 -6.83
N ARG A 62 -3.42 6.13 -6.17
CA ARG A 62 -4.73 5.85 -6.77
C ARG A 62 -4.99 6.78 -7.97
N ARG A 63 -4.26 7.87 -8.03
CA ARG A 63 -4.37 8.85 -9.13
C ARG A 63 -3.04 8.99 -9.89
N TYR A 64 -2.18 7.98 -9.77
CA TYR A 64 -0.86 8.00 -10.41
C TYR A 64 -1.00 7.92 -11.93
N LYS A 65 -0.52 8.94 -12.63
CA LYS A 65 -0.66 9.00 -14.10
C LYS A 65 0.39 8.23 -14.89
N ALA A 66 1.58 8.04 -14.34
CA ALA A 66 2.66 7.40 -15.09
C ALA A 66 2.31 5.95 -15.45
N ASN A 67 1.70 5.24 -14.51
CA ASN A 67 1.34 3.85 -14.73
C ASN A 67 -0.10 3.60 -14.29
N LYS A 68 -0.95 3.24 -15.24
CA LYS A 68 -2.36 2.93 -14.94
C LYS A 68 -2.44 1.82 -13.92
N ASP A 69 -1.62 0.80 -14.09
CA ASP A 69 -1.60 -0.38 -13.21
C ASP A 69 -1.48 -0.01 -11.74
N VAL A 70 -0.56 0.89 -11.44
CA VAL A 70 -0.36 1.34 -10.06
C VAL A 70 -1.65 1.94 -9.51
N MET A 71 -2.32 2.75 -10.31
CA MET A 71 -3.57 3.39 -9.89
C MET A 71 -4.63 2.33 -9.66
N GLU A 72 -4.74 1.37 -10.56
CA GLU A 72 -5.74 0.32 -10.41
C GLU A 72 -5.51 -0.52 -9.16
N LYS A 73 -4.29 -0.98 -8.94
CA LYS A 73 -4.07 -1.81 -7.76
C LYS A 73 -4.12 -1.00 -6.47
N ALA A 74 -3.59 0.21 -6.49
CA ALA A 74 -3.62 1.08 -5.31
C ALA A 74 -5.06 1.29 -4.90
N ALA A 75 -5.89 1.46 -5.91
CA ALA A 75 -7.33 1.65 -5.73
C ALA A 75 -8.02 0.47 -5.10
N GLU A 76 -7.79 -0.72 -5.64
CA GLU A 76 -8.42 -1.92 -5.13
C GLU A 76 -8.01 -2.06 -3.65
N VAL A 77 -6.74 -1.83 -3.38
CA VAL A 77 -6.19 -1.98 -2.05
C VAL A 77 -6.74 -0.94 -1.11
N TYR A 78 -6.66 0.32 -1.51
CA TYR A 78 -7.11 1.42 -0.68
C TYR A 78 -8.56 1.21 -0.24
N THR A 79 -9.40 0.81 -1.18
CA THR A 79 -10.81 0.54 -0.94
C THR A 79 -10.99 -0.62 0.03
N ARG A 80 -10.16 -1.64 -0.09
CA ARG A 80 -10.22 -2.77 0.84
C ARG A 80 -9.93 -2.31 2.27
N LEU A 81 -9.14 -1.25 2.43
CA LEU A 81 -8.78 -0.81 3.78
C LEU A 81 -9.96 -0.10 4.37
N LYS A 82 -10.71 0.55 3.49
CA LYS A 82 -11.93 1.23 3.88
C LYS A 82 -12.93 0.25 4.47
N SER A 83 -12.99 -0.93 3.89
CA SER A 83 -13.88 -1.98 4.38
C SER A 83 -13.40 -2.65 5.67
N ARG A 84 -12.11 -2.52 6.00
CA ARG A 84 -11.55 -3.13 7.22
C ARG A 84 -11.42 -2.13 8.37
N GLY A 85 -11.61 -0.86 8.08
CA GLY A 85 -11.41 0.18 9.06
C GLY A 85 -12.69 0.80 9.57
N SER A 86 -12.52 1.90 10.32
CA SER A 86 -13.60 2.69 10.95
C SER A 86 -14.04 2.02 12.25
N ALA A 1 3.33 -21.23 13.25
CA ALA A 1 4.64 -20.69 13.71
C ALA A 1 4.51 -19.20 13.92
N ALA A 2 5.54 -18.56 14.49
CA ALA A 2 5.51 -17.11 14.68
C ALA A 2 5.61 -16.48 13.28
N SER A 3 5.04 -15.30 13.12
CA SER A 3 5.08 -14.58 11.85
C SER A 3 5.02 -13.11 12.19
N PRO A 4 5.59 -12.24 11.33
CA PRO A 4 5.51 -10.81 11.66
C PRO A 4 4.10 -10.25 11.57
N SER A 5 3.81 -9.27 12.40
CA SER A 5 2.51 -8.61 12.45
C SER A 5 2.23 -7.80 11.19
N VAL A 6 0.98 -7.44 10.96
CA VAL A 6 0.61 -6.66 9.78
C VAL A 6 1.42 -5.38 9.69
N GLU A 7 1.53 -4.67 10.79
CA GLU A 7 2.27 -3.41 10.84
C GLU A 7 3.75 -3.61 10.51
N GLU A 8 4.33 -4.73 10.89
CA GLU A 8 5.74 -5.01 10.59
C GLU A 8 5.89 -5.19 9.10
N LYS A 9 4.94 -5.90 8.52
CA LYS A 9 4.98 -6.19 7.10
C LYS A 9 4.66 -4.95 6.29
N LEU A 10 3.77 -4.15 6.86
CA LEU A 10 3.35 -2.89 6.26
C LEU A 10 4.56 -2.01 6.06
N GLN A 11 5.51 -2.02 6.98
CA GLN A 11 6.69 -1.19 6.83
C GLN A 11 7.43 -1.55 5.54
N LYS A 12 7.50 -2.83 5.21
CA LYS A 12 8.13 -3.26 3.95
C LYS A 12 7.29 -2.79 2.77
N LEU A 13 6.00 -3.12 2.75
CA LEU A 13 5.13 -2.74 1.66
C LEU A 13 5.08 -1.25 1.44
N HIS A 14 4.93 -0.49 2.51
CA HIS A 14 4.86 0.96 2.41
C HIS A 14 6.14 1.47 1.75
N SER A 15 7.28 0.91 2.17
CA SER A 15 8.57 1.32 1.60
C SER A 15 8.64 0.99 0.12
N GLU A 16 8.17 -0.18 -0.29
CA GLU A 16 8.17 -0.53 -1.71
C GLU A 16 7.31 0.40 -2.51
N ILE A 17 6.14 0.76 -1.99
CA ILE A 17 5.28 1.69 -2.68
C ILE A 17 6.10 2.94 -2.99
N LYS A 18 6.83 3.42 -1.99
CA LYS A 18 7.63 4.64 -2.14
C LYS A 18 8.80 4.46 -3.10
N PHE A 19 9.46 3.31 -3.06
CA PHE A 19 10.57 3.03 -3.96
C PHE A 19 10.08 2.90 -5.40
N ALA A 20 8.86 2.42 -5.55
CA ALA A 20 8.24 2.24 -6.86
C ALA A 20 7.95 3.58 -7.53
N LEU A 21 7.93 4.65 -6.74
CA LEU A 21 7.62 5.99 -7.24
C LEU A 21 8.85 6.88 -7.29
N LYS A 22 10.02 6.27 -7.12
CA LYS A 22 11.28 7.01 -7.19
C LYS A 22 11.30 7.73 -8.53
N VAL A 23 11.59 9.01 -8.51
CA VAL A 23 11.68 9.81 -9.73
C VAL A 23 12.78 9.25 -10.62
N ASP A 24 13.84 8.88 -9.94
CA ASP A 24 15.05 8.32 -10.55
C ASP A 24 14.81 6.95 -11.19
N SER A 25 13.85 6.21 -10.66
CA SER A 25 13.57 4.86 -11.15
C SER A 25 12.17 4.39 -10.77
N PRO A 26 11.13 4.86 -11.49
CA PRO A 26 9.82 4.30 -11.11
C PRO A 26 9.64 2.86 -11.58
N ASP A 27 9.01 2.06 -10.76
CA ASP A 27 8.76 0.65 -11.07
C ASP A 27 7.35 0.26 -10.68
N VAL A 28 6.49 0.12 -11.66
CA VAL A 28 5.11 -0.24 -11.40
C VAL A 28 4.98 -1.58 -10.71
N LYS A 29 5.72 -2.57 -11.18
CA LYS A 29 5.64 -3.92 -10.60
C LYS A 29 5.98 -3.87 -9.14
N ARG A 30 6.86 -2.96 -8.77
CA ARG A 30 7.30 -2.86 -7.38
C ARG A 30 6.16 -2.37 -6.52
N CYS A 31 5.41 -1.41 -7.05
CA CYS A 31 4.26 -0.90 -6.34
C CYS A 31 3.18 -1.98 -6.29
N LEU A 32 2.88 -2.61 -7.43
CA LEU A 32 1.81 -3.61 -7.49
C LEU A 32 2.03 -4.75 -6.51
N ASN A 33 3.25 -5.23 -6.43
CA ASN A 33 3.62 -6.32 -5.52
C ASN A 33 3.40 -5.92 -4.06
N ALA A 34 3.71 -4.68 -3.73
CA ALA A 34 3.51 -4.18 -2.38
C ALA A 34 2.03 -4.04 -2.10
N LEU A 35 1.32 -3.42 -3.04
CA LEU A 35 -0.09 -3.21 -2.95
C LEU A 35 -0.81 -4.54 -2.73
N GLU A 36 -0.50 -5.57 -3.51
CA GLU A 36 -1.24 -6.82 -3.40
C GLU A 36 -1.12 -7.48 -2.02
N GLU A 37 0.03 -7.39 -1.35
CA GLU A 37 0.14 -7.95 -0.01
C GLU A 37 -0.66 -7.08 0.94
N LEU A 38 -0.50 -5.77 0.83
CA LEU A 38 -1.19 -4.82 1.72
C LEU A 38 -2.72 -5.02 1.59
N GLY A 39 -3.17 -5.38 0.40
CA GLY A 39 -4.58 -5.61 0.16
C GLY A 39 -5.17 -6.82 0.86
N THR A 40 -4.33 -7.73 1.34
CA THR A 40 -4.81 -8.92 2.04
C THR A 40 -4.42 -8.89 3.52
N LEU A 41 -3.59 -7.92 3.89
CA LEU A 41 -3.16 -7.79 5.29
C LEU A 41 -4.33 -7.29 6.14
N GLN A 42 -4.38 -7.70 7.41
CA GLN A 42 -5.45 -7.22 8.31
C GLN A 42 -5.11 -5.83 8.79
N VAL A 43 -5.47 -4.86 7.99
CA VAL A 43 -5.20 -3.47 8.29
C VAL A 43 -6.47 -2.86 8.88
N THR A 44 -7.02 -3.58 9.84
CA THR A 44 -8.24 -3.15 10.50
C THR A 44 -7.93 -1.87 11.27
N SER A 45 -8.93 -1.21 11.82
CA SER A 45 -8.74 0.08 12.49
C SER A 45 -7.58 0.09 13.48
N GLN A 46 -7.34 -1.02 14.14
CA GLN A 46 -6.23 -1.15 15.08
C GLN A 46 -4.88 -0.80 14.45
N ILE A 47 -4.64 -1.29 13.24
CA ILE A 47 -3.40 -1.01 12.51
C ILE A 47 -3.55 0.28 11.74
N LEU A 48 -4.70 0.48 11.13
CA LEU A 48 -4.92 1.63 10.28
C LEU A 48 -4.74 2.94 11.05
N GLN A 49 -5.19 2.98 12.29
CA GLN A 49 -5.11 4.19 13.10
C GLN A 49 -3.67 4.61 13.38
N LYS A 50 -2.81 3.62 13.46
CA LYS A 50 -1.38 3.84 13.73
C LYS A 50 -0.55 3.90 12.45
N ASN A 51 -1.18 3.63 11.32
CA ASN A 51 -0.48 3.62 10.02
C ASN A 51 -1.21 4.51 8.99
N THR A 52 -1.71 5.64 9.45
CA THR A 52 -2.46 6.56 8.59
C THR A 52 -1.61 7.13 7.44
N ASP A 53 -0.29 7.19 7.62
CA ASP A 53 0.60 7.69 6.57
C ASP A 53 0.57 6.81 5.33
N VAL A 54 0.34 5.52 5.52
CA VAL A 54 0.28 4.61 4.39
C VAL A 54 -0.99 4.90 3.64
N VAL A 55 -2.07 5.13 4.37
CA VAL A 55 -3.36 5.45 3.77
C VAL A 55 -3.21 6.75 3.00
N ALA A 56 -2.43 7.67 3.55
CA ALA A 56 -2.16 8.94 2.89
C ALA A 56 -1.41 8.70 1.58
N THR A 57 -0.48 7.75 1.54
CA THR A 57 0.28 7.49 0.34
C THR A 57 -0.59 6.76 -0.68
N LEU A 58 -1.43 5.85 -0.23
CA LEU A 58 -2.33 5.14 -1.14
C LEU A 58 -3.24 6.11 -1.88
N LYS A 59 -3.64 7.19 -1.23
CA LYS A 59 -4.44 8.22 -1.91
C LYS A 59 -3.63 8.91 -3.02
N LYS A 60 -2.31 8.99 -2.87
CA LYS A 60 -1.44 9.61 -3.89
C LYS A 60 -1.36 8.75 -5.14
N ILE A 61 -1.15 7.44 -4.96
CA ILE A 61 -1.00 6.54 -6.10
C ILE A 61 -2.30 6.14 -6.77
N ARG A 62 -3.43 6.27 -6.09
CA ARG A 62 -4.73 5.97 -6.67
C ARG A 62 -5.09 6.89 -7.82
N ARG A 63 -4.33 7.96 -7.98
CA ARG A 63 -4.49 8.89 -9.11
C ARG A 63 -3.22 8.95 -9.97
N TYR A 64 -2.32 7.98 -9.80
CA TYR A 64 -1.03 7.95 -10.50
C TYR A 64 -1.20 7.83 -12.01
N LYS A 65 -0.64 8.79 -12.75
CA LYS A 65 -0.78 8.82 -14.21
C LYS A 65 0.32 8.13 -15.01
N ALA A 66 1.52 8.04 -14.46
CA ALA A 66 2.65 7.45 -15.20
C ALA A 66 2.36 5.98 -15.54
N ASN A 67 1.81 5.28 -14.56
CA ASN A 67 1.47 3.87 -14.73
C ASN A 67 0.03 3.69 -14.28
N LYS A 68 -0.86 3.39 -15.22
CA LYS A 68 -2.27 3.21 -14.88
C LYS A 68 -2.44 2.05 -13.89
N ASP A 69 -1.66 0.99 -14.08
CA ASP A 69 -1.76 -0.20 -13.22
C ASP A 69 -1.56 0.12 -11.74
N VAL A 70 -0.59 0.97 -11.45
CA VAL A 70 -0.34 1.40 -10.06
C VAL A 70 -1.62 2.00 -9.47
N MET A 71 -2.30 2.82 -10.25
CA MET A 71 -3.55 3.46 -9.80
C MET A 71 -4.65 2.42 -9.61
N GLU A 72 -4.72 1.45 -10.50
CA GLU A 72 -5.73 0.39 -10.42
C GLU A 72 -5.50 -0.44 -9.16
N LYS A 73 -4.29 -0.93 -8.94
CA LYS A 73 -4.06 -1.78 -7.78
C LYS A 73 -4.12 -0.98 -6.49
N ALA A 74 -3.62 0.25 -6.51
CA ALA A 74 -3.66 1.11 -5.33
C ALA A 74 -5.10 1.30 -4.92
N ALA A 75 -5.95 1.47 -5.91
CA ALA A 75 -7.36 1.66 -5.69
C ALA A 75 -8.04 0.43 -5.11
N GLU A 76 -7.77 -0.73 -5.68
CA GLU A 76 -8.36 -1.96 -5.17
C GLU A 76 -7.95 -2.15 -3.71
N VAL A 77 -6.68 -1.89 -3.43
CA VAL A 77 -6.12 -2.06 -2.10
C VAL A 77 -6.64 -1.04 -1.13
N TYR A 78 -6.60 0.22 -1.51
CA TYR A 78 -7.04 1.31 -0.64
C TYR A 78 -8.48 1.06 -0.20
N THR A 79 -9.33 0.67 -1.14
CA THR A 79 -10.74 0.39 -0.87
C THR A 79 -10.88 -0.86 0.01
N ARG A 80 -10.02 -1.83 -0.19
CA ARG A 80 -9.99 -3.03 0.66
C ARG A 80 -9.74 -2.62 2.12
N LEU A 81 -9.01 -1.54 2.35
CA LEU A 81 -8.66 -1.15 3.71
C LEU A 81 -9.88 -0.54 4.33
N LYS A 82 -10.64 0.18 3.51
CA LYS A 82 -11.86 0.84 3.95
C LYS A 82 -12.88 -0.15 4.47
N SER A 83 -12.85 -1.34 3.91
CA SER A 83 -13.74 -2.42 4.35
C SER A 83 -13.25 -3.07 5.65
N ARG A 84 -12.04 -2.75 6.09
CA ARG A 84 -11.48 -3.31 7.33
C ARG A 84 -11.35 -2.28 8.45
N GLY A 85 -11.19 -1.02 8.09
CA GLY A 85 -11.03 0.03 9.08
C GLY A 85 -11.18 1.42 8.49
N SER A 86 -11.41 2.39 9.35
CA SER A 86 -11.64 3.79 8.94
C SER A 86 -10.39 4.43 8.32
N ALA A 1 9.05 -19.24 17.34
CA ALA A 1 8.96 -18.08 16.40
C ALA A 1 7.55 -17.99 15.83
N ALA A 2 7.23 -16.88 15.18
CA ALA A 2 5.93 -16.69 14.57
C ALA A 2 6.18 -15.73 13.40
N SER A 3 5.18 -15.49 12.57
CA SER A 3 5.31 -14.55 11.47
C SER A 3 5.19 -13.14 12.03
N PRO A 4 5.85 -12.14 11.39
CA PRO A 4 5.71 -10.78 11.90
C PRO A 4 4.30 -10.22 11.72
N SER A 5 3.96 -9.25 12.56
CA SER A 5 2.63 -8.62 12.56
C SER A 5 2.37 -7.82 11.29
N VAL A 6 1.11 -7.52 11.02
CA VAL A 6 0.74 -6.75 9.83
C VAL A 6 1.49 -5.44 9.76
N GLU A 7 1.53 -4.73 10.87
CA GLU A 7 2.17 -3.42 10.93
C GLU A 7 3.67 -3.52 10.61
N GLU A 8 4.30 -4.61 11.01
CA GLU A 8 5.72 -4.80 10.75
C GLU A 8 5.91 -4.98 9.26
N LYS A 9 5.01 -5.75 8.68
CA LYS A 9 5.10 -6.07 7.26
C LYS A 9 4.73 -4.88 6.43
N LEU A 10 3.80 -4.10 6.95
CA LEU A 10 3.34 -2.89 6.31
C LEU A 10 4.50 -1.93 6.14
N GLN A 11 5.45 -1.90 7.07
CA GLN A 11 6.60 -1.02 6.90
C GLN A 11 7.34 -1.38 5.62
N LYS A 12 7.48 -2.67 5.33
CA LYS A 12 8.12 -3.08 4.09
C LYS A 12 7.27 -2.69 2.89
N LEU A 13 6.00 -3.07 2.85
CA LEU A 13 5.14 -2.74 1.74
C LEU A 13 5.06 -1.25 1.49
N HIS A 14 4.89 -0.46 2.54
CA HIS A 14 4.81 0.99 2.40
C HIS A 14 6.09 1.49 1.75
N SER A 15 7.23 0.95 2.18
CA SER A 15 8.51 1.34 1.61
C SER A 15 8.62 0.96 0.14
N GLU A 16 8.13 -0.21 -0.25
CA GLU A 16 8.19 -0.60 -1.65
C GLU A 16 7.34 0.35 -2.48
N ILE A 17 6.16 0.72 -1.98
CA ILE A 17 5.32 1.68 -2.70
C ILE A 17 6.16 2.93 -2.95
N LYS A 18 6.84 3.41 -1.93
CA LYS A 18 7.64 4.63 -2.06
C LYS A 18 8.81 4.48 -3.02
N PHE A 19 9.48 3.34 -3.02
CA PHE A 19 10.58 3.09 -3.95
C PHE A 19 10.08 3.02 -5.39
N ALA A 20 8.87 2.50 -5.55
CA ALA A 20 8.24 2.35 -6.86
C ALA A 20 7.91 3.70 -7.51
N LEU A 21 7.88 4.75 -6.71
CA LEU A 21 7.53 6.09 -7.20
C LEU A 21 8.72 7.01 -7.29
N LYS A 22 9.92 6.45 -7.16
CA LYS A 22 11.14 7.23 -7.29
C LYS A 22 11.13 7.89 -8.63
N VAL A 23 11.37 9.18 -8.61
CA VAL A 23 11.35 9.98 -9.82
C VAL A 23 12.54 9.67 -10.69
N ASP A 24 13.52 9.10 -10.04
CA ASP A 24 14.75 8.72 -10.66
C ASP A 24 14.62 7.36 -11.36
N SER A 25 13.71 6.53 -10.86
CA SER A 25 13.52 5.18 -11.38
C SER A 25 12.18 4.57 -10.92
N PRO A 26 11.07 4.94 -11.57
CA PRO A 26 9.82 4.31 -11.10
C PRO A 26 9.70 2.84 -11.50
N ASP A 27 9.05 2.04 -10.67
CA ASP A 27 8.86 0.62 -10.93
C ASP A 27 7.44 0.22 -10.57
N VAL A 28 6.59 0.11 -11.57
CA VAL A 28 5.19 -0.20 -11.34
C VAL A 28 4.99 -1.55 -10.67
N LYS A 29 5.65 -2.58 -11.16
CA LYS A 29 5.48 -3.92 -10.63
C LYS A 29 5.86 -3.95 -9.17
N ARG A 30 6.81 -3.10 -8.81
CA ARG A 30 7.27 -3.07 -7.42
C ARG A 30 6.14 -2.55 -6.54
N CYS A 31 5.47 -1.52 -7.03
CA CYS A 31 4.31 -0.97 -6.31
C CYS A 31 3.22 -2.03 -6.27
N LEU A 32 2.92 -2.66 -7.40
CA LEU A 32 1.82 -3.64 -7.47
C LEU A 32 2.01 -4.77 -6.48
N ASN A 33 3.22 -5.30 -6.40
CA ASN A 33 3.52 -6.39 -5.47
C ASN A 33 3.29 -5.94 -4.03
N ALA A 34 3.66 -4.71 -3.74
CA ALA A 34 3.47 -4.17 -2.39
C ALA A 34 1.99 -4.00 -2.10
N LEU A 35 1.29 -3.38 -3.03
CA LEU A 35 -0.12 -3.17 -2.93
C LEU A 35 -0.85 -4.49 -2.73
N GLU A 36 -0.55 -5.49 -3.53
CA GLU A 36 -1.30 -6.74 -3.45
C GLU A 36 -1.15 -7.43 -2.09
N GLU A 37 0.01 -7.37 -1.45
CA GLU A 37 0.12 -7.97 -0.12
C GLU A 37 -0.64 -7.10 0.87
N LEU A 38 -0.48 -5.79 0.77
CA LEU A 38 -1.15 -4.86 1.68
C LEU A 38 -2.68 -5.06 1.62
N GLY A 39 -3.19 -5.38 0.44
CA GLY A 39 -4.62 -5.59 0.26
C GLY A 39 -5.18 -6.81 0.97
N THR A 40 -4.32 -7.75 1.35
CA THR A 40 -4.77 -8.97 2.02
C THR A 40 -4.34 -8.95 3.47
N LEU A 41 -3.48 -8.00 3.84
CA LEU A 41 -3.03 -7.89 5.22
C LEU A 41 -4.20 -7.38 6.08
N GLN A 42 -4.26 -7.77 7.35
CA GLN A 42 -5.32 -7.30 8.22
C GLN A 42 -4.98 -5.90 8.71
N VAL A 43 -5.32 -4.92 7.91
CA VAL A 43 -5.04 -3.53 8.22
C VAL A 43 -6.31 -2.90 8.80
N THR A 44 -6.89 -3.62 9.74
CA THR A 44 -8.11 -3.20 10.40
C THR A 44 -7.77 -1.98 11.24
N SER A 45 -8.74 -1.33 11.85
CA SER A 45 -8.52 -0.06 12.55
C SER A 45 -7.35 -0.09 13.53
N GLN A 46 -7.11 -1.23 14.15
CA GLN A 46 -5.98 -1.39 15.07
C GLN A 46 -4.65 -1.00 14.41
N ILE A 47 -4.46 -1.43 13.18
CA ILE A 47 -3.25 -1.14 12.40
C ILE A 47 -3.43 0.17 11.66
N LEU A 48 -4.60 0.35 11.09
CA LEU A 48 -4.87 1.51 10.27
C LEU A 48 -4.68 2.83 11.00
N GLN A 49 -5.09 2.86 12.26
CA GLN A 49 -5.00 4.07 13.07
C GLN A 49 -3.55 4.44 13.36
N LYS A 50 -2.68 3.44 13.48
CA LYS A 50 -1.26 3.70 13.74
C LYS A 50 -0.47 3.87 12.44
N ASN A 51 -1.11 3.55 11.32
CA ASN A 51 -0.44 3.58 10.01
C ASN A 51 -1.19 4.45 9.00
N THR A 52 -1.68 5.60 9.46
CA THR A 52 -2.44 6.52 8.60
C THR A 52 -1.59 7.09 7.45
N ASP A 53 -0.27 7.13 7.63
CA ASP A 53 0.63 7.60 6.57
C ASP A 53 0.55 6.74 5.31
N VAL A 54 0.29 5.47 5.48
CA VAL A 54 0.18 4.58 4.33
C VAL A 54 -1.09 4.91 3.59
N VAL A 55 -2.15 5.17 4.34
CA VAL A 55 -3.43 5.55 3.74
C VAL A 55 -3.24 6.86 2.99
N ALA A 56 -2.40 7.73 3.55
CA ALA A 56 -2.10 9.00 2.89
C ALA A 56 -1.36 8.76 1.58
N THR A 57 -0.48 7.77 1.50
CA THR A 57 0.26 7.50 0.28
C THR A 57 -0.64 6.80 -0.73
N LEU A 58 -1.49 5.91 -0.27
CA LEU A 58 -2.42 5.20 -1.15
C LEU A 58 -3.31 6.18 -1.91
N LYS A 59 -3.68 7.28 -1.28
CA LYS A 59 -4.47 8.31 -1.96
C LYS A 59 -3.66 8.97 -3.09
N LYS A 60 -2.34 9.02 -2.95
CA LYS A 60 -1.46 9.62 -3.98
C LYS A 60 -1.36 8.71 -5.20
N ILE A 61 -1.17 7.41 -4.98
CA ILE A 61 -0.98 6.47 -6.09
C ILE A 61 -2.26 6.09 -6.81
N ARG A 62 -3.40 6.23 -6.14
CA ARG A 62 -4.70 5.96 -6.77
C ARG A 62 -4.98 6.88 -7.95
N ARG A 63 -4.23 7.98 -8.04
CA ARG A 63 -4.34 8.94 -9.13
C ARG A 63 -3.04 9.05 -9.94
N TYR A 64 -2.19 8.05 -9.81
CA TYR A 64 -0.88 8.03 -10.47
C TYR A 64 -0.97 7.88 -12.00
N LYS A 65 -0.94 9.00 -12.70
CA LYS A 65 -1.07 9.01 -14.17
C LYS A 65 0.06 8.30 -14.91
N ALA A 66 1.25 8.26 -14.32
CA ALA A 66 2.41 7.67 -14.98
C ALA A 66 2.23 6.18 -15.26
N ASN A 67 1.50 5.50 -14.41
CA ASN A 67 1.28 4.07 -14.59
C ASN A 67 -0.13 3.70 -14.14
N LYS A 68 -0.98 3.39 -15.11
CA LYS A 68 -2.38 3.01 -14.84
C LYS A 68 -2.45 1.87 -13.85
N ASP A 69 -1.65 0.85 -14.04
CA ASP A 69 -1.69 -0.34 -13.19
C ASP A 69 -1.50 0.02 -11.70
N VAL A 70 -0.56 0.89 -11.42
CA VAL A 70 -0.32 1.34 -10.04
C VAL A 70 -1.61 1.95 -9.47
N MET A 71 -2.27 2.78 -10.26
CA MET A 71 -3.51 3.43 -9.84
C MET A 71 -4.59 2.39 -9.62
N GLU A 72 -4.71 1.42 -10.51
CA GLU A 72 -5.72 0.38 -10.34
C GLU A 72 -5.47 -0.46 -9.10
N LYS A 73 -4.25 -0.94 -8.90
CA LYS A 73 -4.01 -1.78 -7.74
C LYS A 73 -4.09 -0.97 -6.45
N ALA A 74 -3.59 0.26 -6.48
CA ALA A 74 -3.67 1.14 -5.31
C ALA A 74 -5.12 1.34 -4.94
N ALA A 75 -5.95 1.49 -5.95
CA ALA A 75 -7.38 1.69 -5.77
C ALA A 75 -8.06 0.46 -5.17
N GLU A 76 -7.80 -0.71 -5.71
CA GLU A 76 -8.40 -1.93 -5.23
C GLU A 76 -8.01 -2.13 -3.75
N VAL A 77 -6.75 -1.87 -3.46
CA VAL A 77 -6.22 -2.04 -2.11
C VAL A 77 -6.76 -1.00 -1.17
N TYR A 78 -6.66 0.27 -1.53
CA TYR A 78 -7.11 1.36 -0.68
C TYR A 78 -8.56 1.15 -0.25
N THR A 79 -9.41 0.77 -1.19
CA THR A 79 -10.82 0.51 -0.93
C THR A 79 -11.02 -0.70 -0.02
N ARG A 80 -10.16 -1.71 -0.16
CA ARG A 80 -10.21 -2.87 0.73
C ARG A 80 -9.95 -2.43 2.16
N LEU A 81 -9.14 -1.40 2.35
CA LEU A 81 -8.78 -0.97 3.71
C LEU A 81 -9.97 -0.28 4.31
N LYS A 82 -10.69 0.44 3.46
CA LYS A 82 -11.90 1.14 3.87
C LYS A 82 -12.91 0.14 4.40
N SER A 83 -12.89 -1.05 3.83
CA SER A 83 -13.79 -2.12 4.24
C SER A 83 -13.30 -2.88 5.48
N ARG A 84 -12.02 -2.72 5.83
CA ARG A 84 -11.44 -3.38 7.01
C ARG A 84 -11.41 -2.45 8.22
N GLY A 85 -11.59 -1.15 7.99
CA GLY A 85 -11.53 -0.18 9.07
C GLY A 85 -12.26 1.10 8.74
N SER A 86 -11.53 2.06 8.17
CA SER A 86 -12.06 3.37 7.79
C SER A 86 -11.13 3.90 6.73
N ALA A 1 5.91 -19.79 12.43
CA ALA A 1 7.23 -19.10 12.45
C ALA A 1 7.38 -18.24 11.21
N ALA A 2 8.27 -17.25 11.25
CA ALA A 2 8.46 -16.31 10.12
C ALA A 2 7.11 -15.68 9.74
N SER A 3 6.35 -15.31 10.75
CA SER A 3 5.00 -14.75 10.56
C SER A 3 4.89 -13.36 11.21
N PRO A 4 5.53 -12.34 10.61
CA PRO A 4 5.45 -11.01 11.22
C PRO A 4 4.05 -10.40 11.13
N SER A 5 3.76 -9.49 12.04
CA SER A 5 2.46 -8.81 12.12
C SER A 5 2.21 -7.91 10.91
N VAL A 6 0.96 -7.50 10.73
CA VAL A 6 0.60 -6.63 9.61
C VAL A 6 1.41 -5.36 9.58
N GLU A 7 1.53 -4.71 10.72
CA GLU A 7 2.27 -3.45 10.83
C GLU A 7 3.76 -3.65 10.52
N GLU A 8 4.31 -4.79 10.90
CA GLU A 8 5.72 -5.09 10.60
C GLU A 8 5.88 -5.25 9.10
N LYS A 9 4.94 -5.95 8.49
CA LYS A 9 5.00 -6.22 7.05
C LYS A 9 4.77 -4.94 6.29
N LEU A 10 3.93 -4.10 6.85
CA LEU A 10 3.60 -2.83 6.26
C LEU A 10 4.87 -2.01 6.08
N GLN A 11 5.80 -2.10 7.02
CA GLN A 11 7.04 -1.32 6.89
C GLN A 11 7.72 -1.62 5.56
N LYS A 12 7.72 -2.90 5.16
CA LYS A 12 8.27 -3.28 3.86
C LYS A 12 7.38 -2.74 2.74
N LEU A 13 6.10 -3.06 2.77
CA LEU A 13 5.19 -2.67 1.71
C LEU A 13 5.14 -1.18 1.46
N HIS A 14 5.03 -0.39 2.51
CA HIS A 14 4.98 1.05 2.34
C HIS A 14 6.28 1.53 1.68
N SER A 15 7.41 0.95 2.08
CA SER A 15 8.69 1.33 1.50
C SER A 15 8.72 0.98 0.01
N GLU A 16 8.21 -0.19 -0.36
CA GLU A 16 8.18 -0.59 -1.77
C GLU A 16 7.31 0.36 -2.57
N ILE A 17 6.15 0.73 -2.03
CA ILE A 17 5.28 1.66 -2.71
C ILE A 17 6.10 2.91 -3.00
N LYS A 18 6.82 3.41 -2.00
CA LYS A 18 7.59 4.64 -2.15
C LYS A 18 8.76 4.51 -3.13
N PHE A 19 9.42 3.36 -3.13
CA PHE A 19 10.53 3.11 -4.05
C PHE A 19 10.00 3.05 -5.48
N ALA A 20 8.79 2.53 -5.64
CA ALA A 20 8.15 2.42 -6.94
C ALA A 20 7.82 3.77 -7.54
N LEU A 21 7.81 4.81 -6.72
CA LEU A 21 7.50 6.17 -7.18
C LEU A 21 8.72 7.06 -7.22
N LYS A 22 9.89 6.45 -7.11
CA LYS A 22 11.14 7.20 -7.21
C LYS A 22 11.13 7.92 -8.54
N VAL A 23 11.45 9.19 -8.52
CA VAL A 23 11.57 9.97 -9.76
C VAL A 23 12.71 9.37 -10.58
N ASP A 24 13.76 9.04 -9.85
CA ASP A 24 14.98 8.45 -10.36
C ASP A 24 14.80 7.04 -10.95
N SER A 25 13.82 6.31 -10.45
CA SER A 25 13.59 4.91 -10.87
C SER A 25 12.18 4.41 -10.57
N PRO A 26 11.16 4.88 -11.31
CA PRO A 26 9.85 4.32 -10.95
C PRO A 26 9.68 2.87 -11.42
N ASP A 27 9.05 2.05 -10.60
CA ASP A 27 8.83 0.64 -10.91
C ASP A 27 7.41 0.22 -10.54
N VAL A 28 6.55 0.17 -11.54
CA VAL A 28 5.16 -0.18 -11.30
C VAL A 28 4.99 -1.52 -10.64
N LYS A 29 5.69 -2.54 -11.13
CA LYS A 29 5.56 -3.90 -10.60
C LYS A 29 5.91 -3.90 -9.13
N ARG A 30 6.80 -3.03 -8.74
CA ARG A 30 7.24 -3.01 -7.34
C ARG A 30 6.11 -2.48 -6.48
N CYS A 31 5.42 -1.47 -6.98
CA CYS A 31 4.26 -0.95 -6.28
C CYS A 31 3.17 -2.02 -6.26
N LEU A 32 2.87 -2.64 -7.39
CA LEU A 32 1.79 -3.63 -7.48
C LEU A 32 1.99 -4.77 -6.49
N ASN A 33 3.21 -5.27 -6.38
CA ASN A 33 3.50 -6.35 -5.46
C ASN A 33 3.30 -5.94 -4.00
N ALA A 34 3.67 -4.71 -3.68
CA ALA A 34 3.48 -4.20 -2.33
C ALA A 34 2.00 -4.04 -2.04
N LEU A 35 1.32 -3.42 -2.98
CA LEU A 35 -0.10 -3.21 -2.90
C LEU A 35 -0.82 -4.55 -2.70
N GLU A 36 -0.51 -5.57 -3.47
CA GLU A 36 -1.25 -6.82 -3.35
C GLU A 36 -1.09 -7.51 -2.00
N GLU A 37 0.07 -7.42 -1.36
CA GLU A 37 0.20 -8.00 -0.03
C GLU A 37 -0.65 -7.17 0.92
N LEU A 38 -0.51 -5.86 0.83
CA LEU A 38 -1.25 -4.94 1.71
C LEU A 38 -2.77 -5.15 1.55
N GLY A 39 -3.20 -5.48 0.36
CA GLY A 39 -4.61 -5.72 0.08
C GLY A 39 -5.19 -6.91 0.81
N THR A 40 -4.35 -7.81 1.30
CA THR A 40 -4.82 -9.00 2.01
C THR A 40 -4.44 -8.92 3.50
N LEU A 41 -3.57 -7.98 3.85
CA LEU A 41 -3.16 -7.81 5.24
C LEU A 41 -4.33 -7.27 6.08
N GLN A 42 -4.40 -7.68 7.34
CA GLN A 42 -5.45 -7.19 8.23
C GLN A 42 -5.13 -5.79 8.74
N VAL A 43 -5.46 -4.81 7.95
CA VAL A 43 -5.19 -3.43 8.27
C VAL A 43 -6.44 -2.81 8.91
N THR A 44 -7.01 -3.55 9.84
CA THR A 44 -8.24 -3.13 10.51
C THR A 44 -7.89 -1.89 11.34
N SER A 45 -8.88 -1.22 11.91
CA SER A 45 -8.66 0.05 12.64
C SER A 45 -7.52 -0.02 13.65
N GLN A 46 -7.29 -1.18 14.23
CA GLN A 46 -6.17 -1.37 15.17
C GLN A 46 -4.84 -0.97 14.53
N ILE A 47 -4.60 -1.40 13.30
CA ILE A 47 -3.37 -1.09 12.57
C ILE A 47 -3.54 0.20 11.82
N LEU A 48 -4.70 0.41 11.22
CA LEU A 48 -4.90 1.56 10.38
C LEU A 48 -4.73 2.87 11.13
N GLN A 49 -5.13 2.89 12.39
CA GLN A 49 -5.03 4.12 13.20
C GLN A 49 -3.58 4.53 13.42
N LYS A 50 -2.71 3.53 13.47
CA LYS A 50 -1.28 3.74 13.69
C LYS A 50 -0.50 3.79 12.37
N ASN A 51 -1.19 3.58 11.25
CA ASN A 51 -0.55 3.58 9.93
C ASN A 51 -1.28 4.56 8.98
N THR A 52 -1.69 5.71 9.50
CA THR A 52 -2.44 6.69 8.69
C THR A 52 -1.61 7.27 7.54
N ASP A 53 -0.29 7.34 7.70
CA ASP A 53 0.59 7.84 6.63
C ASP A 53 0.55 6.95 5.40
N VAL A 54 0.24 5.67 5.61
CA VAL A 54 0.16 4.73 4.50
C VAL A 54 -1.07 5.07 3.70
N VAL A 55 -2.16 5.34 4.40
CA VAL A 55 -3.41 5.70 3.76
C VAL A 55 -3.20 6.99 2.99
N ALA A 56 -2.38 7.87 3.54
CA ALA A 56 -2.04 9.11 2.87
C ALA A 56 -1.30 8.84 1.55
N THR A 57 -0.43 7.83 1.50
CA THR A 57 0.30 7.55 0.26
C THR A 57 -0.60 6.82 -0.71
N LEU A 58 -1.43 5.93 -0.24
CA LEU A 58 -2.36 5.20 -1.10
C LEU A 58 -3.27 6.15 -1.87
N LYS A 59 -3.65 7.25 -1.24
CA LYS A 59 -4.44 8.28 -1.93
C LYS A 59 -3.65 8.93 -3.09
N LYS A 60 -2.33 8.99 -2.97
CA LYS A 60 -1.48 9.57 -4.02
C LYS A 60 -1.38 8.66 -5.22
N ILE A 61 -1.17 7.37 -4.99
CA ILE A 61 -0.98 6.42 -6.10
C ILE A 61 -2.26 6.03 -6.81
N ARG A 62 -3.39 6.14 -6.13
CA ARG A 62 -4.69 5.86 -6.74
C ARG A 62 -4.97 6.78 -7.94
N ARG A 63 -4.25 7.89 -8.03
CA ARG A 63 -4.38 8.84 -9.14
C ARG A 63 -3.05 8.99 -9.91
N TYR A 64 -2.17 8.01 -9.76
CA TYR A 64 -0.84 8.05 -10.37
C TYR A 64 -0.88 8.05 -11.91
N LYS A 65 -0.54 9.18 -12.51
CA LYS A 65 -0.59 9.32 -13.97
C LYS A 65 0.50 8.55 -14.73
N ALA A 66 1.65 8.37 -14.12
CA ALA A 66 2.79 7.75 -14.82
C ALA A 66 2.57 6.28 -15.15
N ASN A 67 1.72 5.59 -14.39
CA ASN A 67 1.44 4.19 -14.66
C ASN A 67 0.04 3.83 -14.21
N LYS A 68 -0.79 3.41 -15.15
CA LYS A 68 -2.21 3.08 -14.88
C LYS A 68 -2.34 1.96 -13.89
N ASP A 69 -1.58 0.89 -14.05
CA ASP A 69 -1.70 -0.29 -13.21
C ASP A 69 -1.52 0.05 -11.73
N VAL A 70 -0.56 0.93 -11.44
CA VAL A 70 -0.34 1.39 -10.07
C VAL A 70 -1.62 1.98 -9.50
N MET A 71 -2.30 2.81 -10.28
CA MET A 71 -3.55 3.44 -9.85
C MET A 71 -4.62 2.38 -9.64
N GLU A 72 -4.73 1.42 -10.54
CA GLU A 72 -5.75 0.39 -10.39
C GLU A 72 -5.50 -0.48 -9.17
N LYS A 73 -4.27 -0.95 -8.97
CA LYS A 73 -3.99 -1.80 -7.83
C LYS A 73 -4.08 -1.01 -6.53
N ALA A 74 -3.59 0.22 -6.52
CA ALA A 74 -3.65 1.07 -5.33
C ALA A 74 -5.09 1.27 -4.95
N ALA A 75 -5.93 1.46 -5.96
CA ALA A 75 -7.36 1.65 -5.76
C ALA A 75 -8.04 0.44 -5.16
N GLU A 76 -7.79 -0.72 -5.72
CA GLU A 76 -8.40 -1.95 -5.21
C GLU A 76 -7.99 -2.13 -3.75
N VAL A 77 -6.71 -1.91 -3.46
CA VAL A 77 -6.17 -2.09 -2.12
C VAL A 77 -6.69 -1.05 -1.17
N TYR A 78 -6.62 0.21 -1.55
CA TYR A 78 -7.05 1.31 -0.68
C TYR A 78 -8.49 1.09 -0.23
N THR A 79 -9.36 0.71 -1.16
CA THR A 79 -10.76 0.46 -0.86
C THR A 79 -10.92 -0.76 0.04
N ARG A 80 -10.07 -1.76 -0.13
CA ARG A 80 -10.11 -2.93 0.76
C ARG A 80 -9.84 -2.50 2.19
N LEU A 81 -9.09 -1.42 2.39
CA LEU A 81 -8.71 -1.04 3.75
C LEU A 81 -9.91 -0.40 4.38
N LYS A 82 -10.66 0.30 3.55
CA LYS A 82 -11.89 0.96 3.98
C LYS A 82 -12.91 -0.04 4.48
N SER A 83 -12.86 -1.23 3.93
CA SER A 83 -13.72 -2.32 4.35
C SER A 83 -13.24 -2.99 5.66
N ARG A 84 -12.05 -2.64 6.12
CA ARG A 84 -11.48 -3.21 7.35
C ARG A 84 -11.34 -2.18 8.48
N GLY A 85 -11.22 -0.92 8.13
CA GLY A 85 -11.04 0.14 9.11
C GLY A 85 -11.40 1.49 8.50
N SER A 86 -11.64 2.48 9.35
CA SER A 86 -12.04 3.82 8.93
C SER A 86 -11.03 4.48 7.98
N ALA A 1 8.43 -20.45 11.13
CA ALA A 1 8.74 -19.13 10.49
C ALA A 1 8.58 -18.02 11.51
N ALA A 2 9.08 -16.82 11.22
CA ALA A 2 8.97 -15.70 12.15
C ALA A 2 7.52 -15.24 12.30
N SER A 3 6.75 -15.36 11.22
CA SER A 3 5.33 -14.96 11.19
C SER A 3 5.03 -13.58 11.80
N PRO A 4 5.65 -12.51 11.27
CA PRO A 4 5.43 -11.18 11.88
C PRO A 4 4.03 -10.59 11.66
N SER A 5 3.69 -9.62 12.50
CA SER A 5 2.39 -8.95 12.46
C SER A 5 2.20 -8.09 11.23
N VAL A 6 0.95 -7.72 10.95
CA VAL A 6 0.63 -6.88 9.79
C VAL A 6 1.42 -5.61 9.75
N GLU A 7 1.49 -4.92 10.87
CA GLU A 7 2.18 -3.63 10.95
C GLU A 7 3.67 -3.78 10.70
N GLU A 8 4.24 -4.88 11.12
CA GLU A 8 5.67 -5.15 10.88
C GLU A 8 5.86 -5.34 9.39
N LYS A 9 4.93 -6.06 8.78
CA LYS A 9 5.03 -6.38 7.36
C LYS A 9 4.75 -5.17 6.51
N LEU A 10 3.86 -4.34 7.01
CA LEU A 10 3.46 -3.10 6.36
C LEU A 10 4.67 -2.23 6.12
N GLN A 11 5.64 -2.25 7.02
CA GLN A 11 6.84 -1.43 6.83
C GLN A 11 7.50 -1.76 5.49
N LYS A 12 7.56 -3.04 5.13
CA LYS A 12 8.12 -3.43 3.83
C LYS A 12 7.24 -2.92 2.70
N LEU A 13 5.96 -3.24 2.74
CA LEU A 13 5.05 -2.86 1.66
C LEU A 13 5.00 -1.36 1.45
N HIS A 14 4.85 -0.62 2.54
CA HIS A 14 4.78 0.82 2.45
C HIS A 14 6.04 1.36 1.81
N SER A 15 7.21 0.84 2.19
CA SER A 15 8.47 1.31 1.65
C SER A 15 8.57 1.03 0.15
N GLU A 16 8.09 -0.13 -0.29
CA GLU A 16 8.13 -0.45 -1.71
C GLU A 16 7.28 0.49 -2.50
N ILE A 17 6.14 0.90 -1.95
CA ILE A 17 5.28 1.83 -2.64
C ILE A 17 6.12 3.08 -2.91
N LYS A 18 6.86 3.53 -1.91
CA LYS A 18 7.71 4.73 -2.05
C LYS A 18 8.79 4.57 -3.12
N PHE A 19 9.45 3.43 -3.15
CA PHE A 19 10.52 3.16 -4.13
C PHE A 19 9.95 3.07 -5.53
N ALA A 20 8.75 2.54 -5.65
CA ALA A 20 8.10 2.37 -6.94
C ALA A 20 7.76 3.70 -7.61
N LEU A 21 7.78 4.76 -6.82
CA LEU A 21 7.43 6.10 -7.31
C LEU A 21 8.64 7.01 -7.36
N LYS A 22 9.82 6.44 -7.22
CA LYS A 22 11.04 7.23 -7.25
C LYS A 22 11.13 7.97 -8.55
N VAL A 23 11.61 9.18 -8.43
CA VAL A 23 11.89 10.03 -9.57
C VAL A 23 13.02 9.39 -10.35
N ASP A 24 13.91 8.80 -9.57
CA ASP A 24 15.15 8.23 -10.08
C ASP A 24 14.92 6.91 -10.80
N SER A 25 13.89 6.20 -10.38
CA SER A 25 13.61 4.85 -10.91
C SER A 25 12.20 4.36 -10.54
N PRO A 26 11.16 4.81 -11.26
CA PRO A 26 9.87 4.24 -10.90
C PRO A 26 9.72 2.79 -11.37
N ASP A 27 9.08 1.97 -10.56
CA ASP A 27 8.85 0.56 -10.89
C ASP A 27 7.44 0.16 -10.53
N VAL A 28 6.57 0.11 -11.53
CA VAL A 28 5.17 -0.23 -11.31
C VAL A 28 5.00 -1.57 -10.62
N LYS A 29 5.72 -2.59 -11.08
CA LYS A 29 5.59 -3.94 -10.54
C LYS A 29 5.88 -3.93 -9.07
N ARG A 30 6.78 -3.04 -8.69
CA ARG A 30 7.23 -2.97 -7.31
C ARG A 30 6.09 -2.43 -6.45
N CYS A 31 5.39 -1.45 -6.98
CA CYS A 31 4.22 -0.92 -6.30
C CYS A 31 3.15 -2.00 -6.26
N LEU A 32 2.85 -2.62 -7.39
CA LEU A 32 1.78 -3.62 -7.49
C LEU A 32 1.99 -4.78 -6.51
N ASN A 33 3.22 -5.26 -6.40
CA ASN A 33 3.54 -6.35 -5.50
C ASN A 33 3.35 -5.96 -4.04
N ALA A 34 3.69 -4.73 -3.70
CA ALA A 34 3.51 -4.24 -2.36
C ALA A 34 2.03 -4.08 -2.06
N LEU A 35 1.34 -3.45 -3.00
CA LEU A 35 -0.07 -3.25 -2.92
C LEU A 35 -0.80 -4.58 -2.71
N GLU A 36 -0.51 -5.60 -3.51
CA GLU A 36 -1.25 -6.86 -3.39
C GLU A 36 -1.14 -7.50 -2.00
N GLU A 37 0.00 -7.41 -1.34
CA GLU A 37 0.12 -7.98 -0.01
C GLU A 37 -0.66 -7.11 0.97
N LEU A 38 -0.50 -5.80 0.86
CA LEU A 38 -1.17 -4.86 1.75
C LEU A 38 -2.71 -5.02 1.66
N GLY A 39 -3.19 -5.33 0.47
CA GLY A 39 -4.62 -5.51 0.25
C GLY A 39 -5.24 -6.69 0.95
N THR A 40 -4.42 -7.63 1.41
CA THR A 40 -4.93 -8.83 2.08
C THR A 40 -4.51 -8.83 3.55
N LEU A 41 -3.59 -7.94 3.93
CA LEU A 41 -3.14 -7.86 5.31
C LEU A 41 -4.30 -7.34 6.17
N GLN A 42 -4.37 -7.75 7.43
CA GLN A 42 -5.42 -7.26 8.33
C GLN A 42 -5.07 -5.86 8.79
N VAL A 43 -5.42 -4.89 7.98
CA VAL A 43 -5.13 -3.51 8.27
C VAL A 43 -6.38 -2.86 8.86
N THR A 44 -6.95 -3.55 9.82
CA THR A 44 -8.15 -3.10 10.49
C THR A 44 -7.79 -1.83 11.27
N SER A 45 -8.78 -1.16 11.85
CA SER A 45 -8.55 0.14 12.50
C SER A 45 -7.36 0.12 13.47
N GLN A 46 -7.12 -0.99 14.14
CA GLN A 46 -5.99 -1.11 15.05
C GLN A 46 -4.65 -0.77 14.35
N ILE A 47 -4.45 -1.30 13.15
CA ILE A 47 -3.24 -1.05 12.38
C ILE A 47 -3.39 0.25 11.62
N LEU A 48 -4.56 0.46 11.04
CA LEU A 48 -4.78 1.62 10.23
C LEU A 48 -4.58 2.93 10.99
N GLN A 49 -4.98 2.96 12.25
CA GLN A 49 -4.84 4.17 13.06
C GLN A 49 -3.39 4.51 13.31
N LYS A 50 -2.55 3.48 13.42
CA LYS A 50 -1.11 3.71 13.65
C LYS A 50 -0.36 3.86 12.33
N ASN A 51 -1.04 3.64 11.22
CA ASN A 51 -0.43 3.70 9.89
C ASN A 51 -1.22 4.58 8.91
N THR A 52 -1.67 5.74 9.38
CA THR A 52 -2.43 6.66 8.53
C THR A 52 -1.62 7.21 7.36
N ASP A 53 -0.29 7.23 7.49
CA ASP A 53 0.59 7.71 6.42
C ASP A 53 0.53 6.83 5.19
N VAL A 54 0.33 5.54 5.44
CA VAL A 54 0.23 4.58 4.37
C VAL A 54 -1.04 4.87 3.60
N VAL A 55 -2.11 5.14 4.33
CA VAL A 55 -3.39 5.46 3.71
C VAL A 55 -3.24 6.78 2.95
N ALA A 56 -2.46 7.69 3.50
CA ALA A 56 -2.19 8.96 2.85
C ALA A 56 -1.42 8.74 1.55
N THR A 57 -0.54 7.75 1.49
CA THR A 57 0.21 7.49 0.29
C THR A 57 -0.66 6.80 -0.74
N LEU A 58 -1.49 5.88 -0.29
CA LEU A 58 -2.40 5.17 -1.18
C LEU A 58 -3.32 6.13 -1.92
N LYS A 59 -3.71 7.22 -1.25
CA LYS A 59 -4.50 8.27 -1.90
C LYS A 59 -3.70 8.95 -3.03
N LYS A 60 -2.38 9.02 -2.90
CA LYS A 60 -1.52 9.63 -3.93
C LYS A 60 -1.42 8.75 -5.17
N ILE A 61 -1.22 7.46 -4.98
CA ILE A 61 -1.03 6.55 -6.13
C ILE A 61 -2.30 6.15 -6.84
N ARG A 62 -3.44 6.28 -6.19
CA ARG A 62 -4.73 5.98 -6.80
C ARG A 62 -5.01 6.90 -7.99
N ARG A 63 -4.29 8.00 -8.08
CA ARG A 63 -4.39 8.95 -9.20
C ARG A 63 -3.06 9.09 -9.97
N TYR A 64 -2.18 8.11 -9.81
CA TYR A 64 -0.85 8.13 -10.43
C TYR A 64 -0.93 8.10 -11.96
N LYS A 65 -0.43 9.16 -12.60
CA LYS A 65 -0.50 9.27 -14.06
C LYS A 65 0.48 8.42 -14.84
N ALA A 66 1.66 8.16 -14.28
CA ALA A 66 2.72 7.48 -15.02
C ALA A 66 2.34 6.04 -15.39
N ASN A 67 1.71 5.33 -14.47
CA ASN A 67 1.33 3.94 -14.70
C ASN A 67 -0.11 3.70 -14.28
N LYS A 68 -0.96 3.33 -15.23
CA LYS A 68 -2.37 3.05 -14.93
C LYS A 68 -2.48 1.94 -13.91
N ASP A 69 -1.72 0.88 -14.09
CA ASP A 69 -1.79 -0.30 -13.20
C ASP A 69 -1.57 0.07 -11.74
N VAL A 70 -0.61 0.94 -11.47
CA VAL A 70 -0.37 1.40 -10.10
C VAL A 70 -1.63 2.01 -9.52
N MET A 71 -2.32 2.84 -10.31
CA MET A 71 -3.55 3.47 -9.86
C MET A 71 -4.62 2.41 -9.62
N GLU A 72 -4.74 1.45 -10.52
CA GLU A 72 -5.76 0.42 -10.34
C GLU A 72 -5.48 -0.45 -9.12
N LYS A 73 -4.25 -0.92 -8.94
CA LYS A 73 -3.97 -1.76 -7.79
C LYS A 73 -4.02 -0.96 -6.49
N ALA A 74 -3.53 0.27 -6.53
CA ALA A 74 -3.57 1.13 -5.34
C ALA A 74 -5.01 1.31 -4.92
N ALA A 75 -5.85 1.49 -5.92
CA ALA A 75 -7.27 1.65 -5.72
C ALA A 75 -7.93 0.42 -5.13
N GLU A 76 -7.66 -0.74 -5.69
CA GLU A 76 -8.24 -1.97 -5.19
C GLU A 76 -7.85 -2.15 -3.72
N VAL A 77 -6.58 -1.89 -3.42
CA VAL A 77 -6.03 -2.05 -2.09
C VAL A 77 -6.59 -1.03 -1.14
N TYR A 78 -6.54 0.24 -1.53
CA TYR A 78 -7.01 1.32 -0.68
C TYR A 78 -8.46 1.06 -0.27
N THR A 79 -9.29 0.68 -1.21
CA THR A 79 -10.71 0.39 -0.96
C THR A 79 -10.85 -0.84 -0.08
N ARG A 80 -9.97 -1.81 -0.25
CA ARG A 80 -9.94 -2.99 0.62
C ARG A 80 -9.69 -2.57 2.07
N LEU A 81 -8.96 -1.48 2.27
CA LEU A 81 -8.63 -1.08 3.64
C LEU A 81 -9.84 -0.44 4.24
N LYS A 82 -10.59 0.25 3.40
CA LYS A 82 -11.83 0.92 3.82
C LYS A 82 -12.85 -0.06 4.34
N SER A 83 -12.76 -1.27 3.82
CA SER A 83 -13.63 -2.36 4.24
C SER A 83 -13.17 -2.97 5.59
N ARG A 84 -12.01 -2.56 6.08
CA ARG A 84 -11.45 -3.07 7.34
C ARG A 84 -11.29 -1.97 8.42
N GLY A 85 -11.24 -0.72 7.99
CA GLY A 85 -11.07 0.40 8.92
C GLY A 85 -11.30 1.71 8.19
N SER A 86 -11.51 2.79 8.94
CA SER A 86 -11.82 4.11 8.37
C SER A 86 -10.72 4.67 7.48
N ALA A 1 5.77 -19.56 13.39
CA ALA A 1 7.07 -18.82 13.41
C ALA A 1 7.31 -18.17 12.06
N ALA A 2 8.24 -17.22 11.99
CA ALA A 2 8.54 -16.49 10.74
C ALA A 2 7.28 -15.82 10.18
N SER A 3 6.43 -15.33 11.07
CA SER A 3 5.18 -14.69 10.68
C SER A 3 4.99 -13.37 11.46
N PRO A 4 5.67 -12.30 11.02
CA PRO A 4 5.50 -11.03 11.73
C PRO A 4 4.11 -10.42 11.55
N SER A 5 3.76 -9.49 12.43
CA SER A 5 2.45 -8.84 12.42
C SER A 5 2.22 -8.01 11.17
N VAL A 6 0.96 -7.72 10.87
CA VAL A 6 0.61 -6.94 9.68
C VAL A 6 1.36 -5.64 9.63
N GLU A 7 1.23 -4.92 10.71
CA GLU A 7 1.88 -3.62 10.89
C GLU A 7 3.41 -3.68 10.68
N GLU A 8 4.05 -4.78 11.04
CA GLU A 8 5.49 -4.92 10.84
C GLU A 8 5.75 -5.06 9.35
N LYS A 9 4.92 -5.87 8.71
CA LYS A 9 5.07 -6.15 7.28
C LYS A 9 4.73 -4.93 6.46
N LEU A 10 3.79 -4.16 6.97
CA LEU A 10 3.35 -2.93 6.34
C LEU A 10 4.54 -2.00 6.16
N GLN A 11 5.48 -2.00 7.09
CA GLN A 11 6.66 -1.14 6.95
C GLN A 11 7.40 -1.49 5.65
N LYS A 12 7.51 -2.77 5.34
CA LYS A 12 8.16 -3.20 4.10
C LYS A 12 7.34 -2.77 2.88
N LEU A 13 6.06 -3.12 2.84
CA LEU A 13 5.23 -2.78 1.70
C LEU A 13 5.14 -1.29 1.48
N HIS A 14 4.97 -0.54 2.55
CA HIS A 14 4.89 0.92 2.46
C HIS A 14 6.14 1.44 1.79
N SER A 15 7.30 0.94 2.18
CA SER A 15 8.57 1.38 1.60
C SER A 15 8.66 1.05 0.12
N GLU A 16 8.16 -0.11 -0.28
CA GLU A 16 8.17 -0.49 -1.69
C GLU A 16 7.33 0.46 -2.49
N ILE A 17 6.20 0.89 -1.94
CA ILE A 17 5.35 1.82 -2.65
C ILE A 17 6.18 3.07 -2.95
N LYS A 18 6.94 3.52 -1.96
CA LYS A 18 7.76 4.74 -2.14
C LYS A 18 8.82 4.57 -3.22
N PHE A 19 9.50 3.44 -3.21
CA PHE A 19 10.56 3.15 -4.17
C PHE A 19 10.00 3.02 -5.57
N ALA A 20 8.78 2.53 -5.68
CA ALA A 20 8.11 2.36 -6.96
C ALA A 20 7.81 3.69 -7.64
N LEU A 21 7.80 4.78 -6.88
CA LEU A 21 7.48 6.10 -7.41
C LEU A 21 8.71 6.99 -7.55
N LYS A 22 9.88 6.38 -7.42
CA LYS A 22 11.13 7.11 -7.55
C LYS A 22 11.11 7.82 -8.89
N VAL A 23 11.42 9.10 -8.89
CA VAL A 23 11.46 9.89 -10.13
C VAL A 23 12.55 9.35 -11.03
N ASP A 24 13.67 9.04 -10.40
CA ASP A 24 14.87 8.55 -11.07
C ASP A 24 14.69 7.15 -11.66
N SER A 25 13.84 6.35 -11.01
CA SER A 25 13.65 4.95 -11.41
C SER A 25 12.34 4.37 -10.89
N PRO A 26 11.21 4.72 -11.53
CA PRO A 26 9.96 4.14 -11.04
C PRO A 26 9.80 2.67 -11.43
N ASP A 27 9.12 1.91 -10.58
CA ASP A 27 8.89 0.48 -10.83
C ASP A 27 7.45 0.12 -10.48
N VAL A 28 6.61 0.07 -11.49
CA VAL A 28 5.20 -0.25 -11.29
C VAL A 28 5.00 -1.59 -10.64
N LYS A 29 5.69 -2.62 -11.11
CA LYS A 29 5.53 -3.97 -10.57
C LYS A 29 5.86 -3.96 -9.11
N ARG A 30 6.78 -3.10 -8.71
CA ARG A 30 7.20 -3.07 -7.31
C ARG A 30 6.05 -2.53 -6.47
N CYS A 31 5.39 -1.51 -6.97
CA CYS A 31 4.22 -0.98 -6.30
C CYS A 31 3.13 -2.03 -6.28
N LEU A 32 2.84 -2.67 -7.42
CA LEU A 32 1.75 -3.65 -7.52
C LEU A 32 1.93 -4.79 -6.52
N ASN A 33 3.14 -5.29 -6.41
CA ASN A 33 3.45 -6.37 -5.47
C ASN A 33 3.24 -5.91 -4.03
N ALA A 34 3.64 -4.69 -3.73
CA ALA A 34 3.48 -4.15 -2.39
C ALA A 34 2.01 -3.98 -2.08
N LEU A 35 1.31 -3.39 -3.03
CA LEU A 35 -0.09 -3.17 -2.95
C LEU A 35 -0.83 -4.48 -2.70
N GLU A 36 -0.57 -5.50 -3.49
CA GLU A 36 -1.32 -6.74 -3.36
C GLU A 36 -1.16 -7.41 -1.99
N GLU A 37 0.03 -7.34 -1.37
CA GLU A 37 0.16 -7.93 -0.04
C GLU A 37 -0.59 -7.04 0.95
N LEU A 38 -0.43 -5.73 0.84
CA LEU A 38 -1.13 -4.79 1.71
C LEU A 38 -2.65 -5.01 1.63
N GLY A 39 -3.11 -5.39 0.44
CA GLY A 39 -4.53 -5.65 0.22
C GLY A 39 -5.09 -6.86 0.95
N THR A 40 -4.22 -7.75 1.41
CA THR A 40 -4.65 -8.94 2.14
C THR A 40 -4.25 -8.84 3.61
N LEU A 41 -3.35 -7.92 3.93
CA LEU A 41 -2.91 -7.72 5.31
C LEU A 41 -4.06 -7.20 6.17
N GLN A 42 -4.06 -7.54 7.46
CA GLN A 42 -5.14 -7.11 8.35
C GLN A 42 -4.96 -5.66 8.79
N VAL A 43 -5.42 -4.75 7.98
CA VAL A 43 -5.39 -3.33 8.29
C VAL A 43 -6.81 -2.91 8.60
N THR A 44 -7.15 -3.31 9.79
CA THR A 44 -8.40 -2.94 10.43
C THR A 44 -8.06 -1.63 11.14
N SER A 45 -9.06 -0.94 11.68
CA SER A 45 -8.85 0.38 12.30
C SER A 45 -7.69 0.42 13.30
N GLN A 46 -7.48 -0.67 14.01
CA GLN A 46 -6.40 -0.78 14.99
C GLN A 46 -5.01 -0.48 14.40
N ILE A 47 -4.75 -0.98 13.20
CA ILE A 47 -3.47 -0.81 12.51
C ILE A 47 -3.52 0.46 11.72
N LEU A 48 -4.65 0.69 11.11
CA LEU A 48 -4.81 1.79 10.20
C LEU A 48 -4.56 3.13 10.89
N GLN A 49 -5.04 3.26 12.12
CA GLN A 49 -4.89 4.49 12.90
C GLN A 49 -3.42 4.83 13.20
N LYS A 50 -2.62 3.79 13.41
CA LYS A 50 -1.19 3.95 13.71
C LYS A 50 -0.36 3.96 12.44
N ASN A 51 -0.98 3.67 11.30
CA ASN A 51 -0.29 3.64 10.01
C ASN A 51 -1.01 4.54 9.00
N THR A 52 -1.49 5.67 9.48
CA THR A 52 -2.22 6.62 8.63
C THR A 52 -1.41 7.16 7.46
N ASP A 53 -0.09 7.24 7.62
CA ASP A 53 0.78 7.72 6.53
C ASP A 53 0.74 6.80 5.31
N VAL A 54 0.50 5.53 5.54
CA VAL A 54 0.43 4.58 4.45
C VAL A 54 -0.89 4.79 3.74
N VAL A 55 -1.95 4.97 4.52
CA VAL A 55 -3.27 5.22 3.95
C VAL A 55 -3.20 6.53 3.16
N ALA A 56 -2.45 7.49 3.68
CA ALA A 56 -2.27 8.76 3.00
C ALA A 56 -1.50 8.56 1.69
N THR A 57 -0.54 7.66 1.66
CA THR A 57 0.23 7.43 0.44
C THR A 57 -0.63 6.72 -0.57
N LEU A 58 -1.46 5.78 -0.14
CA LEU A 58 -2.32 5.04 -1.06
C LEU A 58 -3.26 6.00 -1.79
N LYS A 59 -3.70 7.04 -1.10
CA LYS A 59 -4.53 8.07 -1.74
C LYS A 59 -3.75 8.82 -2.82
N LYS A 60 -2.43 8.94 -2.67
CA LYS A 60 -1.59 9.62 -3.68
C LYS A 60 -1.45 8.77 -4.95
N ILE A 61 -1.19 7.49 -4.78
CA ILE A 61 -0.97 6.59 -5.94
C ILE A 61 -2.22 6.13 -6.65
N ARG A 62 -3.38 6.24 -6.01
CA ARG A 62 -4.67 5.90 -6.63
C ARG A 62 -4.98 6.81 -7.81
N ARG A 63 -4.27 7.94 -7.89
CA ARG A 63 -4.40 8.87 -9.01
C ARG A 63 -3.08 9.02 -9.78
N TYR A 64 -2.18 8.06 -9.59
CA TYR A 64 -0.86 8.09 -10.24
C TYR A 64 -1.01 8.03 -11.76
N LYS A 65 -0.45 9.01 -12.45
CA LYS A 65 -0.62 9.11 -13.91
C LYS A 65 0.47 8.43 -14.73
N ALA A 66 1.65 8.23 -14.16
CA ALA A 66 2.75 7.63 -14.90
C ALA A 66 2.43 6.19 -15.30
N ASN A 67 1.84 5.45 -14.36
CA ASN A 67 1.49 4.07 -14.59
C ASN A 67 0.04 3.82 -14.18
N LYS A 68 -0.79 3.48 -15.17
CA LYS A 68 -2.21 3.16 -14.92
C LYS A 68 -2.33 2.05 -13.90
N ASP A 69 -1.57 1.00 -14.08
CA ASP A 69 -1.65 -0.19 -13.23
C ASP A 69 -1.48 0.14 -11.74
N VAL A 70 -0.52 1.00 -11.43
CA VAL A 70 -0.31 1.43 -10.04
C VAL A 70 -1.59 2.03 -9.48
N MET A 71 -2.23 2.88 -10.25
CA MET A 71 -3.48 3.52 -9.83
C MET A 71 -4.56 2.49 -9.65
N GLU A 72 -4.68 1.56 -10.58
CA GLU A 72 -5.70 0.53 -10.48
C GLU A 72 -5.49 -0.38 -9.26
N LYS A 73 -4.27 -0.88 -9.06
CA LYS A 73 -4.06 -1.78 -7.93
C LYS A 73 -4.12 -1.02 -6.61
N ALA A 74 -3.59 0.20 -6.57
CA ALA A 74 -3.62 1.00 -5.36
C ALA A 74 -5.05 1.22 -4.95
N ALA A 75 -5.87 1.45 -5.95
CA ALA A 75 -7.29 1.65 -5.77
C ALA A 75 -7.99 0.43 -5.20
N GLU A 76 -7.74 -0.73 -5.77
CA GLU A 76 -8.35 -1.96 -5.30
C GLU A 76 -7.93 -2.19 -3.83
N VAL A 77 -6.65 -1.92 -3.55
CA VAL A 77 -6.09 -2.13 -2.23
C VAL A 77 -6.62 -1.14 -1.23
N TYR A 78 -6.55 0.14 -1.56
CA TYR A 78 -6.99 1.19 -0.66
C TYR A 78 -8.44 0.95 -0.23
N THR A 79 -9.29 0.60 -1.19
CA THR A 79 -10.69 0.32 -0.93
C THR A 79 -10.86 -0.93 -0.07
N ARG A 80 -10.00 -1.92 -0.28
CA ARG A 80 -10.03 -3.13 0.55
C ARG A 80 -9.79 -2.77 2.02
N LEU A 81 -9.03 -1.71 2.28
CA LEU A 81 -8.70 -1.36 3.65
C LEU A 81 -9.90 -0.71 4.26
N LYS A 82 -10.66 0.00 3.43
CA LYS A 82 -11.86 0.69 3.87
C LYS A 82 -12.92 -0.28 4.35
N SER A 83 -12.91 -1.46 3.78
CA SER A 83 -13.81 -2.51 4.18
C SER A 83 -13.39 -3.14 5.52
N ARG A 84 -12.15 -2.91 5.93
CA ARG A 84 -11.63 -3.44 7.20
C ARG A 84 -11.61 -2.39 8.31
N GLY A 85 -11.58 -1.12 7.95
CA GLY A 85 -11.51 -0.05 8.93
C GLY A 85 -11.53 1.33 8.30
N SER A 86 -11.60 2.35 9.14
CA SER A 86 -11.71 3.75 8.70
C SER A 86 -10.52 4.21 7.86
N ALA A 1 2.95 -19.52 16.67
CA ALA A 1 3.62 -19.15 15.39
C ALA A 1 4.55 -17.97 15.62
N ALA A 2 5.38 -17.65 14.63
CA ALA A 2 6.33 -16.54 14.75
C ALA A 2 6.27 -15.69 13.48
N SER A 3 5.07 -15.60 12.90
CA SER A 3 4.87 -14.82 11.69
C SER A 3 4.84 -13.34 12.06
N PRO A 4 5.45 -12.46 11.25
CA PRO A 4 5.40 -11.05 11.63
C PRO A 4 4.00 -10.45 11.51
N SER A 5 3.72 -9.45 12.35
CA SER A 5 2.44 -8.78 12.39
C SER A 5 2.19 -7.93 11.15
N VAL A 6 0.94 -7.56 10.92
CA VAL A 6 0.59 -6.75 9.76
C VAL A 6 1.40 -5.47 9.69
N GLU A 7 1.51 -4.78 10.82
CA GLU A 7 2.24 -3.52 10.87
C GLU A 7 3.73 -3.70 10.54
N GLU A 8 4.30 -4.82 10.93
CA GLU A 8 5.71 -5.09 10.64
C GLU A 8 5.88 -5.27 9.15
N LYS A 9 4.92 -5.97 8.57
CA LYS A 9 4.97 -6.25 7.14
C LYS A 9 4.66 -4.99 6.36
N LEU A 10 3.77 -4.19 6.91
CA LEU A 10 3.38 -2.93 6.33
C LEU A 10 4.59 -2.05 6.17
N GLN A 11 5.54 -2.09 7.09
CA GLN A 11 6.76 -1.28 6.94
C GLN A 11 7.46 -1.63 5.62
N LYS A 12 7.53 -2.91 5.30
CA LYS A 12 8.14 -3.34 4.04
C LYS A 12 7.30 -2.89 2.85
N LEU A 13 6.02 -3.24 2.83
CA LEU A 13 5.16 -2.88 1.72
C LEU A 13 5.10 -1.38 1.50
N HIS A 14 4.95 -0.62 2.57
CA HIS A 14 4.88 0.83 2.47
C HIS A 14 6.14 1.34 1.80
N SER A 15 7.29 0.82 2.19
CA SER A 15 8.57 1.26 1.62
C SER A 15 8.65 0.95 0.13
N GLU A 16 8.15 -0.20 -0.29
CA GLU A 16 8.16 -0.55 -1.71
C GLU A 16 7.30 0.42 -2.49
N ILE A 17 6.18 0.83 -1.93
CA ILE A 17 5.32 1.78 -2.61
C ILE A 17 6.15 3.03 -2.88
N LYS A 18 6.92 3.46 -1.89
CA LYS A 18 7.75 4.67 -2.02
C LYS A 18 8.83 4.51 -3.10
N PHE A 19 9.49 3.36 -3.10
CA PHE A 19 10.56 3.09 -4.07
C PHE A 19 10.01 3.01 -5.48
N ALA A 20 8.78 2.54 -5.61
CA ALA A 20 8.13 2.42 -6.90
C ALA A 20 7.80 3.78 -7.50
N LEU A 21 7.84 4.83 -6.69
CA LEU A 21 7.48 6.18 -7.13
C LEU A 21 8.69 7.09 -7.17
N LYS A 22 9.88 6.50 -7.06
CA LYS A 22 11.11 7.25 -7.14
C LYS A 22 11.09 8.01 -8.45
N VAL A 23 11.42 9.29 -8.39
CA VAL A 23 11.50 10.11 -9.61
C VAL A 23 12.62 9.56 -10.48
N ASP A 24 13.71 9.22 -9.81
CA ASP A 24 14.93 8.70 -10.42
C ASP A 24 14.76 7.32 -11.04
N SER A 25 13.85 6.51 -10.47
CA SER A 25 13.68 5.13 -10.92
C SER A 25 12.32 4.54 -10.51
N PRO A 26 11.23 4.91 -11.19
CA PRO A 26 9.95 4.31 -10.80
C PRO A 26 9.79 2.86 -11.28
N ASP A 27 9.12 2.04 -10.47
CA ASP A 27 8.87 0.64 -10.82
C ASP A 27 7.44 0.23 -10.48
N VAL A 28 6.58 0.19 -11.49
CA VAL A 28 5.17 -0.16 -11.29
C VAL A 28 4.99 -1.51 -10.64
N LYS A 29 5.72 -2.51 -11.10
CA LYS A 29 5.58 -3.87 -10.59
C LYS A 29 5.87 -3.90 -9.12
N ARG A 30 6.76 -3.03 -8.73
CA ARG A 30 7.21 -2.97 -7.33
C ARG A 30 6.07 -2.44 -6.48
N CYS A 31 5.38 -1.43 -6.99
CA CYS A 31 4.22 -0.90 -6.29
C CYS A 31 3.14 -1.99 -6.27
N LEU A 32 2.85 -2.60 -7.41
CA LEU A 32 1.78 -3.60 -7.52
C LEU A 32 1.98 -4.76 -6.54
N ASN A 33 3.20 -5.24 -6.44
CA ASN A 33 3.53 -6.33 -5.53
C ASN A 33 3.34 -5.93 -4.07
N ALA A 34 3.69 -4.70 -3.73
CA ALA A 34 3.52 -4.21 -2.38
C ALA A 34 2.04 -4.06 -2.07
N LEU A 35 1.35 -3.45 -3.02
CA LEU A 35 -0.07 -3.23 -2.92
C LEU A 35 -0.79 -4.55 -2.70
N GLU A 36 -0.51 -5.56 -3.49
CA GLU A 36 -1.25 -6.81 -3.38
C GLU A 36 -1.13 -7.50 -2.02
N GLU A 37 0.02 -7.42 -1.36
CA GLU A 37 0.14 -8.00 -0.02
C GLU A 37 -0.66 -7.15 0.94
N LEU A 38 -0.49 -5.83 0.85
CA LEU A 38 -1.18 -4.88 1.73
C LEU A 38 -2.70 -5.07 1.62
N GLY A 39 -3.16 -5.42 0.42
CA GLY A 39 -4.57 -5.63 0.18
C GLY A 39 -5.16 -6.84 0.89
N THR A 40 -4.34 -7.77 1.35
CA THR A 40 -4.83 -8.96 2.06
C THR A 40 -4.44 -8.94 3.53
N LEU A 41 -3.62 -7.96 3.91
CA LEU A 41 -3.19 -7.84 5.30
C LEU A 41 -4.38 -7.35 6.15
N GLN A 42 -4.41 -7.73 7.43
CA GLN A 42 -5.48 -7.27 8.33
C GLN A 42 -5.17 -5.85 8.79
N VAL A 43 -5.56 -4.91 7.97
CA VAL A 43 -5.28 -3.51 8.25
C VAL A 43 -6.53 -2.87 8.86
N THR A 44 -7.03 -3.53 9.88
CA THR A 44 -8.22 -3.12 10.61
C THR A 44 -7.86 -1.79 11.28
N SER A 45 -8.85 -1.08 11.80
CA SER A 45 -8.62 0.25 12.39
C SER A 45 -7.46 0.27 13.38
N GLN A 46 -7.23 -0.84 14.08
CA GLN A 46 -6.12 -0.92 15.02
C GLN A 46 -4.78 -0.60 14.35
N ILE A 47 -4.54 -1.16 13.17
CA ILE A 47 -3.31 -0.94 12.42
C ILE A 47 -3.45 0.34 11.59
N LEU A 48 -4.60 0.49 10.97
CA LEU A 48 -4.83 1.60 10.08
C LEU A 48 -4.65 2.95 10.72
N GLN A 49 -5.12 3.08 11.95
CA GLN A 49 -5.07 4.36 12.64
C GLN A 49 -3.64 4.71 13.07
N LYS A 50 -2.81 3.69 13.31
CA LYS A 50 -1.40 3.94 13.65
C LYS A 50 -0.54 4.00 12.38
N ASN A 51 -1.12 3.67 11.23
CA ASN A 51 -0.39 3.68 9.97
C ASN A 51 -1.09 4.55 8.91
N THR A 52 -1.58 5.70 9.36
CA THR A 52 -2.29 6.63 8.47
C THR A 52 -1.42 7.18 7.34
N ASP A 53 -0.10 7.21 7.52
CA ASP A 53 0.81 7.67 6.47
C ASP A 53 0.76 6.78 5.23
N VAL A 54 0.50 5.51 5.43
CA VAL A 54 0.39 4.59 4.30
C VAL A 54 -0.88 4.91 3.55
N VAL A 55 -1.94 5.17 4.31
CA VAL A 55 -3.23 5.52 3.71
C VAL A 55 -3.07 6.83 2.95
N ALA A 56 -2.28 7.74 3.51
CA ALA A 56 -2.00 9.00 2.87
C ALA A 56 -1.25 8.80 1.56
N THR A 57 -0.41 7.77 1.48
CA THR A 57 0.34 7.50 0.26
C THR A 57 -0.55 6.80 -0.75
N LEU A 58 -1.38 5.88 -0.28
CA LEU A 58 -2.31 5.16 -1.15
C LEU A 58 -3.24 6.13 -1.88
N LYS A 59 -3.62 7.21 -1.21
CA LYS A 59 -4.42 8.25 -1.85
C LYS A 59 -3.66 8.94 -3.00
N LYS A 60 -2.33 8.99 -2.91
CA LYS A 60 -1.50 9.58 -3.98
C LYS A 60 -1.41 8.68 -5.20
N ILE A 61 -1.19 7.39 -4.99
CA ILE A 61 -1.01 6.46 -6.11
C ILE A 61 -2.30 6.05 -6.80
N ARG A 62 -3.42 6.17 -6.12
CA ARG A 62 -4.73 5.88 -6.72
C ARG A 62 -5.02 6.79 -7.91
N ARG A 63 -4.31 7.90 -7.98
CA ARG A 63 -4.43 8.86 -9.10
C ARG A 63 -3.10 9.02 -9.86
N TYR A 64 -2.20 8.04 -9.71
CA TYR A 64 -0.88 8.07 -10.33
C TYR A 64 -0.97 8.14 -11.86
N LYS A 65 -0.37 9.17 -12.44
CA LYS A 65 -0.43 9.40 -13.89
C LYS A 65 0.53 8.57 -14.72
N ALA A 66 1.67 8.21 -14.15
CA ALA A 66 2.70 7.51 -14.93
C ALA A 66 2.27 6.09 -15.32
N ASN A 67 1.61 5.41 -14.41
CA ASN A 67 1.18 4.04 -14.64
C ASN A 67 -0.25 3.82 -14.21
N LYS A 68 -1.10 3.40 -15.15
CA LYS A 68 -2.51 3.13 -14.87
C LYS A 68 -2.59 1.97 -13.90
N ASP A 69 -1.73 0.99 -14.11
CA ASP A 69 -1.71 -0.24 -13.32
C ASP A 69 -1.59 0.06 -11.84
N VAL A 70 -0.66 0.94 -11.51
CA VAL A 70 -0.45 1.35 -10.12
C VAL A 70 -1.73 1.95 -9.56
N MET A 71 -2.38 2.81 -10.33
CA MET A 71 -3.62 3.45 -9.88
C MET A 71 -4.68 2.40 -9.63
N GLU A 72 -4.82 1.43 -10.52
CA GLU A 72 -5.82 0.40 -10.34
C GLU A 72 -5.53 -0.47 -9.13
N LYS A 73 -4.31 -0.94 -8.96
CA LYS A 73 -4.03 -1.79 -7.81
C LYS A 73 -4.08 -1.00 -6.51
N ALA A 74 -3.57 0.23 -6.52
CA ALA A 74 -3.60 1.08 -5.34
C ALA A 74 -5.03 1.28 -4.92
N ALA A 75 -5.88 1.43 -5.90
CA ALA A 75 -7.32 1.61 -5.70
C ALA A 75 -7.98 0.39 -5.10
N GLU A 76 -7.72 -0.78 -5.66
CA GLU A 76 -8.31 -2.01 -5.15
C GLU A 76 -7.89 -2.20 -3.69
N VAL A 77 -6.62 -1.92 -3.41
CA VAL A 77 -6.05 -2.07 -2.08
C VAL A 77 -6.61 -1.04 -1.13
N TYR A 78 -6.57 0.22 -1.53
CA TYR A 78 -7.05 1.30 -0.68
C TYR A 78 -8.49 1.04 -0.26
N THR A 79 -9.33 0.63 -1.19
CA THR A 79 -10.72 0.33 -0.93
C THR A 79 -10.87 -0.90 -0.02
N ARG A 80 -9.98 -1.87 -0.19
CA ARG A 80 -9.95 -3.04 0.69
C ARG A 80 -9.68 -2.60 2.12
N LEU A 81 -8.96 -1.51 2.32
CA LEU A 81 -8.63 -1.07 3.67
C LEU A 81 -9.85 -0.44 4.26
N LYS A 82 -10.60 0.27 3.43
CA LYS A 82 -11.83 0.93 3.85
C LYS A 82 -12.83 -0.08 4.36
N SER A 83 -12.75 -1.27 3.81
CA SER A 83 -13.60 -2.38 4.19
C SER A 83 -13.18 -2.99 5.55
N ARG A 84 -12.03 -2.58 6.06
CA ARG A 84 -11.50 -3.08 7.35
C ARG A 84 -11.36 -1.98 8.41
N GLY A 85 -11.24 -0.73 7.99
CA GLY A 85 -11.13 0.37 8.93
C GLY A 85 -10.83 1.72 8.32
N SER A 86 -11.35 2.76 8.97
CA SER A 86 -11.16 4.18 8.60
C SER A 86 -11.19 4.48 7.10
N ALA A 1 5.59 -22.02 11.63
CA ALA A 1 6.50 -21.10 12.38
C ALA A 1 5.80 -19.77 12.61
N ALA A 2 6.41 -18.89 13.40
CA ALA A 2 5.85 -17.56 13.63
C ALA A 2 6.01 -16.77 12.32
N SER A 3 5.29 -15.66 12.21
CA SER A 3 5.39 -14.80 11.04
C SER A 3 5.20 -13.36 11.53
N PRO A 4 5.78 -12.37 10.83
CA PRO A 4 5.63 -11.00 11.30
C PRO A 4 4.19 -10.47 11.21
N SER A 5 3.88 -9.55 12.10
CA SER A 5 2.55 -8.93 12.17
C SER A 5 2.30 -8.00 11.00
N VAL A 6 1.06 -7.56 10.83
CA VAL A 6 0.69 -6.66 9.74
C VAL A 6 1.53 -5.41 9.72
N GLU A 7 1.67 -4.77 10.86
CA GLU A 7 2.43 -3.54 10.96
C GLU A 7 3.91 -3.74 10.66
N GLU A 8 4.45 -4.90 11.04
CA GLU A 8 5.84 -5.21 10.73
C GLU A 8 5.99 -5.35 9.23
N LYS A 9 5.02 -6.04 8.62
CA LYS A 9 5.06 -6.28 7.18
C LYS A 9 4.83 -5.00 6.42
N LEU A 10 4.01 -4.14 7.00
CA LEU A 10 3.66 -2.88 6.40
C LEU A 10 4.91 -2.09 6.11
N GLN A 11 5.89 -2.13 7.00
CA GLN A 11 7.12 -1.36 6.79
C GLN A 11 7.76 -1.70 5.44
N LYS A 12 7.74 -2.99 5.07
CA LYS A 12 8.26 -3.41 3.76
C LYS A 12 7.39 -2.86 2.65
N LEU A 13 6.09 -3.14 2.70
CA LEU A 13 5.18 -2.72 1.64
C LEU A 13 5.13 -1.23 1.43
N HIS A 14 5.02 -0.47 2.49
CA HIS A 14 4.95 0.98 2.37
C HIS A 14 6.23 1.48 1.72
N SER A 15 7.37 0.90 2.09
CA SER A 15 8.64 1.31 1.50
C SER A 15 8.67 0.98 0.02
N GLU A 16 8.17 -0.19 -0.37
CA GLU A 16 8.14 -0.56 -1.77
C GLU A 16 7.26 0.38 -2.56
N ILE A 17 6.10 0.74 -2.02
CA ILE A 17 5.24 1.68 -2.70
C ILE A 17 6.04 2.92 -2.99
N LYS A 18 6.77 3.41 -2.00
CA LYS A 18 7.54 4.65 -2.16
C LYS A 18 8.70 4.51 -3.14
N PHE A 19 9.39 3.38 -3.13
CA PHE A 19 10.50 3.13 -4.06
C PHE A 19 9.98 3.03 -5.47
N ALA A 20 8.78 2.50 -5.62
CA ALA A 20 8.14 2.36 -6.93
C ALA A 20 7.85 3.71 -7.58
N LEU A 21 7.81 4.75 -6.77
CA LEU A 21 7.51 6.09 -7.24
C LEU A 21 8.73 6.99 -7.31
N LYS A 22 9.91 6.38 -7.19
CA LYS A 22 11.16 7.12 -7.29
C LYS A 22 11.16 7.85 -8.62
N VAL A 23 11.45 9.13 -8.60
CA VAL A 23 11.51 9.93 -9.82
C VAL A 23 12.65 9.39 -10.70
N ASP A 24 13.73 9.06 -10.02
CA ASP A 24 14.96 8.56 -10.64
C ASP A 24 14.78 7.20 -11.31
N SER A 25 13.87 6.40 -10.77
CA SER A 25 13.63 5.05 -11.31
C SER A 25 12.30 4.47 -10.83
N PRO A 26 11.18 4.87 -11.46
CA PRO A 26 9.92 4.29 -11.02
C PRO A 26 9.79 2.81 -11.42
N ASP A 27 9.13 2.04 -10.57
CA ASP A 27 8.99 0.60 -10.75
C ASP A 27 7.56 0.16 -10.43
N VAL A 28 6.72 0.11 -11.45
CA VAL A 28 5.31 -0.23 -11.23
C VAL A 28 5.11 -1.58 -10.60
N LYS A 29 5.83 -2.58 -11.09
CA LYS A 29 5.70 -3.95 -10.56
C LYS A 29 5.97 -3.96 -9.08
N ARG A 30 6.85 -3.08 -8.64
CA ARG A 30 7.22 -3.04 -7.23
C ARG A 30 6.07 -2.52 -6.41
N CYS A 31 5.41 -1.49 -6.93
CA CYS A 31 4.24 -0.95 -6.27
C CYS A 31 3.16 -2.03 -6.25
N LEU A 32 2.90 -2.65 -7.39
CA LEU A 32 1.82 -3.66 -7.49
C LEU A 32 2.03 -4.80 -6.51
N ASN A 33 3.26 -5.28 -6.41
CA ASN A 33 3.59 -6.36 -5.48
C ASN A 33 3.36 -5.93 -4.04
N ALA A 34 3.68 -4.69 -3.73
CA ALA A 34 3.47 -4.16 -2.39
C ALA A 34 1.98 -4.05 -2.11
N LEU A 35 1.27 -3.44 -3.05
CA LEU A 35 -0.15 -3.27 -2.97
C LEU A 35 -0.86 -4.62 -2.82
N GLU A 36 -0.50 -5.63 -3.59
CA GLU A 36 -1.22 -6.89 -3.51
C GLU A 36 -1.03 -7.58 -2.15
N GLU A 37 0.12 -7.43 -1.50
CA GLU A 37 0.26 -8.00 -0.18
C GLU A 37 -0.67 -7.18 0.71
N LEU A 38 -0.56 -5.86 0.63
CA LEU A 38 -1.36 -4.94 1.46
C LEU A 38 -2.86 -5.27 1.36
N GLY A 39 -3.26 -5.78 0.21
CA GLY A 39 -4.63 -6.18 -0.01
C GLY A 39 -5.13 -7.30 0.87
N THR A 40 -4.23 -8.18 1.31
CA THR A 40 -4.62 -9.31 2.16
C THR A 40 -4.28 -9.02 3.64
N LEU A 41 -3.30 -8.17 3.89
CA LEU A 41 -2.97 -7.77 5.24
C LEU A 41 -4.15 -7.18 6.04
N GLN A 42 -4.28 -7.61 7.29
CA GLN A 42 -5.37 -7.13 8.15
C GLN A 42 -5.05 -5.75 8.70
N VAL A 43 -5.36 -4.75 7.91
CA VAL A 43 -5.10 -3.37 8.28
C VAL A 43 -6.37 -2.78 8.89
N THR A 44 -6.94 -3.52 9.82
CA THR A 44 -8.17 -3.13 10.48
C THR A 44 -7.86 -1.89 11.31
N SER A 45 -8.88 -1.25 11.87
CA SER A 45 -8.69 0.02 12.59
C SER A 45 -7.57 -0.01 13.62
N GLN A 46 -7.31 -1.18 14.21
CA GLN A 46 -6.21 -1.32 15.16
C GLN A 46 -4.86 -0.88 14.53
N ILE A 47 -4.59 -1.34 13.32
CA ILE A 47 -3.36 -1.00 12.61
C ILE A 47 -3.54 0.30 11.86
N LEU A 48 -4.70 0.47 11.24
CA LEU A 48 -4.92 1.62 10.41
C LEU A 48 -4.78 2.93 11.14
N GLN A 49 -5.21 2.95 12.41
CA GLN A 49 -5.15 4.17 13.21
C GLN A 49 -3.71 4.61 13.46
N LYS A 50 -2.84 3.62 13.56
CA LYS A 50 -1.42 3.86 13.83
C LYS A 50 -0.60 3.89 12.54
N ASN A 51 -1.26 3.70 11.40
CA ASN A 51 -0.58 3.72 10.11
C ASN A 51 -1.34 4.59 9.08
N THR A 52 -1.82 5.74 9.53
CA THR A 52 -2.58 6.66 8.67
C THR A 52 -1.77 7.21 7.50
N ASP A 53 -0.45 7.32 7.65
CA ASP A 53 0.41 7.82 6.57
C ASP A 53 0.42 6.88 5.37
N VAL A 54 0.12 5.61 5.62
CA VAL A 54 0.06 4.63 4.55
C VAL A 54 -1.14 4.95 3.70
N VAL A 55 -2.24 5.25 4.38
CA VAL A 55 -3.49 5.60 3.72
C VAL A 55 -3.27 6.90 2.96
N ALA A 56 -2.47 7.78 3.53
CA ALA A 56 -2.13 9.03 2.88
C ALA A 56 -1.39 8.78 1.56
N THR A 57 -0.50 7.79 1.52
CA THR A 57 0.24 7.52 0.29
C THR A 57 -0.66 6.82 -0.71
N LEU A 58 -1.49 5.91 -0.24
CA LEU A 58 -2.42 5.20 -1.12
C LEU A 58 -3.32 6.18 -1.87
N LYS A 59 -3.70 7.26 -1.22
CA LYS A 59 -4.49 8.32 -1.89
C LYS A 59 -3.68 8.99 -3.02
N LYS A 60 -2.35 9.02 -2.89
CA LYS A 60 -1.50 9.62 -3.93
C LYS A 60 -1.41 8.73 -5.16
N ILE A 61 -1.19 7.44 -4.96
CA ILE A 61 -1.00 6.52 -6.09
C ILE A 61 -2.28 6.12 -6.81
N ARG A 62 -3.42 6.26 -6.15
CA ARG A 62 -4.72 5.97 -6.77
C ARG A 62 -5.01 6.86 -7.97
N ARG A 63 -4.26 7.95 -8.11
CA ARG A 63 -4.36 8.86 -9.26
C ARG A 63 -3.05 8.94 -10.03
N TYR A 64 -2.17 7.95 -9.85
CA TYR A 64 -0.84 7.96 -10.45
C TYR A 64 -0.88 7.90 -11.99
N LYS A 65 -0.60 9.04 -12.62
CA LYS A 65 -0.67 9.16 -14.08
C LYS A 65 0.41 8.40 -14.86
N ALA A 66 1.58 8.24 -14.26
CA ALA A 66 2.70 7.63 -14.98
C ALA A 66 2.49 6.14 -15.29
N ASN A 67 1.70 5.46 -14.46
CA ASN A 67 1.41 4.04 -14.69
C ASN A 67 0.01 3.71 -14.22
N LYS A 68 -0.86 3.37 -15.17
CA LYS A 68 -2.26 3.05 -14.87
C LYS A 68 -2.38 1.94 -13.85
N ASP A 69 -1.61 0.88 -14.03
CA ASP A 69 -1.70 -0.29 -13.16
C ASP A 69 -1.50 0.06 -11.68
N VAL A 70 -0.55 0.95 -11.41
CA VAL A 70 -0.32 1.40 -10.03
C VAL A 70 -1.60 1.99 -9.46
N MET A 71 -2.28 2.82 -10.24
CA MET A 71 -3.52 3.45 -9.81
C MET A 71 -4.59 2.41 -9.60
N GLU A 72 -4.71 1.44 -10.49
CA GLU A 72 -5.72 0.40 -10.33
C GLU A 72 -5.46 -0.45 -9.10
N LYS A 73 -4.24 -0.93 -8.91
CA LYS A 73 -3.97 -1.77 -7.75
C LYS A 73 -4.07 -0.98 -6.47
N ALA A 74 -3.57 0.26 -6.47
CA ALA A 74 -3.65 1.13 -5.30
C ALA A 74 -5.09 1.32 -4.92
N ALA A 75 -5.92 1.49 -5.92
CA ALA A 75 -7.35 1.68 -5.74
C ALA A 75 -8.05 0.47 -5.13
N GLU A 76 -7.78 -0.70 -5.67
CA GLU A 76 -8.40 -1.92 -5.16
C GLU A 76 -8.00 -2.10 -3.69
N VAL A 77 -6.74 -1.84 -3.39
CA VAL A 77 -6.21 -2.00 -2.04
C VAL A 77 -6.74 -0.95 -1.11
N TYR A 78 -6.67 0.31 -1.50
CA TYR A 78 -7.10 1.41 -0.66
C TYR A 78 -8.53 1.19 -0.21
N THR A 79 -9.39 0.81 -1.14
CA THR A 79 -10.81 0.56 -0.86
C THR A 79 -10.99 -0.66 0.05
N ARG A 80 -10.12 -1.65 -0.10
CA ARG A 80 -10.14 -2.81 0.78
C ARG A 80 -9.87 -2.37 2.22
N LEU A 81 -9.11 -1.29 2.41
CA LEU A 81 -8.73 -0.89 3.77
C LEU A 81 -9.93 -0.24 4.39
N LYS A 82 -10.68 0.46 3.55
CA LYS A 82 -11.91 1.13 3.98
C LYS A 82 -12.94 0.13 4.46
N SER A 83 -12.84 -1.06 3.93
CA SER A 83 -13.70 -2.18 4.30
C SER A 83 -13.22 -2.86 5.59
N ARG A 84 -12.03 -2.50 6.07
CA ARG A 84 -11.47 -3.07 7.31
C ARG A 84 -11.33 -2.05 8.45
N GLY A 85 -11.28 -0.77 8.11
CA GLY A 85 -11.12 0.28 9.08
C GLY A 85 -11.44 1.63 8.48
N SER A 86 -11.65 2.63 9.33
CA SER A 86 -12.03 3.99 8.89
C SER A 86 -11.01 4.62 7.93
N ALA A 1 4.76 -13.67 16.97
CA ALA A 1 4.52 -15.05 16.45
C ALA A 1 5.62 -15.41 15.47
N ALA A 2 5.63 -16.63 14.95
CA ALA A 2 6.63 -17.01 13.94
C ALA A 2 6.38 -16.19 12.67
N SER A 3 5.11 -15.96 12.38
CA SER A 3 4.73 -15.12 11.24
C SER A 3 4.76 -13.66 11.70
N PRO A 4 5.33 -12.75 10.89
CA PRO A 4 5.35 -11.35 11.32
C PRO A 4 3.96 -10.69 11.27
N SER A 5 3.78 -9.70 12.12
CA SER A 5 2.51 -8.97 12.24
C SER A 5 2.29 -8.04 11.05
N VAL A 6 1.06 -7.60 10.86
CA VAL A 6 0.72 -6.72 9.75
C VAL A 6 1.58 -5.47 9.72
N GLU A 7 1.72 -4.83 10.87
CA GLU A 7 2.51 -3.61 10.96
C GLU A 7 3.98 -3.84 10.65
N GLU A 8 4.50 -5.01 11.03
CA GLU A 8 5.90 -5.34 10.76
C GLU A 8 6.07 -5.46 9.26
N LYS A 9 5.09 -6.11 8.63
CA LYS A 9 5.14 -6.35 7.20
C LYS A 9 4.91 -5.07 6.42
N LEU A 10 4.09 -4.20 7.00
CA LEU A 10 3.75 -2.92 6.40
C LEU A 10 5.02 -2.14 6.16
N GLN A 11 5.98 -2.19 7.07
CA GLN A 11 7.21 -1.43 6.91
C GLN A 11 7.87 -1.74 5.55
N LYS A 12 7.82 -2.99 5.13
CA LYS A 12 8.36 -3.35 3.81
C LYS A 12 7.48 -2.79 2.71
N LEU A 13 6.20 -3.12 2.73
CA LEU A 13 5.28 -2.71 1.68
C LEU A 13 5.21 -1.21 1.47
N HIS A 14 5.10 -0.44 2.54
CA HIS A 14 5.03 1.01 2.40
C HIS A 14 6.30 1.51 1.76
N SER A 15 7.44 0.94 2.12
CA SER A 15 8.71 1.34 1.53
C SER A 15 8.73 1.02 0.04
N GLU A 16 8.23 -0.15 -0.34
CA GLU A 16 8.19 -0.54 -1.76
C GLU A 16 7.30 0.39 -2.55
N ILE A 17 6.14 0.75 -2.00
CA ILE A 17 5.26 1.68 -2.68
C ILE A 17 6.07 2.93 -2.97
N LYS A 18 6.80 3.42 -1.99
CA LYS A 18 7.57 4.65 -2.15
C LYS A 18 8.73 4.52 -3.13
N PHE A 19 9.43 3.39 -3.11
CA PHE A 19 10.53 3.16 -4.04
C PHE A 19 10.01 3.07 -5.46
N ALA A 20 8.80 2.55 -5.60
CA ALA A 20 8.15 2.43 -6.90
C ALA A 20 7.85 3.78 -7.53
N LEU A 21 7.83 4.83 -6.71
CA LEU A 21 7.54 6.18 -7.20
C LEU A 21 8.80 7.04 -7.27
N LYS A 22 9.97 6.42 -7.14
CA LYS A 22 11.23 7.16 -7.24
C LYS A 22 11.23 7.86 -8.58
N VAL A 23 11.52 9.16 -8.58
CA VAL A 23 11.61 9.93 -9.82
C VAL A 23 12.76 9.36 -10.66
N ASP A 24 13.81 9.02 -9.93
CA ASP A 24 15.04 8.46 -10.48
C ASP A 24 14.85 7.07 -11.11
N SER A 25 13.87 6.32 -10.61
CA SER A 25 13.64 4.96 -11.11
C SER A 25 12.24 4.43 -10.72
N PRO A 26 11.18 4.89 -11.40
CA PRO A 26 9.89 4.33 -10.98
C PRO A 26 9.75 2.86 -11.38
N ASP A 27 9.09 2.09 -10.52
CA ASP A 27 8.95 0.64 -10.70
C ASP A 27 7.53 0.19 -10.40
N VAL A 28 6.70 0.16 -11.41
CA VAL A 28 5.29 -0.21 -11.23
C VAL A 28 5.10 -1.56 -10.60
N LYS A 29 5.82 -2.57 -11.06
CA LYS A 29 5.66 -3.93 -10.54
C LYS A 29 5.96 -3.96 -9.06
N ARG A 30 6.84 -3.08 -8.62
CA ARG A 30 7.22 -3.05 -7.21
C ARG A 30 6.07 -2.52 -6.39
N CYS A 31 5.41 -1.49 -6.91
CA CYS A 31 4.24 -0.95 -6.24
C CYS A 31 3.16 -2.02 -6.24
N LEU A 32 2.91 -2.64 -7.39
CA LEU A 32 1.84 -3.64 -7.51
C LEU A 32 2.04 -4.80 -6.53
N ASN A 33 3.28 -5.26 -6.39
CA ASN A 33 3.59 -6.34 -5.45
C ASN A 33 3.34 -5.89 -4.00
N ALA A 34 3.69 -4.66 -3.70
CA ALA A 34 3.47 -4.15 -2.36
C ALA A 34 1.96 -4.05 -2.11
N LEU A 35 1.25 -3.46 -3.06
CA LEU A 35 -0.18 -3.32 -3.00
C LEU A 35 -0.90 -4.66 -2.88
N GLU A 36 -0.52 -5.67 -3.64
CA GLU A 36 -1.24 -6.93 -3.58
C GLU A 36 -1.10 -7.59 -2.21
N GLU A 37 0.03 -7.42 -1.53
CA GLU A 37 0.16 -7.94 -0.19
C GLU A 37 -0.74 -7.07 0.68
N LEU A 38 -0.59 -5.76 0.58
CA LEU A 38 -1.37 -4.82 1.40
C LEU A 38 -2.88 -5.10 1.35
N GLY A 39 -3.35 -5.62 0.23
CA GLY A 39 -4.75 -5.98 0.09
C GLY A 39 -5.22 -7.11 0.99
N THR A 40 -4.31 -8.01 1.35
CA THR A 40 -4.65 -9.17 2.17
C THR A 40 -4.26 -8.92 3.64
N LEU A 41 -3.26 -8.07 3.89
CA LEU A 41 -2.91 -7.70 5.23
C LEU A 41 -4.08 -7.12 6.01
N GLN A 42 -4.21 -7.54 7.27
CA GLN A 42 -5.31 -7.06 8.12
C GLN A 42 -4.99 -5.67 8.65
N VAL A 43 -5.21 -4.68 7.81
CA VAL A 43 -4.95 -3.30 8.17
C VAL A 43 -6.24 -2.70 8.71
N THR A 44 -6.82 -3.43 9.64
CA THR A 44 -8.05 -3.04 10.30
C THR A 44 -7.76 -1.80 11.13
N SER A 45 -8.77 -1.19 11.75
CA SER A 45 -8.60 0.09 12.45
C SER A 45 -7.42 0.09 13.41
N GLN A 46 -7.16 -1.03 14.07
CA GLN A 46 -6.03 -1.16 14.98
C GLN A 46 -4.70 -0.76 14.34
N ILE A 47 -4.46 -1.22 13.11
CA ILE A 47 -3.23 -0.91 12.39
C ILE A 47 -3.41 0.38 11.62
N LEU A 48 -4.57 0.56 11.03
CA LEU A 48 -4.83 1.72 10.20
C LEU A 48 -4.65 3.03 10.94
N GLN A 49 -5.09 3.07 12.19
CA GLN A 49 -5.01 4.30 12.98
C GLN A 49 -3.56 4.65 13.32
N LYS A 50 -2.72 3.63 13.47
CA LYS A 50 -1.29 3.87 13.74
C LYS A 50 -0.48 3.98 12.45
N ASN A 51 -1.14 3.80 11.31
CA ASN A 51 -0.48 3.90 10.00
C ASN A 51 -1.26 4.83 9.04
N THR A 52 -1.65 5.98 9.54
CA THR A 52 -2.41 6.94 8.73
C THR A 52 -1.60 7.47 7.55
N ASP A 53 -0.28 7.53 7.69
CA ASP A 53 0.61 7.99 6.60
C ASP A 53 0.57 7.03 5.41
N VAL A 54 0.31 5.76 5.68
CA VAL A 54 0.22 4.76 4.62
C VAL A 54 -1.02 5.07 3.82
N VAL A 55 -2.11 5.35 4.52
CA VAL A 55 -3.37 5.70 3.87
C VAL A 55 -3.17 6.97 3.07
N ALA A 56 -2.37 7.88 3.59
CA ALA A 56 -2.06 9.11 2.89
C ALA A 56 -1.32 8.82 1.58
N THR A 57 -0.41 7.86 1.56
CA THR A 57 0.31 7.54 0.34
C THR A 57 -0.58 6.81 -0.63
N LEU A 58 -1.42 5.91 -0.14
CA LEU A 58 -2.34 5.17 -1.00
C LEU A 58 -3.26 6.13 -1.77
N LYS A 59 -3.64 7.24 -1.15
CA LYS A 59 -4.44 8.25 -1.85
C LYS A 59 -3.66 8.90 -3.00
N LYS A 60 -2.34 8.98 -2.88
CA LYS A 60 -1.49 9.57 -3.93
C LYS A 60 -1.40 8.65 -5.14
N ILE A 61 -1.17 7.37 -4.89
CA ILE A 61 -0.97 6.41 -5.98
C ILE A 61 -2.25 5.96 -6.68
N ARG A 62 -3.39 6.09 -6.02
CA ARG A 62 -4.69 5.78 -6.63
C ARG A 62 -4.97 6.68 -7.83
N ARG A 63 -4.27 7.80 -7.91
CA ARG A 63 -4.40 8.75 -9.01
C ARG A 63 -3.08 8.91 -9.77
N TYR A 64 -2.18 7.94 -9.60
CA TYR A 64 -0.86 7.98 -10.23
C TYR A 64 -0.98 7.94 -11.75
N LYS A 65 -0.48 8.98 -12.41
CA LYS A 65 -0.63 9.10 -13.86
C LYS A 65 0.45 8.42 -14.69
N ALA A 66 1.63 8.23 -14.12
CA ALA A 66 2.74 7.63 -14.88
C ALA A 66 2.42 6.18 -15.25
N ASN A 67 1.84 5.45 -14.32
CA ASN A 67 1.51 4.05 -14.55
C ASN A 67 0.07 3.78 -14.14
N LYS A 68 -0.78 3.48 -15.11
CA LYS A 68 -2.20 3.19 -14.85
C LYS A 68 -2.34 2.05 -13.86
N ASP A 69 -1.55 1.00 -14.06
CA ASP A 69 -1.65 -0.20 -13.21
C ASP A 69 -1.49 0.10 -11.73
N VAL A 70 -0.56 0.98 -11.39
CA VAL A 70 -0.36 1.39 -9.99
C VAL A 70 -1.65 1.98 -9.45
N MET A 71 -2.31 2.81 -10.24
CA MET A 71 -3.57 3.44 -9.84
C MET A 71 -4.62 2.37 -9.64
N GLU A 72 -4.71 1.43 -10.56
CA GLU A 72 -5.72 0.37 -10.46
C GLU A 72 -5.50 -0.49 -9.22
N LYS A 73 -4.28 -0.96 -8.98
CA LYS A 73 -4.07 -1.85 -7.84
C LYS A 73 -4.18 -1.07 -6.53
N ALA A 74 -3.66 0.15 -6.51
CA ALA A 74 -3.74 0.98 -5.32
C ALA A 74 -5.19 1.21 -4.94
N ALA A 75 -6.00 1.42 -5.96
CA ALA A 75 -7.43 1.62 -5.78
C ALA A 75 -8.13 0.41 -5.19
N GLU A 76 -7.85 -0.76 -5.73
CA GLU A 76 -8.47 -1.99 -5.23
C GLU A 76 -8.09 -2.17 -3.77
N VAL A 77 -6.84 -1.87 -3.45
CA VAL A 77 -6.33 -2.01 -2.09
C VAL A 77 -6.92 -0.99 -1.17
N TYR A 78 -6.82 0.28 -1.53
CA TYR A 78 -7.25 1.38 -0.68
C TYR A 78 -8.70 1.19 -0.25
N THR A 79 -9.55 0.82 -1.20
CA THR A 79 -10.96 0.57 -0.96
C THR A 79 -11.16 -0.62 -0.02
N ARG A 80 -10.35 -1.65 -0.18
CA ARG A 80 -10.43 -2.79 0.72
C ARG A 80 -10.12 -2.39 2.15
N LEU A 81 -9.27 -1.39 2.34
CA LEU A 81 -8.90 -1.00 3.70
C LEU A 81 -10.04 -0.25 4.31
N LYS A 82 -10.78 0.46 3.46
CA LYS A 82 -11.97 1.17 3.88
C LYS A 82 -12.97 0.17 4.45
N SER A 83 -13.02 -1.01 3.85
CA SER A 83 -13.89 -2.09 4.32
C SER A 83 -13.30 -2.91 5.50
N ARG A 84 -12.00 -2.78 5.75
CA ARG A 84 -11.35 -3.51 6.86
C ARG A 84 -11.34 -2.72 8.15
N GLY A 85 -11.54 -1.42 8.03
CA GLY A 85 -11.52 -0.53 9.18
C GLY A 85 -12.82 0.21 9.28
N SER A 86 -12.87 1.18 10.20
CA SER A 86 -14.06 2.00 10.50
C SER A 86 -15.09 1.10 11.18
N ALA A 1 6.11 -21.80 12.94
CA ALA A 1 7.06 -20.73 13.33
C ALA A 1 6.30 -19.43 13.53
N ALA A 2 6.96 -18.41 14.07
CA ALA A 2 6.33 -17.10 14.25
C ALA A 2 6.25 -16.43 12.87
N SER A 3 5.45 -15.38 12.78
CA SER A 3 5.32 -14.61 11.55
C SER A 3 5.15 -13.16 11.99
N PRO A 4 5.74 -12.20 11.24
CA PRO A 4 5.59 -10.82 11.69
C PRO A 4 4.16 -10.29 11.57
N SER A 5 3.82 -9.32 12.42
CA SER A 5 2.50 -8.72 12.46
C SER A 5 2.22 -7.92 11.19
N VAL A 6 0.97 -7.56 10.97
CA VAL A 6 0.58 -6.77 9.80
C VAL A 6 1.38 -5.49 9.70
N GLU A 7 1.50 -4.78 10.81
CA GLU A 7 2.20 -3.50 10.82
C GLU A 7 3.69 -3.66 10.51
N GLU A 8 4.28 -4.77 10.95
CA GLU A 8 5.68 -5.04 10.66
C GLU A 8 5.83 -5.28 9.16
N LYS A 9 4.89 -6.02 8.61
CA LYS A 9 4.94 -6.34 7.17
C LYS A 9 4.67 -5.08 6.37
N LEU A 10 3.76 -4.28 6.88
CA LEU A 10 3.37 -3.03 6.28
C LEU A 10 4.58 -2.14 6.12
N GLN A 11 5.53 -2.16 7.05
CA GLN A 11 6.73 -1.33 6.89
C GLN A 11 7.45 -1.68 5.58
N LYS A 12 7.53 -2.97 5.25
CA LYS A 12 8.17 -3.36 3.99
C LYS A 12 7.33 -2.89 2.82
N LEU A 13 6.05 -3.23 2.81
CA LEU A 13 5.17 -2.88 1.71
C LEU A 13 5.11 -1.38 1.50
N HIS A 14 4.96 -0.63 2.57
CA HIS A 14 4.88 0.82 2.48
C HIS A 14 6.14 1.33 1.81
N SER A 15 7.29 0.82 2.21
CA SER A 15 8.57 1.27 1.64
C SER A 15 8.65 0.96 0.15
N GLU A 16 8.15 -0.19 -0.27
CA GLU A 16 8.17 -0.53 -1.69
C GLU A 16 7.31 0.44 -2.47
N ILE A 17 6.18 0.85 -1.91
CA ILE A 17 5.32 1.79 -2.59
C ILE A 17 6.16 3.05 -2.85
N LYS A 18 6.92 3.47 -1.85
CA LYS A 18 7.75 4.68 -1.98
C LYS A 18 8.82 4.52 -3.06
N PHE A 19 9.50 3.38 -3.06
CA PHE A 19 10.57 3.12 -4.03
C PHE A 19 10.02 3.04 -5.45
N ALA A 20 8.81 2.54 -5.58
CA ALA A 20 8.14 2.41 -6.87
C ALA A 20 7.81 3.77 -7.48
N LEU A 21 7.85 4.81 -6.67
CA LEU A 21 7.52 6.16 -7.12
C LEU A 21 8.73 7.07 -7.13
N LYS A 22 9.91 6.49 -7.00
CA LYS A 22 11.15 7.26 -7.06
C LYS A 22 11.11 8.03 -8.36
N VAL A 23 11.35 9.33 -8.29
CA VAL A 23 11.39 10.16 -9.50
C VAL A 23 12.52 9.63 -10.38
N ASP A 24 13.59 9.28 -9.71
CA ASP A 24 14.81 8.74 -10.30
C ASP A 24 14.62 7.32 -10.89
N SER A 25 13.64 6.58 -10.40
CA SER A 25 13.43 5.20 -10.84
C SER A 25 12.02 4.67 -10.56
N PRO A 26 10.99 5.15 -11.29
CA PRO A 26 9.68 4.57 -10.95
C PRO A 26 9.57 3.10 -11.41
N ASP A 27 8.97 2.27 -10.59
CA ASP A 27 8.84 0.84 -10.87
C ASP A 27 7.44 0.33 -10.53
N VAL A 28 6.56 0.27 -11.51
CA VAL A 28 5.18 -0.13 -11.30
C VAL A 28 5.01 -1.48 -10.64
N LYS A 29 5.69 -2.50 -11.13
CA LYS A 29 5.51 -3.87 -10.62
C LYS A 29 5.82 -3.92 -9.16
N ARG A 30 6.75 -3.07 -8.79
CA ARG A 30 7.21 -3.02 -7.39
C ARG A 30 6.08 -2.47 -6.52
N CYS A 31 5.40 -1.46 -7.01
CA CYS A 31 4.25 -0.92 -6.30
C CYS A 31 3.16 -1.99 -6.25
N LEU A 32 2.86 -2.62 -7.40
CA LEU A 32 1.77 -3.61 -7.48
C LEU A 32 1.96 -4.75 -6.50
N ASN A 33 3.18 -5.24 -6.39
CA ASN A 33 3.48 -6.34 -5.46
C ASN A 33 3.28 -5.93 -4.01
N ALA A 34 3.66 -4.70 -3.68
CA ALA A 34 3.49 -4.21 -2.33
C ALA A 34 2.02 -4.03 -2.03
N LEU A 35 1.33 -3.42 -2.99
CA LEU A 35 -0.08 -3.21 -2.91
C LEU A 35 -0.81 -4.52 -2.69
N GLU A 36 -0.53 -5.55 -3.48
CA GLU A 36 -1.27 -6.80 -3.37
C GLU A 36 -1.12 -7.49 -2.02
N GLU A 37 0.04 -7.42 -1.37
CA GLU A 37 0.19 -8.00 -0.04
C GLU A 37 -0.66 -7.19 0.92
N LEU A 38 -0.52 -5.88 0.83
CA LEU A 38 -1.26 -4.96 1.69
C LEU A 38 -2.77 -5.17 1.53
N GLY A 39 -3.18 -5.57 0.33
CA GLY A 39 -4.58 -5.83 0.03
C GLY A 39 -5.14 -7.04 0.74
N THR A 40 -4.30 -7.92 1.29
CA THR A 40 -4.77 -9.10 2.00
C THR A 40 -4.40 -9.04 3.49
N LEU A 41 -3.51 -8.12 3.85
CA LEU A 41 -3.12 -7.97 5.25
C LEU A 41 -4.30 -7.45 6.09
N GLN A 42 -4.36 -7.85 7.37
CA GLN A 42 -5.43 -7.38 8.26
C GLN A 42 -5.12 -5.96 8.73
N VAL A 43 -5.49 -5.00 7.91
CA VAL A 43 -5.22 -3.60 8.20
C VAL A 43 -6.47 -2.96 8.81
N THR A 44 -6.99 -3.64 9.81
CA THR A 44 -8.19 -3.20 10.49
C THR A 44 -7.82 -1.93 11.25
N SER A 45 -8.79 -1.25 11.83
CA SER A 45 -8.56 0.05 12.48
C SER A 45 -7.39 0.05 13.45
N GLN A 46 -7.16 -1.08 14.11
CA GLN A 46 -6.04 -1.20 15.04
C GLN A 46 -4.72 -0.84 14.37
N ILE A 47 -4.50 -1.33 13.15
CA ILE A 47 -3.29 -1.06 12.40
C ILE A 47 -3.44 0.21 11.59
N LEU A 48 -4.59 0.36 10.96
CA LEU A 48 -4.83 1.49 10.08
C LEU A 48 -4.69 2.83 10.75
N GLN A 49 -5.17 2.93 11.97
CA GLN A 49 -5.16 4.21 12.68
C GLN A 49 -3.73 4.60 13.10
N LYS A 50 -2.88 3.60 13.32
CA LYS A 50 -1.48 3.86 13.66
C LYS A 50 -0.61 3.95 12.40
N ASN A 51 -1.20 3.66 11.23
CA ASN A 51 -0.47 3.70 9.95
C ASN A 51 -1.18 4.57 8.91
N THR A 52 -1.67 5.71 9.34
CA THR A 52 -2.39 6.63 8.46
C THR A 52 -1.52 7.20 7.34
N ASP A 53 -0.21 7.24 7.53
CA ASP A 53 0.72 7.73 6.48
C ASP A 53 0.71 6.86 5.25
N VAL A 54 0.48 5.57 5.46
CA VAL A 54 0.43 4.63 4.36
C VAL A 54 -0.83 4.93 3.59
N VAL A 55 -1.92 5.17 4.30
CA VAL A 55 -3.20 5.50 3.68
C VAL A 55 -3.03 6.82 2.93
N ALA A 56 -2.26 7.73 3.50
CA ALA A 56 -1.99 9.01 2.86
C ALA A 56 -1.24 8.81 1.54
N THR A 57 -0.38 7.80 1.46
CA THR A 57 0.37 7.55 0.25
C THR A 57 -0.52 6.84 -0.76
N LEU A 58 -1.33 5.91 -0.29
CA LEU A 58 -2.26 5.19 -1.16
C LEU A 58 -3.20 6.15 -1.90
N LYS A 59 -3.58 7.24 -1.25
CA LYS A 59 -4.40 8.27 -1.91
C LYS A 59 -3.63 8.92 -3.08
N LYS A 60 -2.32 8.98 -2.98
CA LYS A 60 -1.49 9.58 -4.05
C LYS A 60 -1.39 8.69 -5.26
N ILE A 61 -1.19 7.39 -5.05
CA ILE A 61 -1.02 6.45 -6.16
C ILE A 61 -2.31 6.04 -6.84
N ARG A 62 -3.43 6.16 -6.15
CA ARG A 62 -4.75 5.86 -6.74
C ARG A 62 -5.05 6.75 -7.95
N ARG A 63 -4.33 7.85 -8.06
CA ARG A 63 -4.47 8.78 -9.19
C ARG A 63 -3.16 8.90 -9.99
N TYR A 64 -2.29 7.93 -9.84
CA TYR A 64 -0.98 7.94 -10.49
C TYR A 64 -1.10 7.85 -12.02
N LYS A 65 -0.69 8.91 -12.70
CA LYS A 65 -0.84 8.97 -14.17
C LYS A 65 0.25 8.27 -14.97
N ALA A 66 1.44 8.09 -14.40
CA ALA A 66 2.53 7.47 -15.14
C ALA A 66 2.21 6.02 -15.50
N ASN A 67 1.61 5.31 -14.56
CA ASN A 67 1.28 3.90 -14.76
C ASN A 67 -0.15 3.65 -14.31
N LYS A 68 -1.02 3.32 -15.25
CA LYS A 68 -2.42 3.02 -14.96
C LYS A 68 -2.53 1.90 -13.94
N ASP A 69 -1.74 0.85 -14.13
CA ASP A 69 -1.79 -0.32 -13.25
C ASP A 69 -1.59 0.04 -11.79
N VAL A 70 -0.64 0.92 -11.49
CA VAL A 70 -0.42 1.37 -10.12
C VAL A 70 -1.69 1.98 -9.56
N MET A 71 -2.36 2.81 -10.35
CA MET A 71 -3.60 3.45 -9.92
C MET A 71 -4.66 2.40 -9.65
N GLU A 72 -4.79 1.42 -10.54
CA GLU A 72 -5.80 0.38 -10.35
C GLU A 72 -5.51 -0.48 -9.12
N LYS A 73 -4.27 -0.94 -8.96
CA LYS A 73 -3.98 -1.79 -7.80
C LYS A 73 -4.04 -0.99 -6.51
N ALA A 74 -3.54 0.24 -6.52
CA ALA A 74 -3.58 1.10 -5.34
C ALA A 74 -5.02 1.29 -4.93
N ALA A 75 -5.86 1.45 -5.93
CA ALA A 75 -7.29 1.63 -5.72
C ALA A 75 -7.97 0.42 -5.10
N GLU A 76 -7.70 -0.75 -5.64
CA GLU A 76 -8.29 -1.98 -5.12
C GLU A 76 -7.88 -2.13 -3.65
N VAL A 77 -6.61 -1.87 -3.37
CA VAL A 77 -6.07 -2.01 -2.03
C VAL A 77 -6.63 -0.96 -1.11
N TYR A 78 -6.58 0.30 -1.51
CA TYR A 78 -7.04 1.40 -0.70
C TYR A 78 -8.48 1.17 -0.26
N THR A 79 -9.33 0.73 -1.19
CA THR A 79 -10.73 0.46 -0.91
C THR A 79 -10.88 -0.74 0.03
N ARG A 80 -10.01 -1.73 -0.11
CA ARG A 80 -10.03 -2.88 0.80
C ARG A 80 -9.80 -2.41 2.22
N LEU A 81 -9.04 -1.35 2.40
CA LEU A 81 -8.71 -0.88 3.74
C LEU A 81 -9.92 -0.20 4.32
N LYS A 82 -10.64 0.51 3.45
CA LYS A 82 -11.85 1.22 3.86
C LYS A 82 -12.84 0.26 4.50
N SER A 83 -12.92 -0.95 3.96
CA SER A 83 -13.80 -1.98 4.48
C SER A 83 -13.31 -2.64 5.78
N ARG A 84 -12.09 -2.32 6.20
CA ARG A 84 -11.49 -2.94 7.40
C ARG A 84 -11.24 -1.96 8.54
N GLY A 85 -10.97 -0.69 8.22
CA GLY A 85 -10.70 0.30 9.25
C GLY A 85 -10.83 1.73 8.77
N SER A 86 -11.79 1.97 7.87
CA SER A 86 -12.02 3.28 7.26
C SER A 86 -10.79 3.80 6.54
N ALA A 1 11.36 -18.22 13.87
CA ALA A 1 10.78 -17.06 14.61
C ALA A 1 9.28 -17.04 14.43
N ALA A 2 8.59 -16.17 15.16
CA ALA A 2 7.15 -16.04 15.01
C ALA A 2 6.88 -15.31 13.69
N SER A 3 5.66 -15.40 13.19
CA SER A 3 5.30 -14.70 11.96
C SER A 3 5.18 -13.20 12.27
N PRO A 4 5.67 -12.33 11.37
CA PRO A 4 5.56 -10.90 11.68
C PRO A 4 4.14 -10.36 11.59
N SER A 5 3.85 -9.37 12.41
CA SER A 5 2.54 -8.72 12.46
C SER A 5 2.26 -7.92 11.19
N VAL A 6 1.00 -7.56 10.97
CA VAL A 6 0.63 -6.78 9.78
C VAL A 6 1.44 -5.53 9.66
N GLU A 7 1.56 -4.79 10.74
CA GLU A 7 2.29 -3.53 10.74
C GLU A 7 3.77 -3.73 10.40
N GLU A 8 4.34 -4.85 10.81
CA GLU A 8 5.75 -5.12 10.53
C GLU A 8 5.90 -5.31 9.05
N LYS A 9 4.93 -6.00 8.47
CA LYS A 9 4.97 -6.30 7.05
C LYS A 9 4.63 -5.06 6.25
N LEU A 10 3.73 -4.28 6.80
CA LEU A 10 3.30 -3.03 6.21
C LEU A 10 4.50 -2.12 6.03
N GLN A 11 5.45 -2.12 6.96
CA GLN A 11 6.63 -1.27 6.80
C GLN A 11 7.37 -1.64 5.52
N LYS A 12 7.48 -2.92 5.22
CA LYS A 12 8.14 -3.35 3.98
C LYS A 12 7.34 -2.86 2.79
N LEU A 13 6.04 -3.18 2.76
CA LEU A 13 5.20 -2.80 1.64
C LEU A 13 5.14 -1.31 1.44
N HIS A 14 4.98 -0.57 2.52
CA HIS A 14 4.88 0.87 2.45
C HIS A 14 6.14 1.38 1.78
N SER A 15 7.29 0.86 2.18
CA SER A 15 8.57 1.29 1.61
C SER A 15 8.66 0.99 0.12
N GLU A 16 8.15 -0.17 -0.31
CA GLU A 16 8.17 -0.51 -1.73
C GLU A 16 7.31 0.45 -2.51
N ILE A 17 6.18 0.86 -1.94
CA ILE A 17 5.32 1.80 -2.63
C ILE A 17 6.14 3.04 -2.89
N LYS A 18 6.91 3.48 -1.90
CA LYS A 18 7.74 4.69 -2.03
C LYS A 18 8.81 4.52 -3.11
N PHE A 19 9.50 3.38 -3.08
CA PHE A 19 10.59 3.12 -4.03
C PHE A 19 10.06 3.03 -5.44
N ALA A 20 8.84 2.53 -5.59
CA ALA A 20 8.20 2.38 -6.89
C ALA A 20 7.88 3.73 -7.53
N LEU A 21 7.86 4.78 -6.74
CA LEU A 21 7.51 6.11 -7.23
C LEU A 21 8.66 7.08 -7.25
N LYS A 22 9.89 6.59 -7.07
CA LYS A 22 11.02 7.50 -7.08
C LYS A 22 11.14 8.05 -8.49
N VAL A 23 11.31 9.36 -8.58
CA VAL A 23 11.38 10.06 -9.86
C VAL A 23 12.50 9.49 -10.73
N ASP A 24 13.59 9.18 -10.07
CA ASP A 24 14.80 8.68 -10.69
C ASP A 24 14.61 7.32 -11.39
N SER A 25 13.70 6.50 -10.88
CA SER A 25 13.43 5.17 -11.45
C SER A 25 12.11 4.58 -10.96
N PRO A 26 10.97 5.02 -11.51
CA PRO A 26 9.74 4.39 -11.03
C PRO A 26 9.61 2.93 -11.48
N ASP A 27 8.99 2.10 -10.65
CA ASP A 27 8.81 0.67 -10.95
C ASP A 27 7.40 0.23 -10.57
N VAL A 28 6.53 0.16 -11.57
CA VAL A 28 5.14 -0.22 -11.33
C VAL A 28 4.98 -1.56 -10.66
N LYS A 29 5.68 -2.57 -11.14
CA LYS A 29 5.54 -3.93 -10.59
C LYS A 29 5.85 -3.94 -9.13
N ARG A 30 6.76 -3.06 -8.77
CA ARG A 30 7.23 -3.00 -7.37
C ARG A 30 6.10 -2.46 -6.50
N CYS A 31 5.40 -1.46 -7.01
CA CYS A 31 4.26 -0.93 -6.31
C CYS A 31 3.17 -2.01 -6.25
N LEU A 32 2.85 -2.61 -7.39
CA LEU A 32 1.76 -3.60 -7.47
C LEU A 32 1.95 -4.76 -6.50
N ASN A 33 3.17 -5.25 -6.41
CA ASN A 33 3.49 -6.36 -5.51
C ASN A 33 3.30 -5.99 -4.04
N ALA A 34 3.66 -4.77 -3.69
CA ALA A 34 3.48 -4.31 -2.32
C ALA A 34 2.01 -4.09 -2.05
N LEU A 35 1.32 -3.45 -2.99
CA LEU A 35 -0.08 -3.22 -2.90
C LEU A 35 -0.82 -4.53 -2.69
N GLU A 36 -0.53 -5.56 -3.46
CA GLU A 36 -1.29 -6.82 -3.34
C GLU A 36 -1.15 -7.49 -1.96
N GLU A 37 0.02 -7.43 -1.33
CA GLU A 37 0.17 -7.98 0.01
C GLU A 37 -0.66 -7.15 0.97
N LEU A 38 -0.48 -5.84 0.86
CA LEU A 38 -1.19 -4.87 1.71
C LEU A 38 -2.71 -5.09 1.58
N GLY A 39 -3.15 -5.48 0.40
CA GLY A 39 -4.56 -5.73 0.14
C GLY A 39 -5.14 -6.93 0.86
N THR A 40 -4.30 -7.83 1.36
CA THR A 40 -4.78 -9.02 2.06
C THR A 40 -4.42 -8.94 3.55
N LEU A 41 -3.55 -8.00 3.91
CA LEU A 41 -3.15 -7.83 5.31
C LEU A 41 -4.32 -7.34 6.15
N GLN A 42 -4.37 -7.73 7.43
CA GLN A 42 -5.44 -7.25 8.32
C GLN A 42 -5.12 -5.84 8.77
N VAL A 43 -5.48 -4.89 7.96
CA VAL A 43 -5.20 -3.50 8.24
C VAL A 43 -6.46 -2.85 8.80
N THR A 44 -7.03 -3.53 9.77
CA THR A 44 -8.26 -3.07 10.42
C THR A 44 -7.89 -1.80 11.19
N SER A 45 -8.88 -1.10 11.75
CA SER A 45 -8.65 0.19 12.40
C SER A 45 -7.49 0.17 13.39
N GLN A 46 -7.27 -0.96 14.03
CA GLN A 46 -6.17 -1.12 14.98
C GLN A 46 -4.83 -0.75 14.34
N ILE A 47 -4.59 -1.24 13.13
CA ILE A 47 -3.34 -0.95 12.40
C ILE A 47 -3.49 0.32 11.60
N LEU A 48 -4.64 0.47 10.96
CA LEU A 48 -4.86 1.59 10.08
C LEU A 48 -4.73 2.94 10.76
N GLN A 49 -5.23 3.03 11.98
CA GLN A 49 -5.21 4.31 12.70
C GLN A 49 -3.78 4.69 13.12
N LYS A 50 -2.94 3.69 13.33
CA LYS A 50 -1.54 3.95 13.68
C LYS A 50 -0.66 4.02 12.42
N ASN A 51 -1.24 3.76 11.26
CA ASN A 51 -0.51 3.80 9.99
C ASN A 51 -1.20 4.67 8.94
N THR A 52 -1.68 5.83 9.37
CA THR A 52 -2.40 6.75 8.49
C THR A 52 -1.52 7.29 7.35
N ASP A 53 -0.21 7.32 7.53
CA ASP A 53 0.71 7.78 6.47
C ASP A 53 0.69 6.86 5.26
N VAL A 54 0.44 5.59 5.48
CA VAL A 54 0.37 4.65 4.38
C VAL A 54 -0.90 4.94 3.62
N VAL A 55 -1.97 5.20 4.35
CA VAL A 55 -3.26 5.54 3.75
C VAL A 55 -3.10 6.83 2.97
N ALA A 56 -2.31 7.75 3.50
CA ALA A 56 -2.04 9.01 2.84
C ALA A 56 -1.28 8.77 1.54
N THR A 57 -0.42 7.77 1.48
CA THR A 57 0.33 7.50 0.28
C THR A 57 -0.56 6.79 -0.73
N LEU A 58 -1.39 5.88 -0.26
CA LEU A 58 -2.31 5.16 -1.13
C LEU A 58 -3.23 6.12 -1.88
N LYS A 59 -3.62 7.20 -1.21
CA LYS A 59 -4.42 8.24 -1.85
C LYS A 59 -3.64 8.93 -2.99
N LYS A 60 -2.31 8.99 -2.88
CA LYS A 60 -1.47 9.60 -3.92
C LYS A 60 -1.39 8.71 -5.16
N ILE A 61 -1.18 7.41 -4.96
CA ILE A 61 -1.00 6.50 -6.10
C ILE A 61 -2.29 6.10 -6.80
N ARG A 62 -3.41 6.22 -6.12
CA ARG A 62 -4.71 5.93 -6.73
C ARG A 62 -5.00 6.85 -7.92
N ARG A 63 -4.29 7.96 -7.99
CA ARG A 63 -4.39 8.91 -9.11
C ARG A 63 -3.07 9.06 -9.88
N TYR A 64 -2.18 8.09 -9.72
CA TYR A 64 -0.84 8.12 -10.33
C TYR A 64 -0.91 8.18 -11.87
N LYS A 65 -0.39 9.25 -12.44
CA LYS A 65 -0.46 9.47 -13.89
C LYS A 65 0.48 8.59 -14.72
N ALA A 66 1.65 8.28 -14.17
CA ALA A 66 2.67 7.58 -14.94
C ALA A 66 2.27 6.15 -15.32
N ASN A 67 1.68 5.42 -14.39
CA ASN A 67 1.30 4.04 -14.62
C ASN A 67 -0.13 3.78 -14.21
N LYS A 68 -0.97 3.42 -15.17
CA LYS A 68 -2.38 3.11 -14.89
C LYS A 68 -2.49 1.99 -13.88
N ASP A 69 -1.72 0.92 -14.08
CA ASP A 69 -1.79 -0.26 -13.21
C ASP A 69 -1.58 0.09 -11.74
N VAL A 70 -0.61 0.95 -11.46
CA VAL A 70 -0.36 1.39 -10.08
C VAL A 70 -1.64 1.99 -9.50
N MET A 71 -2.31 2.83 -10.27
CA MET A 71 -3.55 3.47 -9.82
C MET A 71 -4.62 2.42 -9.61
N GLU A 72 -4.75 1.46 -10.52
CA GLU A 72 -5.77 0.43 -10.35
C GLU A 72 -5.50 -0.44 -9.14
N LYS A 73 -4.28 -0.92 -8.95
CA LYS A 73 -4.01 -1.77 -7.80
C LYS A 73 -4.07 -0.98 -6.50
N ALA A 74 -3.56 0.24 -6.51
CA ALA A 74 -3.61 1.09 -5.32
C ALA A 74 -5.06 1.29 -4.92
N ALA A 75 -5.89 1.46 -5.92
CA ALA A 75 -7.32 1.64 -5.73
C ALA A 75 -8.00 0.42 -5.13
N GLU A 76 -7.75 -0.75 -5.71
CA GLU A 76 -8.35 -1.98 -5.21
C GLU A 76 -7.94 -2.18 -3.75
N VAL A 77 -6.67 -1.92 -3.46
CA VAL A 77 -6.11 -2.11 -2.14
C VAL A 77 -6.62 -1.08 -1.17
N TYR A 78 -6.56 0.18 -1.55
CA TYR A 78 -7.01 1.26 -0.68
C TYR A 78 -8.44 1.03 -0.23
N THR A 79 -9.30 0.66 -1.17
CA THR A 79 -10.71 0.40 -0.89
C THR A 79 -10.87 -0.84 0.00
N ARG A 80 -10.00 -1.83 -0.19
CA ARG A 80 -10.00 -3.01 0.66
C ARG A 80 -9.72 -2.60 2.11
N LEU A 81 -8.98 -1.52 2.33
CA LEU A 81 -8.61 -1.14 3.68
C LEU A 81 -9.82 -0.50 4.31
N LYS A 82 -10.56 0.21 3.50
CA LYS A 82 -11.79 0.88 3.94
C LYS A 82 -12.82 -0.12 4.40
N SER A 83 -12.75 -1.30 3.83
CA SER A 83 -13.62 -2.39 4.17
C SER A 83 -13.19 -3.09 5.47
N ARG A 84 -12.02 -2.73 5.99
CA ARG A 84 -11.49 -3.31 7.25
C ARG A 84 -11.36 -2.29 8.38
N GLY A 85 -11.18 -1.02 8.03
CA GLY A 85 -11.01 0.02 9.03
C GLY A 85 -11.20 1.41 8.46
N SER A 86 -11.42 2.37 9.34
CA SER A 86 -11.67 3.76 8.95
C SER A 86 -10.47 4.41 8.28
N ALA A 1 4.20 -13.60 16.13
CA ALA A 1 4.91 -14.88 16.44
C ALA A 1 4.71 -15.87 15.31
N ALA A 2 5.74 -16.67 15.01
CA ALA A 2 5.78 -17.64 13.89
C ALA A 2 5.79 -16.96 12.50
N SER A 3 5.05 -15.89 12.36
CA SER A 3 5.05 -15.06 11.17
C SER A 3 4.96 -13.62 11.67
N PRO A 4 5.46 -12.64 10.88
CA PRO A 4 5.36 -11.25 11.34
C PRO A 4 3.94 -10.68 11.29
N SER A 5 3.69 -9.71 12.15
CA SER A 5 2.39 -9.04 12.25
C SER A 5 2.17 -8.12 11.05
N VAL A 6 0.95 -7.62 10.89
CA VAL A 6 0.61 -6.72 9.79
C VAL A 6 1.48 -5.49 9.76
N GLU A 7 1.66 -4.86 10.90
CA GLU A 7 2.46 -3.64 10.97
C GLU A 7 3.94 -3.90 10.66
N GLU A 8 4.44 -5.06 11.04
CA GLU A 8 5.83 -5.43 10.72
C GLU A 8 5.95 -5.55 9.21
N LYS A 9 4.95 -6.18 8.60
CA LYS A 9 4.94 -6.38 7.15
C LYS A 9 4.74 -5.06 6.44
N LEU A 10 3.94 -4.21 7.06
CA LEU A 10 3.62 -2.91 6.50
C LEU A 10 4.89 -2.14 6.26
N GLN A 11 5.85 -2.21 7.16
CA GLN A 11 7.09 -1.47 6.98
C GLN A 11 7.74 -1.82 5.64
N LYS A 12 7.70 -3.09 5.26
CA LYS A 12 8.23 -3.52 3.96
C LYS A 12 7.37 -2.97 2.83
N LEU A 13 6.07 -3.29 2.82
CA LEU A 13 5.19 -2.88 1.75
C LEU A 13 5.13 -1.39 1.53
N HIS A 14 4.99 -0.63 2.61
CA HIS A 14 4.91 0.81 2.49
C HIS A 14 6.18 1.32 1.84
N SER A 15 7.33 0.78 2.24
CA SER A 15 8.60 1.23 1.66
C SER A 15 8.66 0.95 0.17
N GLU A 16 8.15 -0.20 -0.26
CA GLU A 16 8.14 -0.53 -1.68
C GLU A 16 7.27 0.44 -2.45
N ILE A 17 6.15 0.86 -1.88
CA ILE A 17 5.28 1.80 -2.56
C ILE A 17 6.10 3.06 -2.81
N LYS A 18 6.87 3.48 -1.82
CA LYS A 18 7.69 4.69 -1.95
C LYS A 18 8.76 4.54 -3.01
N PHE A 19 9.44 3.40 -2.99
CA PHE A 19 10.53 3.13 -3.94
C PHE A 19 10.02 3.01 -5.36
N ALA A 20 8.78 2.55 -5.50
CA ALA A 20 8.15 2.42 -6.80
C ALA A 20 7.86 3.77 -7.46
N LEU A 21 7.88 4.83 -6.66
CA LEU A 21 7.58 6.17 -7.16
C LEU A 21 8.83 7.04 -7.23
N LYS A 22 9.98 6.41 -7.08
CA LYS A 22 11.26 7.11 -7.16
C LYS A 22 11.35 7.85 -8.46
N VAL A 23 11.82 9.08 -8.36
CA VAL A 23 12.00 9.92 -9.52
C VAL A 23 13.19 9.46 -10.32
N ASP A 24 14.05 8.74 -9.62
CA ASP A 24 15.27 8.22 -10.17
C ASP A 24 15.00 6.97 -11.01
N SER A 25 13.97 6.22 -10.61
CA SER A 25 13.64 4.95 -11.25
C SER A 25 12.26 4.46 -10.79
N PRO A 26 11.16 4.93 -11.39
CA PRO A 26 9.89 4.39 -10.93
C PRO A 26 9.70 2.93 -11.36
N ASP A 27 9.04 2.14 -10.54
CA ASP A 27 8.81 0.72 -10.82
C ASP A 27 7.38 0.32 -10.47
N VAL A 28 6.54 0.24 -11.48
CA VAL A 28 5.15 -0.15 -11.29
C VAL A 28 4.99 -1.51 -10.66
N LYS A 29 5.76 -2.48 -11.13
CA LYS A 29 5.65 -3.85 -10.61
C LYS A 29 5.96 -3.86 -9.14
N ARG A 30 6.83 -2.97 -8.73
CA ARG A 30 7.23 -2.94 -7.32
C ARG A 30 6.09 -2.43 -6.48
N CYS A 31 5.42 -1.40 -6.96
CA CYS A 31 4.24 -0.88 -6.27
C CYS A 31 3.18 -1.97 -6.26
N LEU A 32 2.91 -2.57 -7.41
CA LEU A 32 1.86 -3.58 -7.54
C LEU A 32 2.06 -4.74 -6.58
N ASN A 33 3.28 -5.23 -6.46
CA ASN A 33 3.57 -6.35 -5.58
C ASN A 33 3.33 -5.97 -4.11
N ALA A 34 3.71 -4.75 -3.76
CA ALA A 34 3.50 -4.28 -2.39
C ALA A 34 2.02 -4.15 -2.12
N LEU A 35 1.32 -3.52 -3.05
CA LEU A 35 -0.10 -3.34 -2.97
C LEU A 35 -0.81 -4.69 -2.84
N GLU A 36 -0.41 -5.71 -3.58
CA GLU A 36 -1.11 -7.00 -3.50
C GLU A 36 -1.03 -7.62 -2.10
N GLU A 37 0.10 -7.51 -1.41
CA GLU A 37 0.19 -8.06 -0.06
C GLU A 37 -0.66 -7.18 0.86
N LEU A 38 -0.53 -5.88 0.70
CA LEU A 38 -1.31 -4.92 1.50
C LEU A 38 -2.82 -5.18 1.37
N GLY A 39 -3.22 -5.63 0.19
CA GLY A 39 -4.62 -5.92 -0.08
C GLY A 39 -5.20 -7.07 0.70
N THR A 40 -4.35 -7.91 1.30
CA THR A 40 -4.82 -9.06 2.07
C THR A 40 -4.46 -8.91 3.56
N LEU A 41 -3.55 -7.99 3.88
CA LEU A 41 -3.14 -7.76 5.26
C LEU A 41 -4.31 -7.21 6.09
N GLN A 42 -4.38 -7.59 7.36
CA GLN A 42 -5.44 -7.09 8.24
C GLN A 42 -5.08 -5.69 8.72
N VAL A 43 -5.41 -4.72 7.91
CA VAL A 43 -5.10 -3.33 8.23
C VAL A 43 -6.35 -2.70 8.85
N THR A 44 -6.90 -3.41 9.80
CA THR A 44 -8.11 -2.99 10.49
C THR A 44 -7.75 -1.76 11.31
N SER A 45 -8.73 -1.11 11.92
CA SER A 45 -8.52 0.16 12.61
C SER A 45 -7.34 0.14 13.59
N GLN A 46 -7.07 -1.01 14.19
CA GLN A 46 -5.92 -1.15 15.09
C GLN A 46 -4.61 -0.75 14.42
N ILE A 47 -4.41 -1.19 13.18
CA ILE A 47 -3.20 -0.91 12.42
C ILE A 47 -3.39 0.40 11.66
N LEU A 48 -4.56 0.57 11.09
CA LEU A 48 -4.84 1.71 10.25
C LEU A 48 -4.64 3.04 10.96
N GLN A 49 -5.05 3.10 12.21
CA GLN A 49 -4.96 4.34 12.98
C GLN A 49 -3.51 4.68 13.29
N LYS A 50 -2.67 3.67 13.46
CA LYS A 50 -1.24 3.91 13.73
C LYS A 50 -0.44 4.01 12.43
N ASN A 51 -1.09 3.78 11.31
CA ASN A 51 -0.43 3.83 10.00
C ASN A 51 -1.19 4.72 9.00
N THR A 52 -1.63 5.88 9.44
CA THR A 52 -2.37 6.80 8.57
C THR A 52 -1.54 7.35 7.41
N ASP A 53 -0.22 7.41 7.56
CA ASP A 53 0.67 7.86 6.49
C ASP A 53 0.62 6.94 5.28
N VAL A 54 0.31 5.68 5.54
CA VAL A 54 0.22 4.68 4.49
C VAL A 54 -1.02 5.00 3.67
N VAL A 55 -2.11 5.28 4.36
CA VAL A 55 -3.36 5.63 3.71
C VAL A 55 -3.16 6.94 2.94
N ALA A 56 -2.37 7.84 3.51
CA ALA A 56 -2.05 9.09 2.85
C ALA A 56 -1.29 8.85 1.54
N THR A 57 -0.42 7.85 1.50
CA THR A 57 0.31 7.56 0.28
C THR A 57 -0.58 6.86 -0.74
N LEU A 58 -1.41 5.93 -0.27
CA LEU A 58 -2.33 5.22 -1.15
C LEU A 58 -3.26 6.19 -1.88
N LYS A 59 -3.64 7.27 -1.23
CA LYS A 59 -4.45 8.30 -1.88
C LYS A 59 -3.68 8.97 -3.03
N LYS A 60 -2.37 9.03 -2.94
CA LYS A 60 -1.53 9.63 -4.00
C LYS A 60 -1.46 8.72 -5.22
N ILE A 61 -1.23 7.44 -5.01
CA ILE A 61 -1.05 6.51 -6.13
C ILE A 61 -2.36 6.09 -6.81
N ARG A 62 -3.48 6.21 -6.14
CA ARG A 62 -4.79 5.93 -6.73
C ARG A 62 -5.11 6.86 -7.90
N ARG A 63 -4.37 7.95 -8.02
CA ARG A 63 -4.52 8.89 -9.15
C ARG A 63 -3.22 8.98 -9.96
N TYR A 64 -2.33 8.01 -9.80
CA TYR A 64 -1.02 8.01 -10.47
C TYR A 64 -1.19 7.95 -11.99
N LYS A 65 -0.58 8.90 -12.68
CA LYS A 65 -0.72 9.00 -14.14
C LYS A 65 0.33 8.27 -14.96
N ALA A 66 1.51 8.05 -14.39
CA ALA A 66 2.60 7.41 -15.13
C ALA A 66 2.23 5.97 -15.49
N ASN A 67 1.60 5.28 -14.56
CA ASN A 67 1.21 3.89 -14.76
C ASN A 67 -0.23 3.67 -14.33
N LYS A 68 -1.07 3.24 -15.26
CA LYS A 68 -2.47 2.94 -14.97
C LYS A 68 -2.55 1.87 -13.92
N ASP A 69 -1.71 0.85 -14.08
CA ASP A 69 -1.72 -0.32 -13.21
C ASP A 69 -1.55 0.04 -11.75
N VAL A 70 -0.62 0.94 -11.46
CA VAL A 70 -0.39 1.39 -10.08
C VAL A 70 -1.68 1.98 -9.53
N MET A 71 -2.35 2.79 -10.32
CA MET A 71 -3.59 3.44 -9.89
C MET A 71 -4.65 2.39 -9.66
N GLU A 72 -4.76 1.42 -10.55
CA GLU A 72 -5.75 0.36 -10.40
C GLU A 72 -5.51 -0.49 -9.16
N LYS A 73 -4.29 -0.96 -8.94
CA LYS A 73 -4.06 -1.82 -7.78
C LYS A 73 -4.13 -1.02 -6.50
N ALA A 74 -3.62 0.20 -6.51
CA ALA A 74 -3.66 1.05 -5.32
C ALA A 74 -5.10 1.24 -4.91
N ALA A 75 -5.92 1.42 -5.91
CA ALA A 75 -7.35 1.60 -5.72
C ALA A 75 -8.04 0.41 -5.11
N GLU A 76 -7.80 -0.77 -5.66
CA GLU A 76 -8.43 -1.98 -5.15
C GLU A 76 -8.01 -2.13 -3.69
N VAL A 77 -6.74 -1.89 -3.42
CA VAL A 77 -6.19 -2.05 -2.08
C VAL A 77 -6.77 -1.03 -1.14
N TYR A 78 -6.68 0.24 -1.51
CA TYR A 78 -7.15 1.33 -0.67
C TYR A 78 -8.59 1.10 -0.25
N THR A 79 -9.42 0.69 -1.19
CA THR A 79 -10.83 0.41 -0.97
C THR A 79 -11.04 -0.75 0.00
N ARG A 80 -10.19 -1.77 -0.10
CA ARG A 80 -10.27 -2.89 0.83
C ARG A 80 -9.95 -2.44 2.25
N LEU A 81 -9.13 -1.40 2.40
CA LEU A 81 -8.76 -0.96 3.74
C LEU A 81 -9.95 -0.25 4.34
N LYS A 82 -10.67 0.46 3.48
CA LYS A 82 -11.89 1.16 3.88
C LYS A 82 -12.87 0.16 4.48
N SER A 83 -12.93 -1.02 3.88
CA SER A 83 -13.82 -2.09 4.36
C SER A 83 -13.33 -2.74 5.66
N ARG A 84 -12.06 -2.57 6.01
CA ARG A 84 -11.49 -3.16 7.23
C ARG A 84 -11.43 -2.16 8.39
N GLY A 85 -11.65 -0.89 8.11
CA GLY A 85 -11.55 0.13 9.14
C GLY A 85 -12.25 1.42 8.78
N SER A 86 -11.53 2.30 8.10
CA SER A 86 -12.04 3.61 7.69
C SER A 86 -11.08 4.08 6.61
N ALA A 1 4.21 -12.17 17.00
CA ALA A 1 4.10 -13.66 17.00
C ALA A 1 5.38 -14.25 16.43
N ALA A 2 5.40 -15.54 16.10
CA ALA A 2 6.59 -16.13 15.47
C ALA A 2 6.73 -15.50 14.08
N SER A 3 5.59 -15.27 13.44
CA SER A 3 5.55 -14.59 12.15
C SER A 3 5.37 -13.10 12.45
N PRO A 4 5.91 -12.22 11.58
CA PRO A 4 5.73 -10.79 11.84
C PRO A 4 4.28 -10.32 11.69
N SER A 5 3.92 -9.33 12.49
CA SER A 5 2.58 -8.76 12.49
C SER A 5 2.33 -7.91 11.26
N VAL A 6 1.08 -7.53 11.01
CA VAL A 6 0.74 -6.69 9.85
C VAL A 6 1.54 -5.41 9.83
N GLU A 7 1.63 -4.77 10.98
CA GLU A 7 2.35 -3.51 11.11
C GLU A 7 3.85 -3.66 10.81
N GLU A 8 4.40 -4.83 11.10
CA GLU A 8 5.81 -5.09 10.84
C GLU A 8 5.99 -5.26 9.35
N LYS A 9 5.07 -5.99 8.75
CA LYS A 9 5.14 -6.29 7.32
C LYS A 9 4.88 -5.05 6.50
N LEU A 10 4.03 -4.18 7.05
CA LEU A 10 3.68 -2.92 6.43
C LEU A 10 4.95 -2.14 6.14
N GLN A 11 5.91 -2.15 7.05
CA GLN A 11 7.13 -1.38 6.85
C GLN A 11 7.77 -1.74 5.49
N LYS A 12 7.78 -3.02 5.14
CA LYS A 12 8.32 -3.43 3.84
C LYS A 12 7.45 -2.96 2.69
N LEU A 13 6.15 -3.27 2.73
CA LEU A 13 5.25 -2.89 1.67
C LEU A 13 5.19 -1.40 1.44
N HIS A 14 5.06 -0.62 2.51
CA HIS A 14 4.99 0.82 2.36
C HIS A 14 6.27 1.30 1.71
N SER A 15 7.42 0.78 2.15
CA SER A 15 8.70 1.20 1.56
C SER A 15 8.75 0.89 0.07
N GLU A 16 8.21 -0.24 -0.35
CA GLU A 16 8.18 -0.55 -1.78
C GLU A 16 7.31 0.41 -2.52
N ILE A 17 6.20 0.85 -1.93
CA ILE A 17 5.35 1.80 -2.61
C ILE A 17 6.20 3.05 -2.84
N LYS A 18 6.96 3.45 -1.82
CA LYS A 18 7.82 4.64 -1.93
C LYS A 18 8.89 4.48 -3.01
N PHE A 19 9.55 3.34 -3.03
CA PHE A 19 10.61 3.09 -4.00
C PHE A 19 10.07 3.02 -5.41
N ALA A 20 8.87 2.51 -5.56
CA ALA A 20 8.20 2.38 -6.85
C ALA A 20 7.91 3.74 -7.49
N LEU A 21 7.91 4.79 -6.70
CA LEU A 21 7.58 6.13 -7.18
C LEU A 21 8.80 7.03 -7.26
N LYS A 22 9.99 6.46 -7.14
CA LYS A 22 11.23 7.22 -7.27
C LYS A 22 11.21 7.90 -8.61
N VAL A 23 11.52 9.18 -8.58
CA VAL A 23 11.54 9.98 -9.78
C VAL A 23 12.73 9.64 -10.63
N ASP A 24 13.70 9.05 -9.96
CA ASP A 24 14.94 8.65 -10.56
C ASP A 24 14.78 7.34 -11.33
N SER A 25 13.87 6.50 -10.85
CA SER A 25 13.62 5.19 -11.45
C SER A 25 12.31 4.59 -10.91
N PRO A 26 11.17 4.93 -11.54
CA PRO A 26 9.93 4.33 -11.03
C PRO A 26 9.80 2.85 -11.40
N ASP A 27 9.13 2.09 -10.55
CA ASP A 27 8.98 0.64 -10.74
C ASP A 27 7.55 0.21 -10.43
N VAL A 28 6.71 0.16 -11.44
CA VAL A 28 5.30 -0.18 -11.24
C VAL A 28 5.08 -1.53 -10.61
N LYS A 29 5.76 -2.56 -11.09
CA LYS A 29 5.57 -3.93 -10.59
C LYS A 29 5.85 -3.98 -9.11
N ARG A 30 6.77 -3.13 -8.70
CA ARG A 30 7.17 -3.10 -7.29
C ARG A 30 6.04 -2.56 -6.46
N CYS A 31 5.40 -1.51 -6.95
CA CYS A 31 4.24 -0.96 -6.28
C CYS A 31 3.15 -2.02 -6.26
N LEU A 32 2.86 -2.63 -7.41
CA LEU A 32 1.77 -3.62 -7.50
C LEU A 32 1.95 -4.77 -6.53
N ASN A 33 3.18 -5.27 -6.42
CA ASN A 33 3.48 -6.37 -5.50
C ASN A 33 3.29 -5.95 -4.05
N ALA A 34 3.67 -4.73 -3.73
CA ALA A 34 3.49 -4.23 -2.38
C ALA A 34 2.00 -4.08 -2.09
N LEU A 35 1.31 -3.46 -3.04
CA LEU A 35 -0.11 -3.26 -2.96
C LEU A 35 -0.85 -4.57 -2.76
N GLU A 36 -0.52 -5.61 -3.52
CA GLU A 36 -1.27 -6.86 -3.40
C GLU A 36 -1.13 -7.53 -2.04
N GLU A 37 0.04 -7.45 -1.39
CA GLU A 37 0.16 -8.01 -0.04
C GLU A 37 -0.64 -7.13 0.91
N LEU A 38 -0.51 -5.82 0.74
CA LEU A 38 -1.23 -4.86 1.58
C LEU A 38 -2.75 -5.10 1.51
N GLY A 39 -3.22 -5.51 0.34
CA GLY A 39 -4.63 -5.77 0.14
C GLY A 39 -5.17 -6.97 0.91
N THR A 40 -4.29 -7.87 1.35
CA THR A 40 -4.72 -9.06 2.09
C THR A 40 -4.33 -8.95 3.56
N LEU A 41 -3.48 -7.99 3.88
CA LEU A 41 -3.05 -7.79 5.26
C LEU A 41 -4.22 -7.27 6.10
N GLN A 42 -4.26 -7.67 7.37
CA GLN A 42 -5.33 -7.19 8.25
C GLN A 42 -4.98 -5.79 8.75
N VAL A 43 -5.24 -4.82 7.92
CA VAL A 43 -4.97 -3.43 8.24
C VAL A 43 -6.25 -2.83 8.82
N THR A 44 -6.82 -3.56 9.75
CA THR A 44 -8.07 -3.19 10.39
C THR A 44 -7.81 -1.94 11.22
N SER A 45 -8.86 -1.34 11.79
CA SER A 45 -8.74 -0.05 12.48
C SER A 45 -7.58 0.01 13.47
N GLN A 46 -7.28 -1.10 14.14
CA GLN A 46 -6.16 -1.17 15.07
C GLN A 46 -4.82 -0.77 14.41
N ILE A 47 -4.58 -1.27 13.21
CA ILE A 47 -3.34 -0.97 12.48
C ILE A 47 -3.53 0.31 11.68
N LEU A 48 -4.69 0.48 11.11
CA LEU A 48 -4.96 1.64 10.27
C LEU A 48 -4.80 2.95 11.01
N GLN A 49 -5.19 2.99 12.26
CA GLN A 49 -5.10 4.21 13.06
C GLN A 49 -3.64 4.59 13.30
N LYS A 50 -2.77 3.60 13.44
CA LYS A 50 -1.35 3.87 13.67
C LYS A 50 -0.58 3.98 12.34
N ASN A 51 -1.27 3.76 11.23
CA ASN A 51 -0.66 3.85 9.90
C ASN A 51 -1.44 4.77 8.95
N THR A 52 -1.86 5.92 9.46
CA THR A 52 -2.61 6.88 8.65
C THR A 52 -1.78 7.44 7.49
N ASP A 53 -0.46 7.50 7.66
CA ASP A 53 0.42 8.02 6.60
C ASP A 53 0.52 7.07 5.42
N VAL A 54 0.25 5.79 5.67
CA VAL A 54 0.26 4.80 4.61
C VAL A 54 -0.97 5.08 3.77
N VAL A 55 -2.09 5.34 4.44
CA VAL A 55 -3.34 5.66 3.76
C VAL A 55 -3.13 6.97 3.00
N ALA A 56 -2.34 7.87 3.56
CA ALA A 56 -2.03 9.11 2.88
C ALA A 56 -1.27 8.88 1.57
N THR A 57 -0.39 7.89 1.51
CA THR A 57 0.34 7.63 0.27
C THR A 57 -0.57 6.91 -0.69
N LEU A 58 -1.39 6.00 -0.19
CA LEU A 58 -2.33 5.26 -1.04
C LEU A 58 -3.28 6.21 -1.79
N LYS A 59 -3.66 7.31 -1.15
CA LYS A 59 -4.49 8.32 -1.83
C LYS A 59 -3.75 8.94 -3.02
N LYS A 60 -2.42 8.99 -2.96
CA LYS A 60 -1.61 9.58 -4.04
C LYS A 60 -1.50 8.64 -5.23
N ILE A 61 -1.21 7.37 -4.97
CA ILE A 61 -1.01 6.41 -6.06
C ILE A 61 -2.30 5.98 -6.74
N ARG A 62 -3.43 6.08 -6.05
CA ARG A 62 -4.74 5.77 -6.64
C ARG A 62 -5.05 6.65 -7.86
N ARG A 63 -4.37 7.79 -7.95
CA ARG A 63 -4.54 8.72 -9.06
C ARG A 63 -3.23 8.92 -9.83
N TYR A 64 -2.30 7.99 -9.67
CA TYR A 64 -0.98 8.07 -10.29
C TYR A 64 -1.09 8.08 -11.82
N LYS A 65 -0.64 9.16 -12.43
CA LYS A 65 -0.75 9.31 -13.89
C LYS A 65 0.28 8.57 -14.72
N ALA A 66 1.46 8.31 -14.16
CA ALA A 66 2.54 7.69 -14.93
C ALA A 66 2.21 6.25 -15.31
N ASN A 67 1.62 5.51 -14.39
CA ASN A 67 1.29 4.11 -14.63
C ASN A 67 -0.16 3.84 -14.22
N LYS A 68 -0.97 3.46 -15.19
CA LYS A 68 -2.38 3.15 -14.93
C LYS A 68 -2.51 2.01 -13.94
N ASP A 69 -1.69 0.98 -14.09
CA ASP A 69 -1.75 -0.21 -13.23
C ASP A 69 -1.57 0.15 -11.76
N VAL A 70 -0.61 1.04 -11.46
CA VAL A 70 -0.39 1.47 -10.08
C VAL A 70 -1.68 2.07 -9.52
N MET A 71 -2.37 2.88 -10.32
CA MET A 71 -3.63 3.49 -9.90
C MET A 71 -4.68 2.41 -9.68
N GLU A 72 -4.75 1.45 -10.59
CA GLU A 72 -5.74 0.38 -10.50
C GLU A 72 -5.51 -0.47 -9.25
N LYS A 73 -4.28 -0.91 -9.02
CA LYS A 73 -4.02 -1.75 -7.86
C LYS A 73 -4.10 -0.98 -6.56
N ALA A 74 -3.59 0.24 -6.54
CA ALA A 74 -3.64 1.08 -5.34
C ALA A 74 -5.09 1.28 -4.95
N ALA A 75 -5.92 1.45 -5.96
CA ALA A 75 -7.35 1.60 -5.76
C ALA A 75 -8.04 0.39 -5.16
N GLU A 76 -7.79 -0.78 -5.73
CA GLU A 76 -8.39 -2.02 -5.24
C GLU A 76 -7.99 -2.19 -3.78
N VAL A 77 -6.73 -1.90 -3.48
CA VAL A 77 -6.18 -2.03 -2.14
C VAL A 77 -6.73 -1.00 -1.20
N TYR A 78 -6.66 0.27 -1.57
CA TYR A 78 -7.11 1.36 -0.71
C TYR A 78 -8.56 1.13 -0.27
N THR A 79 -9.40 0.74 -1.20
CA THR A 79 -10.80 0.46 -0.93
C THR A 79 -10.96 -0.73 -0.01
N ARG A 80 -10.13 -1.75 -0.17
CA ARG A 80 -10.18 -2.90 0.73
C ARG A 80 -9.89 -2.47 2.16
N LEU A 81 -9.09 -1.43 2.35
CA LEU A 81 -8.73 -1.02 3.71
C LEU A 81 -9.91 -0.30 4.31
N LYS A 82 -10.67 0.36 3.45
CA LYS A 82 -11.87 1.05 3.88
C LYS A 82 -12.86 0.04 4.43
N SER A 83 -12.92 -1.13 3.80
CA SER A 83 -13.79 -2.21 4.25
C SER A 83 -13.27 -2.97 5.47
N ARG A 84 -11.99 -2.79 5.80
CA ARG A 84 -11.38 -3.43 6.98
C ARG A 84 -11.37 -2.49 8.17
N GLY A 85 -11.67 -1.23 7.91
CA GLY A 85 -11.64 -0.21 8.95
C GLY A 85 -13.02 0.19 9.37
N SER A 86 -13.09 1.17 10.26
CA SER A 86 -14.34 1.67 10.86
C SER A 86 -14.87 0.63 11.83
N ALA A 1 9.44 -20.17 11.02
CA ALA A 1 8.94 -19.35 12.17
C ALA A 1 7.56 -18.81 11.84
N ALA A 2 6.89 -18.19 12.82
CA ALA A 2 5.60 -17.57 12.57
C ALA A 2 5.83 -16.31 11.74
N SER A 3 4.83 -15.90 10.98
CA SER A 3 4.93 -14.69 10.18
C SER A 3 4.87 -13.46 11.09
N PRO A 4 5.61 -12.38 10.76
CA PRO A 4 5.51 -11.19 11.60
C PRO A 4 4.15 -10.48 11.46
N SER A 5 3.86 -9.58 12.39
CA SER A 5 2.60 -8.85 12.42
C SER A 5 2.35 -8.00 11.18
N VAL A 6 1.10 -7.66 10.93
CA VAL A 6 0.72 -6.84 9.77
C VAL A 6 1.51 -5.55 9.73
N GLU A 7 1.62 -4.88 10.85
CA GLU A 7 2.31 -3.60 10.93
C GLU A 7 3.79 -3.74 10.62
N GLU A 8 4.37 -4.86 10.99
CA GLU A 8 5.79 -5.10 10.73
C GLU A 8 5.97 -5.29 9.24
N LYS A 9 5.03 -5.99 8.65
CA LYS A 9 5.10 -6.29 7.23
C LYS A 9 4.80 -5.05 6.42
N LEU A 10 3.89 -4.25 6.96
CA LEU A 10 3.48 -3.01 6.35
C LEU A 10 4.68 -2.11 6.17
N GLN A 11 5.63 -2.13 7.10
CA GLN A 11 6.83 -1.31 6.96
C GLN A 11 7.51 -1.60 5.61
N LYS A 12 7.60 -2.87 5.25
CA LYS A 12 8.19 -3.24 3.96
C LYS A 12 7.32 -2.77 2.81
N LEU A 13 6.05 -3.17 2.78
CA LEU A 13 5.17 -2.81 1.69
C LEU A 13 5.05 -1.33 1.48
N HIS A 14 4.89 -0.57 2.56
CA HIS A 14 4.80 0.87 2.47
C HIS A 14 6.05 1.42 1.81
N SER A 15 7.22 0.91 2.20
CA SER A 15 8.48 1.38 1.62
C SER A 15 8.57 1.02 0.14
N GLU A 16 8.08 -0.14 -0.25
CA GLU A 16 8.11 -0.53 -1.66
C GLU A 16 7.27 0.43 -2.47
N ILE A 17 6.14 0.87 -1.92
CA ILE A 17 5.30 1.81 -2.63
C ILE A 17 6.14 3.04 -2.92
N LYS A 18 6.89 3.50 -1.93
CA LYS A 18 7.74 4.69 -2.09
C LYS A 18 8.81 4.50 -3.16
N PHE A 19 9.50 3.36 -3.12
CA PHE A 19 10.58 3.07 -4.07
C PHE A 19 10.05 2.96 -5.49
N ALA A 20 8.83 2.46 -5.62
CA ALA A 20 8.20 2.31 -6.91
C ALA A 20 7.91 3.65 -7.58
N LEU A 21 7.92 4.72 -6.79
CA LEU A 21 7.61 6.06 -7.30
C LEU A 21 8.85 6.93 -7.36
N LYS A 22 10.03 6.33 -7.21
CA LYS A 22 11.28 7.06 -7.33
C LYS A 22 11.28 7.71 -8.68
N VAL A 23 11.52 9.00 -8.68
CA VAL A 23 11.58 9.76 -9.91
C VAL A 23 12.84 9.37 -10.69
N ASP A 24 13.77 8.80 -9.95
CA ASP A 24 15.05 8.30 -10.46
C ASP A 24 14.88 6.91 -11.09
N SER A 25 13.89 6.16 -10.60
CA SER A 25 13.66 4.78 -11.06
C SER A 25 12.24 4.29 -10.74
N PRO A 26 11.23 4.73 -11.49
CA PRO A 26 9.93 4.20 -11.09
C PRO A 26 9.75 2.73 -11.51
N ASP A 27 9.09 1.96 -10.65
CA ASP A 27 8.87 0.53 -10.90
C ASP A 27 7.44 0.17 -10.53
N VAL A 28 6.59 0.11 -11.53
CA VAL A 28 5.20 -0.20 -11.30
C VAL A 28 5.00 -1.55 -10.66
N LYS A 29 5.70 -2.56 -11.14
CA LYS A 29 5.54 -3.92 -10.60
C LYS A 29 5.89 -3.93 -9.14
N ARG A 30 6.81 -3.06 -8.74
CA ARG A 30 7.23 -3.04 -7.34
C ARG A 30 6.10 -2.50 -6.48
N CYS A 31 5.43 -1.47 -6.98
CA CYS A 31 4.27 -0.92 -6.29
C CYS A 31 3.18 -1.99 -6.27
N LEU A 32 2.91 -2.61 -7.41
CA LEU A 32 1.83 -3.61 -7.51
C LEU A 32 2.01 -4.75 -6.53
N ASN A 33 3.24 -5.25 -6.41
CA ASN A 33 3.52 -6.33 -5.46
C ASN A 33 3.29 -5.88 -4.02
N ALA A 34 3.67 -4.66 -3.72
CA ALA A 34 3.47 -4.12 -2.38
C ALA A 34 1.99 -3.99 -2.10
N LEU A 35 1.29 -3.39 -3.05
CA LEU A 35 -0.13 -3.21 -2.96
C LEU A 35 -0.84 -4.54 -2.78
N GLU A 36 -0.52 -5.54 -3.59
CA GLU A 36 -1.26 -6.79 -3.52
C GLU A 36 -1.09 -7.49 -2.17
N GLU A 37 0.06 -7.38 -1.50
CA GLU A 37 0.15 -7.97 -0.18
C GLU A 37 -0.68 -7.11 0.75
N LEU A 38 -0.50 -5.79 0.72
CA LEU A 38 -1.24 -4.89 1.61
C LEU A 38 -2.76 -5.13 1.47
N GLY A 39 -3.17 -5.55 0.28
CA GLY A 39 -4.56 -5.89 0.01
C GLY A 39 -5.10 -7.07 0.79
N THR A 40 -4.23 -7.97 1.24
CA THR A 40 -4.66 -9.13 2.03
C THR A 40 -4.32 -8.93 3.51
N LEU A 41 -3.30 -8.12 3.82
CA LEU A 41 -2.95 -7.81 5.18
C LEU A 41 -4.12 -7.18 5.97
N GLN A 42 -4.26 -7.58 7.23
CA GLN A 42 -5.35 -7.08 8.08
C GLN A 42 -5.05 -5.66 8.55
N VAL A 43 -5.37 -4.71 7.72
CA VAL A 43 -5.17 -3.31 8.07
C VAL A 43 -6.58 -2.78 8.42
N THR A 44 -6.98 -3.31 9.53
CA THR A 44 -8.20 -2.91 10.22
C THR A 44 -7.82 -1.64 10.99
N SER A 45 -8.78 -0.99 11.62
CA SER A 45 -8.56 0.29 12.31
C SER A 45 -7.37 0.29 13.25
N GLN A 46 -7.15 -0.83 13.93
CA GLN A 46 -6.04 -0.95 14.88
C GLN A 46 -4.69 -0.60 14.27
N ILE A 47 -4.43 -1.08 13.06
CA ILE A 47 -3.16 -0.86 12.39
C ILE A 47 -3.27 0.43 11.62
N LEU A 48 -4.42 0.64 11.02
CA LEU A 48 -4.62 1.80 10.19
C LEU A 48 -4.45 3.13 10.90
N GLN A 49 -4.95 3.21 12.13
CA GLN A 49 -4.88 4.46 12.89
C GLN A 49 -3.45 4.79 13.26
N LYS A 50 -2.63 3.77 13.46
CA LYS A 50 -1.20 3.98 13.77
C LYS A 50 -0.38 4.09 12.48
N ASN A 51 -1.01 3.84 11.33
CA ASN A 51 -0.34 3.93 10.03
C ASN A 51 -1.14 4.78 9.03
N THR A 52 -1.60 5.93 9.48
CA THR A 52 -2.40 6.82 8.62
C THR A 52 -1.61 7.35 7.42
N ASP A 53 -0.29 7.43 7.54
CA ASP A 53 0.55 7.90 6.43
C ASP A 53 0.53 6.95 5.26
N VAL A 54 0.33 5.68 5.54
CA VAL A 54 0.25 4.69 4.48
C VAL A 54 -1.05 4.92 3.75
N VAL A 55 -2.12 5.13 4.49
CA VAL A 55 -3.43 5.41 3.90
C VAL A 55 -3.32 6.69 3.08
N ALA A 56 -2.55 7.65 3.58
CA ALA A 56 -2.33 8.90 2.88
C ALA A 56 -1.57 8.66 1.58
N THR A 57 -0.60 7.75 1.57
CA THR A 57 0.19 7.49 0.37
C THR A 57 -0.66 6.75 -0.64
N LEU A 58 -1.48 5.83 -0.19
CA LEU A 58 -2.35 5.07 -1.10
C LEU A 58 -3.27 5.98 -1.90
N LYS A 59 -3.72 7.07 -1.28
CA LYS A 59 -4.54 8.05 -2.00
C LYS A 59 -3.72 8.76 -3.09
N LYS A 60 -2.42 8.89 -2.88
CA LYS A 60 -1.53 9.55 -3.87
C LYS A 60 -1.34 8.70 -5.10
N ILE A 61 -1.15 7.39 -4.90
CA ILE A 61 -0.91 6.50 -6.03
C ILE A 61 -2.19 6.12 -6.78
N ARG A 62 -3.34 6.21 -6.13
CA ARG A 62 -4.61 5.97 -6.78
C ARG A 62 -4.94 6.98 -7.87
N ARG A 63 -4.18 8.06 -7.90
CA ARG A 63 -4.28 9.09 -8.96
C ARG A 63 -2.96 9.24 -9.74
N TYR A 64 -2.11 8.23 -9.64
CA TYR A 64 -0.79 8.25 -10.29
C TYR A 64 -0.90 8.24 -11.82
N LYS A 65 -0.41 9.29 -12.47
CA LYS A 65 -0.51 9.40 -13.93
C LYS A 65 0.55 8.64 -14.73
N ALA A 66 1.72 8.41 -14.15
CA ALA A 66 2.81 7.79 -14.89
C ALA A 66 2.53 6.32 -15.23
N ASN A 67 1.77 5.64 -14.38
CA ASN A 67 1.46 4.24 -14.61
C ASN A 67 0.03 3.95 -14.15
N LYS A 68 -0.81 3.52 -15.08
CA LYS A 68 -2.22 3.22 -14.79
C LYS A 68 -2.36 2.11 -13.77
N ASP A 69 -1.60 1.03 -13.96
CA ASP A 69 -1.72 -0.16 -13.11
C ASP A 69 -1.51 0.17 -11.64
N VAL A 70 -0.58 1.06 -11.36
CA VAL A 70 -0.33 1.49 -9.97
C VAL A 70 -1.61 2.03 -9.34
N MET A 71 -2.34 2.87 -10.08
CA MET A 71 -3.62 3.44 -9.62
C MET A 71 -4.65 2.35 -9.52
N GLU A 72 -4.71 1.42 -10.47
CA GLU A 72 -5.71 0.35 -10.38
C GLU A 72 -5.49 -0.52 -9.16
N LYS A 73 -4.25 -0.96 -8.92
CA LYS A 73 -4.03 -1.82 -7.76
C LYS A 73 -4.12 -1.04 -6.47
N ALA A 74 -3.63 0.19 -6.46
CA ALA A 74 -3.71 1.03 -5.27
C ALA A 74 -5.14 1.21 -4.88
N ALA A 75 -5.96 1.34 -5.89
CA ALA A 75 -7.40 1.50 -5.71
C ALA A 75 -8.07 0.30 -5.13
N GLU A 76 -7.81 -0.87 -5.71
CA GLU A 76 -8.41 -2.10 -5.22
C GLU A 76 -8.01 -2.25 -3.74
N VAL A 77 -6.75 -1.97 -3.45
CA VAL A 77 -6.25 -2.11 -2.10
C VAL A 77 -6.81 -1.07 -1.17
N TYR A 78 -6.69 0.20 -1.51
CA TYR A 78 -7.14 1.29 -0.64
C TYR A 78 -8.59 1.08 -0.23
N THR A 79 -9.42 0.76 -1.20
CA THR A 79 -10.83 0.49 -0.98
C THR A 79 -11.06 -0.69 -0.04
N ARG A 80 -10.24 -1.72 -0.15
CA ARG A 80 -10.33 -2.87 0.75
C ARG A 80 -10.01 -2.48 2.19
N LEU A 81 -9.19 -1.45 2.39
CA LEU A 81 -8.76 -1.12 3.74
C LEU A 81 -9.92 -0.45 4.42
N LYS A 82 -10.64 0.31 3.61
CA LYS A 82 -11.84 0.99 4.02
C LYS A 82 -12.89 0.00 4.50
N SER A 83 -12.92 -1.18 3.89
CA SER A 83 -13.82 -2.23 4.34
C SER A 83 -13.37 -2.77 5.71
N ARG A 84 -12.06 -2.98 5.86
CA ARG A 84 -11.51 -3.53 7.12
C ARG A 84 -11.51 -2.58 8.30
N GLY A 85 -11.43 -1.28 8.06
CA GLY A 85 -11.33 -0.30 9.12
C GLY A 85 -12.46 0.70 9.19
N SER A 86 -13.50 0.49 8.39
CA SER A 86 -14.64 1.42 8.27
C SER A 86 -14.14 2.81 7.86
N ALA A 1 7.95 -21.02 10.33
CA ALA A 1 8.57 -19.74 9.86
C ALA A 1 8.15 -18.61 10.79
N ALA A 2 8.79 -17.45 10.66
CA ALA A 2 8.42 -16.30 11.47
C ALA A 2 7.02 -15.86 11.06
N SER A 3 6.25 -15.34 12.01
CA SER A 3 4.89 -14.86 11.74
C SER A 3 4.73 -13.41 12.22
N PRO A 4 5.36 -12.45 11.53
CA PRO A 4 5.26 -11.06 11.97
C PRO A 4 3.87 -10.43 11.80
N SER A 5 3.59 -9.45 12.64
CA SER A 5 2.31 -8.74 12.64
C SER A 5 2.13 -7.90 11.38
N VAL A 6 0.90 -7.50 11.09
CA VAL A 6 0.60 -6.69 9.92
C VAL A 6 1.44 -5.42 9.87
N GLU A 7 1.57 -4.75 10.99
CA GLU A 7 2.32 -3.50 11.08
C GLU A 7 3.81 -3.72 10.83
N GLU A 8 4.34 -4.87 11.25
CA GLU A 8 5.74 -5.19 11.01
C GLU A 8 5.93 -5.38 9.53
N LYS A 9 4.95 -6.03 8.92
CA LYS A 9 5.00 -6.36 7.50
C LYS A 9 4.76 -5.13 6.65
N LEU A 10 3.96 -4.22 7.18
CA LEU A 10 3.64 -2.97 6.53
C LEU A 10 4.92 -2.24 6.19
N GLN A 11 5.90 -2.29 7.08
CA GLN A 11 7.17 -1.60 6.85
C GLN A 11 7.78 -1.98 5.51
N LYS A 12 7.67 -3.24 5.12
CA LYS A 12 8.16 -3.67 3.80
C LYS A 12 7.30 -3.06 2.70
N LEU A 13 6.00 -3.32 2.73
CA LEU A 13 5.11 -2.88 1.68
C LEU A 13 5.10 -1.37 1.49
N HIS A 14 5.00 -0.65 2.58
CA HIS A 14 4.97 0.80 2.50
C HIS A 14 6.23 1.28 1.83
N SER A 15 7.38 0.71 2.19
CA SER A 15 8.65 1.14 1.60
C SER A 15 8.69 0.87 0.11
N GLU A 16 8.16 -0.26 -0.32
CA GLU A 16 8.14 -0.59 -1.75
C GLU A 16 7.27 0.39 -2.50
N ILE A 17 6.16 0.82 -1.91
CA ILE A 17 5.31 1.78 -2.59
C ILE A 17 6.16 3.03 -2.84
N LYS A 18 6.92 3.44 -1.85
CA LYS A 18 7.78 4.64 -1.99
C LYS A 18 8.83 4.46 -3.08
N PHE A 19 9.48 3.31 -3.08
CA PHE A 19 10.55 3.04 -4.05
C PHE A 19 10.00 2.99 -5.46
N ALA A 20 8.78 2.51 -5.60
CA ALA A 20 8.12 2.43 -6.90
C ALA A 20 7.81 3.80 -7.49
N LEU A 21 7.86 4.82 -6.66
CA LEU A 21 7.55 6.19 -7.07
C LEU A 21 8.77 7.08 -7.07
N LYS A 22 9.95 6.48 -6.97
CA LYS A 22 11.20 7.22 -7.03
C LYS A 22 11.17 7.98 -8.34
N VAL A 23 11.43 9.28 -8.27
CA VAL A 23 11.46 10.11 -9.46
C VAL A 23 12.59 9.61 -10.37
N ASP A 24 13.68 9.26 -9.72
CA ASP A 24 14.89 8.79 -10.39
C ASP A 24 14.74 7.41 -11.01
N SER A 25 13.88 6.59 -10.43
CA SER A 25 13.71 5.23 -10.91
C SER A 25 12.36 4.59 -10.50
N PRO A 26 11.26 4.98 -11.16
CA PRO A 26 9.99 4.36 -10.76
C PRO A 26 9.82 2.91 -11.26
N ASP A 27 9.14 2.09 -10.47
CA ASP A 27 8.88 0.69 -10.82
C ASP A 27 7.45 0.29 -10.48
N VAL A 28 6.59 0.24 -11.48
CA VAL A 28 5.18 -0.11 -11.28
C VAL A 28 5.01 -1.47 -10.63
N LYS A 29 5.73 -2.47 -11.09
CA LYS A 29 5.58 -3.84 -10.59
C LYS A 29 5.87 -3.87 -9.12
N ARG A 30 6.76 -2.99 -8.71
CA ARG A 30 7.20 -2.94 -7.32
C ARG A 30 6.07 -2.40 -6.47
N CYS A 31 5.38 -1.40 -6.98
CA CYS A 31 4.22 -0.88 -6.29
C CYS A 31 3.14 -1.96 -6.26
N LEU A 32 2.85 -2.57 -7.42
CA LEU A 32 1.78 -3.57 -7.51
C LEU A 32 1.98 -4.72 -6.56
N ASN A 33 3.22 -5.20 -6.46
CA ASN A 33 3.52 -6.32 -5.56
C ASN A 33 3.34 -5.92 -4.09
N ALA A 34 3.69 -4.70 -3.76
CA ALA A 34 3.50 -4.21 -2.40
C ALA A 34 2.02 -4.09 -2.10
N LEU A 35 1.31 -3.47 -3.04
CA LEU A 35 -0.10 -3.29 -2.95
C LEU A 35 -0.81 -4.64 -2.79
N GLU A 36 -0.45 -5.65 -3.56
CA GLU A 36 -1.15 -6.94 -3.46
C GLU A 36 -1.06 -7.57 -2.07
N GLU A 37 0.07 -7.44 -1.38
CA GLU A 37 0.17 -8.00 -0.03
C GLU A 37 -0.64 -7.13 0.92
N LEU A 38 -0.52 -5.82 0.77
CA LEU A 38 -1.24 -4.88 1.62
C LEU A 38 -2.75 -5.10 1.53
N GLY A 39 -3.22 -5.49 0.35
CA GLY A 39 -4.64 -5.74 0.14
C GLY A 39 -5.19 -6.92 0.89
N THR A 40 -4.33 -7.82 1.38
CA THR A 40 -4.78 -9.00 2.10
C THR A 40 -4.40 -8.90 3.59
N LEU A 41 -3.50 -7.97 3.91
CA LEU A 41 -3.08 -7.79 5.30
C LEU A 41 -4.25 -7.24 6.12
N GLN A 42 -4.34 -7.63 7.39
CA GLN A 42 -5.42 -7.13 8.25
C GLN A 42 -5.08 -5.73 8.73
N VAL A 43 -5.38 -4.75 7.92
CA VAL A 43 -5.09 -3.37 8.24
C VAL A 43 -6.36 -2.74 8.83
N THR A 44 -6.93 -3.46 9.77
CA THR A 44 -8.15 -3.04 10.45
C THR A 44 -7.80 -1.80 11.27
N SER A 45 -8.78 -1.17 11.90
CA SER A 45 -8.57 0.10 12.59
C SER A 45 -7.37 0.09 13.53
N GLN A 46 -7.11 -1.04 14.18
CA GLN A 46 -5.98 -1.19 15.08
C GLN A 46 -4.65 -0.80 14.39
N ILE A 47 -4.47 -1.24 13.16
CA ILE A 47 -3.26 -0.93 12.39
C ILE A 47 -3.47 0.37 11.63
N LEU A 48 -4.65 0.56 11.08
CA LEU A 48 -4.90 1.73 10.25
C LEU A 48 -4.71 3.04 11.00
N GLN A 49 -5.10 3.05 12.26
CA GLN A 49 -4.98 4.26 13.09
C GLN A 49 -3.53 4.62 13.35
N LYS A 50 -2.67 3.61 13.45
CA LYS A 50 -1.24 3.86 13.67
C LYS A 50 -0.49 4.00 12.34
N ASN A 51 -1.18 3.79 11.24
CA ASN A 51 -0.57 3.88 9.91
C ASN A 51 -1.35 4.79 8.96
N THR A 52 -1.74 5.97 9.44
CA THR A 52 -2.50 6.90 8.63
C THR A 52 -1.68 7.45 7.45
N ASP A 53 -0.35 7.49 7.58
CA ASP A 53 0.53 7.96 6.49
C ASP A 53 0.54 7.01 5.32
N VAL A 54 0.31 5.75 5.61
CA VAL A 54 0.26 4.73 4.59
C VAL A 54 -0.97 5.00 3.75
N VAL A 55 -2.07 5.29 4.43
CA VAL A 55 -3.33 5.61 3.77
C VAL A 55 -3.13 6.90 2.98
N ALA A 56 -2.37 7.82 3.53
CA ALA A 56 -2.08 9.08 2.85
C ALA A 56 -1.31 8.83 1.56
N THR A 57 -0.44 7.82 1.52
CA THR A 57 0.32 7.54 0.31
C THR A 57 -0.55 6.81 -0.69
N LEU A 58 -1.37 5.89 -0.21
CA LEU A 58 -2.28 5.15 -1.07
C LEU A 58 -3.20 6.08 -1.86
N LYS A 59 -3.60 7.18 -1.24
CA LYS A 59 -4.41 8.19 -1.94
C LYS A 59 -3.63 8.83 -3.10
N LYS A 60 -2.31 8.90 -2.99
CA LYS A 60 -1.47 9.49 -4.04
C LYS A 60 -1.35 8.58 -5.26
N ILE A 61 -1.17 7.30 -5.03
CA ILE A 61 -1.01 6.35 -6.14
C ILE A 61 -2.31 5.96 -6.81
N ARG A 62 -3.43 6.11 -6.11
CA ARG A 62 -4.76 5.86 -6.68
C ARG A 62 -5.10 6.83 -7.81
N ARG A 63 -4.29 7.87 -7.95
CA ARG A 63 -4.43 8.83 -9.06
C ARG A 63 -3.14 8.92 -9.90
N TYR A 64 -2.30 7.90 -9.81
CA TYR A 64 -0.99 7.89 -10.48
C TYR A 64 -1.12 7.88 -12.00
N LYS A 65 -0.56 8.90 -12.66
CA LYS A 65 -0.65 9.02 -14.11
C LYS A 65 0.41 8.26 -14.91
N ALA A 66 1.59 8.07 -14.34
CA ALA A 66 2.69 7.44 -15.09
C ALA A 66 2.36 6.01 -15.46
N ASN A 67 1.77 5.27 -14.53
CA ASN A 67 1.43 3.88 -14.75
C ASN A 67 -0.01 3.64 -14.31
N LYS A 68 -0.89 3.36 -15.27
CA LYS A 68 -2.30 3.12 -14.96
C LYS A 68 -2.47 1.91 -14.06
N ASP A 69 -1.64 0.90 -14.20
CA ASP A 69 -1.74 -0.30 -13.37
C ASP A 69 -1.62 0.04 -11.88
N VAL A 70 -0.69 0.92 -11.55
CA VAL A 70 -0.52 1.35 -10.16
C VAL A 70 -1.80 2.00 -9.65
N MET A 71 -2.45 2.80 -10.49
CA MET A 71 -3.71 3.47 -10.14
C MET A 71 -4.75 2.44 -9.75
N GLU A 72 -4.87 1.41 -10.58
CA GLU A 72 -5.83 0.34 -10.37
C GLU A 72 -5.52 -0.46 -9.11
N LYS A 73 -4.27 -0.88 -8.94
CA LYS A 73 -3.98 -1.74 -7.79
C LYS A 73 -4.02 -0.95 -6.49
N ALA A 74 -3.56 0.28 -6.51
CA ALA A 74 -3.60 1.14 -5.34
C ALA A 74 -5.04 1.32 -4.93
N ALA A 75 -5.89 1.44 -5.92
CA ALA A 75 -7.33 1.60 -5.71
C ALA A 75 -7.99 0.38 -5.12
N GLU A 76 -7.73 -0.78 -5.68
CA GLU A 76 -8.33 -2.01 -5.19
C GLU A 76 -7.93 -2.20 -3.73
N VAL A 77 -6.67 -1.91 -3.44
CA VAL A 77 -6.13 -2.05 -2.10
C VAL A 77 -6.67 -1.01 -1.16
N TYR A 78 -6.61 0.25 -1.55
CA TYR A 78 -7.06 1.34 -0.70
C TYR A 78 -8.51 1.11 -0.26
N THR A 79 -9.36 0.71 -1.20
CA THR A 79 -10.76 0.44 -0.93
C THR A 79 -10.92 -0.78 -0.04
N ARG A 80 -10.05 -1.77 -0.21
CA ARG A 80 -10.05 -2.94 0.67
C ARG A 80 -9.80 -2.52 2.10
N LEU A 81 -9.06 -1.44 2.32
CA LEU A 81 -8.70 -1.06 3.68
C LEU A 81 -9.91 -0.43 4.31
N LYS A 82 -10.67 0.27 3.48
CA LYS A 82 -11.91 0.91 3.91
C LYS A 82 -12.90 -0.12 4.43
N SER A 83 -12.85 -1.31 3.87
CA SER A 83 -13.70 -2.40 4.32
C SER A 83 -13.17 -3.08 5.58
N ARG A 84 -11.92 -2.80 5.95
CA ARG A 84 -11.29 -3.40 7.14
C ARG A 84 -11.25 -2.43 8.33
N GLY A 85 -11.15 -1.13 8.07
CA GLY A 85 -11.12 -0.15 9.14
C GLY A 85 -10.85 1.28 8.68
N SER A 86 -11.37 2.22 9.47
CA SER A 86 -11.23 3.68 9.26
C SER A 86 -11.24 4.14 7.80
N ALA A 1 5.36 -21.80 13.40
CA ALA A 1 6.49 -20.89 13.74
C ALA A 1 5.95 -19.50 14.00
N ALA A 2 6.80 -18.60 14.47
CA ALA A 2 6.38 -17.21 14.69
C ALA A 2 6.17 -16.59 13.30
N SER A 3 5.40 -15.52 13.24
CA SER A 3 5.17 -14.80 11.98
C SER A 3 5.02 -13.33 12.32
N PRO A 4 5.53 -12.43 11.45
CA PRO A 4 5.40 -11.00 11.77
C PRO A 4 3.97 -10.46 11.65
N SER A 5 3.68 -9.47 12.47
CA SER A 5 2.37 -8.81 12.49
C SER A 5 2.17 -7.95 11.25
N VAL A 6 0.94 -7.54 10.99
CA VAL A 6 0.62 -6.70 9.82
C VAL A 6 1.47 -5.45 9.78
N GLU A 7 1.62 -4.79 10.91
CA GLU A 7 2.39 -3.55 10.98
C GLU A 7 3.87 -3.77 10.69
N GLU A 8 4.39 -4.92 11.09
CA GLU A 8 5.81 -5.24 10.83
C GLU A 8 5.97 -5.43 9.34
N LYS A 9 4.98 -6.09 8.75
CA LYS A 9 5.02 -6.41 7.32
C LYS A 9 4.78 -5.16 6.51
N LEU A 10 3.97 -4.28 7.07
CA LEU A 10 3.64 -3.01 6.44
C LEU A 10 4.92 -2.25 6.16
N GLN A 11 5.89 -2.30 7.06
CA GLN A 11 7.14 -1.57 6.85
C GLN A 11 7.76 -1.92 5.49
N LYS A 12 7.70 -3.20 5.13
CA LYS A 12 8.20 -3.63 3.82
C LYS A 12 7.32 -3.07 2.71
N LEU A 13 6.02 -3.34 2.73
CA LEU A 13 5.12 -2.92 1.68
C LEU A 13 5.09 -1.43 1.47
N HIS A 14 4.99 -0.68 2.55
CA HIS A 14 4.95 0.76 2.44
C HIS A 14 6.22 1.24 1.79
N SER A 15 7.37 0.70 2.17
CA SER A 15 8.64 1.15 1.60
C SER A 15 8.66 0.89 0.10
N GLU A 16 8.15 -0.26 -0.32
CA GLU A 16 8.11 -0.58 -1.75
C GLU A 16 7.25 0.38 -2.51
N ILE A 17 6.12 0.80 -1.93
CA ILE A 17 5.26 1.73 -2.61
C ILE A 17 6.09 2.99 -2.85
N LYS A 18 6.84 3.42 -1.85
CA LYS A 18 7.64 4.65 -1.98
C LYS A 18 8.75 4.50 -3.02
N PHE A 19 9.42 3.36 -3.04
CA PHE A 19 10.49 3.12 -3.99
C PHE A 19 9.95 3.06 -5.42
N ALA A 20 8.75 2.55 -5.56
CA ALA A 20 8.10 2.45 -6.86
C ALA A 20 7.80 3.82 -7.48
N LEU A 21 7.81 4.85 -6.65
CA LEU A 21 7.52 6.21 -7.09
C LEU A 21 8.74 7.10 -7.14
N LYS A 22 9.92 6.49 -7.01
CA LYS A 22 11.17 7.24 -7.08
C LYS A 22 11.15 8.00 -8.39
N VAL A 23 11.45 9.28 -8.34
CA VAL A 23 11.51 10.10 -9.55
C VAL A 23 12.63 9.58 -10.42
N ASP A 24 13.72 9.23 -9.74
CA ASP A 24 14.93 8.72 -10.35
C ASP A 24 14.76 7.34 -10.97
N SER A 25 13.85 6.55 -10.42
CA SER A 25 13.65 5.19 -10.90
C SER A 25 12.28 4.61 -10.52
N PRO A 26 11.20 5.02 -11.21
CA PRO A 26 9.91 4.43 -10.82
C PRO A 26 9.73 2.99 -11.33
N ASP A 27 9.07 2.16 -10.53
CA ASP A 27 8.80 0.77 -10.89
C ASP A 27 7.38 0.36 -10.53
N VAL A 28 6.52 0.27 -11.54
CA VAL A 28 5.13 -0.08 -11.29
C VAL A 28 4.98 -1.43 -10.63
N LYS A 29 5.68 -2.42 -11.14
CA LYS A 29 5.59 -3.79 -10.61
C LYS A 29 5.91 -3.80 -9.14
N ARG A 30 6.80 -2.90 -8.74
CA ARG A 30 7.24 -2.89 -7.35
C ARG A 30 6.09 -2.40 -6.48
N CYS A 31 5.38 -1.40 -6.98
CA CYS A 31 4.22 -0.90 -6.28
C CYS A 31 3.15 -1.99 -6.26
N LEU A 32 2.85 -2.62 -7.39
CA LEU A 32 1.77 -3.62 -7.48
C LEU A 32 1.98 -4.78 -6.51
N ASN A 33 3.21 -5.27 -6.43
CA ASN A 33 3.54 -6.38 -5.54
C ASN A 33 3.31 -5.98 -4.09
N ALA A 34 3.67 -4.76 -3.75
CA ALA A 34 3.48 -4.26 -2.39
C ALA A 34 2.00 -4.08 -2.09
N LEU A 35 1.30 -3.46 -3.02
CA LEU A 35 -0.10 -3.24 -2.91
C LEU A 35 -0.83 -4.54 -2.68
N GLU A 36 -0.56 -5.56 -3.48
CA GLU A 36 -1.31 -6.80 -3.37
C GLU A 36 -1.15 -7.50 -2.01
N GLU A 37 0.03 -7.45 -1.39
CA GLU A 37 0.17 -8.06 -0.08
C GLU A 37 -0.62 -7.21 0.92
N LEU A 38 -0.49 -5.90 0.79
CA LEU A 38 -1.18 -4.97 1.69
C LEU A 38 -2.69 -5.18 1.61
N GLY A 39 -3.17 -5.50 0.42
CA GLY A 39 -4.59 -5.73 0.20
C GLY A 39 -5.17 -6.91 0.95
N THR A 40 -4.33 -7.82 1.43
CA THR A 40 -4.80 -9.00 2.15
C THR A 40 -4.37 -8.95 3.61
N LEU A 41 -3.53 -7.99 3.96
CA LEU A 41 -3.08 -7.84 5.35
C LEU A 41 -4.25 -7.29 6.18
N GLN A 42 -4.33 -7.66 7.46
CA GLN A 42 -5.40 -7.14 8.34
C GLN A 42 -5.06 -5.73 8.79
N VAL A 43 -5.41 -4.78 7.96
CA VAL A 43 -5.12 -3.38 8.23
C VAL A 43 -6.36 -2.72 8.84
N THR A 44 -6.93 -3.42 9.80
CA THR A 44 -8.15 -2.96 10.47
C THR A 44 -7.79 -1.71 11.25
N SER A 45 -8.76 -1.01 11.82
CA SER A 45 -8.54 0.28 12.47
C SER A 45 -7.37 0.26 13.45
N GLN A 46 -7.14 -0.87 14.11
CA GLN A 46 -6.02 -1.01 15.04
C GLN A 46 -4.69 -0.65 14.37
N ILE A 47 -4.46 -1.16 13.16
CA ILE A 47 -3.23 -0.89 12.42
C ILE A 47 -3.40 0.39 11.64
N LEU A 48 -4.55 0.56 11.03
CA LEU A 48 -4.79 1.70 10.17
C LEU A 48 -4.61 3.04 10.87
N GLN A 49 -5.06 3.11 12.11
CA GLN A 49 -4.98 4.37 12.86
C GLN A 49 -3.54 4.71 13.22
N LYS A 50 -2.70 3.70 13.38
CA LYS A 50 -1.28 3.93 13.68
C LYS A 50 -0.46 4.02 12.38
N ASN A 51 -1.11 3.81 11.24
CA ASN A 51 -0.44 3.87 9.94
C ASN A 51 -1.18 4.78 8.95
N THR A 52 -1.58 5.96 9.41
CA THR A 52 -2.32 6.90 8.56
C THR A 52 -1.48 7.42 7.38
N ASP A 53 -0.17 7.47 7.52
CA ASP A 53 0.71 7.92 6.43
C ASP A 53 0.72 6.94 5.25
N VAL A 54 0.40 5.70 5.55
CA VAL A 54 0.32 4.68 4.51
C VAL A 54 -0.92 5.00 3.69
N VAL A 55 -2.01 5.27 4.39
CA VAL A 55 -3.27 5.62 3.75
C VAL A 55 -3.07 6.90 2.97
N ALA A 56 -2.26 7.81 3.49
CA ALA A 56 -1.93 9.04 2.79
C ALA A 56 -1.32 8.71 1.45
N THR A 57 -0.37 7.78 1.42
CA THR A 57 0.33 7.49 0.19
C THR A 57 -0.58 6.77 -0.78
N LEU A 58 -1.40 5.87 -0.29
CA LEU A 58 -2.34 5.13 -1.14
C LEU A 58 -3.26 6.09 -1.90
N LYS A 59 -3.65 7.19 -1.26
CA LYS A 59 -4.48 8.20 -1.94
C LYS A 59 -3.74 8.89 -3.09
N LYS A 60 -2.42 8.98 -2.99
CA LYS A 60 -1.60 9.62 -4.04
C LYS A 60 -1.50 8.71 -5.24
N ILE A 61 -1.08 7.49 -4.98
CA ILE A 61 -0.93 6.51 -6.07
C ILE A 61 -2.23 6.11 -6.77
N ARG A 62 -3.36 6.23 -6.10
CA ARG A 62 -4.66 5.94 -6.72
C ARG A 62 -4.99 6.88 -7.88
N ARG A 63 -4.29 8.01 -7.97
CA ARG A 63 -4.46 8.97 -9.06
C ARG A 63 -3.15 9.14 -9.85
N TYR A 64 -2.26 8.18 -9.72
CA TYR A 64 -0.96 8.19 -10.39
C TYR A 64 -1.11 8.10 -11.91
N LYS A 65 -0.60 9.09 -12.63
CA LYS A 65 -0.74 9.12 -14.08
C LYS A 65 0.41 8.47 -14.86
N ALA A 66 1.58 8.31 -14.23
CA ALA A 66 2.72 7.74 -14.95
C ALA A 66 2.50 6.25 -15.25
N ASN A 67 1.64 5.59 -14.49
CA ASN A 67 1.28 4.21 -14.78
C ASN A 67 -0.14 3.88 -14.33
N LYS A 68 -0.92 3.31 -15.25
CA LYS A 68 -2.32 2.96 -14.97
C LYS A 68 -2.42 1.91 -13.90
N ASP A 69 -1.66 0.83 -14.04
CA ASP A 69 -1.76 -0.32 -13.14
C ASP A 69 -1.53 0.08 -11.69
N VAL A 70 -0.57 0.98 -11.47
CA VAL A 70 -0.29 1.50 -10.12
C VAL A 70 -1.56 2.08 -9.51
N MET A 71 -2.29 2.86 -10.29
CA MET A 71 -3.54 3.47 -9.83
C MET A 71 -4.60 2.41 -9.62
N GLU A 72 -4.72 1.46 -10.53
CA GLU A 72 -5.74 0.41 -10.38
C GLU A 72 -5.49 -0.46 -9.15
N LYS A 73 -4.26 -0.94 -8.97
CA LYS A 73 -4.00 -1.82 -7.83
C LYS A 73 -4.07 -1.03 -6.54
N ALA A 74 -3.59 0.20 -6.54
CA ALA A 74 -3.65 1.05 -5.35
C ALA A 74 -5.08 1.23 -4.94
N ALA A 75 -5.92 1.40 -5.94
CA ALA A 75 -7.34 1.59 -5.74
C ALA A 75 -8.02 0.36 -5.18
N GLU A 76 -7.75 -0.79 -5.74
CA GLU A 76 -8.35 -2.04 -5.27
C GLU A 76 -7.95 -2.24 -3.80
N VAL A 77 -6.69 -1.97 -3.50
CA VAL A 77 -6.16 -2.14 -2.15
C VAL A 77 -6.71 -1.11 -1.20
N TYR A 78 -6.64 0.15 -1.57
CA TYR A 78 -7.10 1.24 -0.71
C TYR A 78 -8.55 0.99 -0.28
N THR A 79 -9.38 0.62 -1.24
CA THR A 79 -10.79 0.35 -0.98
C THR A 79 -10.98 -0.87 -0.08
N ARG A 80 -10.11 -1.86 -0.23
CA ARG A 80 -10.13 -3.03 0.66
C ARG A 80 -9.86 -2.59 2.09
N LEU A 81 -9.09 -1.51 2.28
CA LEU A 81 -8.72 -1.11 3.64
C LEU A 81 -9.91 -0.43 4.25
N LYS A 82 -10.65 0.26 3.40
CA LYS A 82 -11.87 0.96 3.83
C LYS A 82 -12.90 0.00 4.38
N SER A 83 -12.83 -1.22 3.88
CA SER A 83 -13.71 -2.28 4.34
C SER A 83 -13.26 -2.87 5.68
N ARG A 84 -12.09 -2.47 6.16
CA ARG A 84 -11.53 -2.96 7.44
C ARG A 84 -11.35 -1.84 8.48
N GLY A 85 -11.32 -0.59 8.03
CA GLY A 85 -11.16 0.55 8.91
C GLY A 85 -11.39 1.84 8.13
N SER A 86 -11.74 2.92 8.82
CA SER A 86 -12.06 4.19 8.18
C SER A 86 -10.92 4.75 7.32
#